data_5B48
#
_entry.id   5B48
#
_cell.length_a   75.150
_cell.length_b   145.878
_cell.length_c   170.094
_cell.angle_alpha   90.00
_cell.angle_beta   90.00
_cell.angle_gamma   90.00
#
_symmetry.space_group_name_H-M   'P 21 21 21'
#
loop_
_entity.id
_entity.type
_entity.pdbx_description
1 polymer '2-oxoacid--ferredoxin oxidoreductase alpha subunit'
2 polymer '2-oxoacid--ferredoxin oxidoreductase beta subunit'
3 non-polymer 'IRON/SULFUR CLUSTER'
4 non-polymer '2-[(2E)-3-[(4-azanyl-2-methyl-pyrimidin-5-yl)methyl]-4-methyl-2-(1-oxidanylpropylidene)-1,3-thiazol-5-yl]ethyl phosphono hydrogen phosphate'
5 non-polymer 'MAGNESIUM ION'
6 water water
#
loop_
_entity_poly.entity_id
_entity_poly.type
_entity_poly.pdbx_seq_one_letter_code
_entity_poly.pdbx_strand_id
1 'polypeptide(L)'
;MRLSWVIGGAQGTGIDTAANIFGNAVASAGYYIYGNREYYSNIKGRHSYFSLTISDKRVRSNTQKIDILVSFDAETVFQH
FYDVKDILIYNKAVETTKIDAVQSMEPELAERIKDFLTKQGYETTVKGALEYASKNNVTLIPVNYDEIAKKVADEMKVPL
SVTERVKNIVGITISYKLLGLDVNYLIEAINSTFKQDLYRKMNELAVKDSYDIVESRYNLKPSSKERRRFWLDGNTAVAI
GKIYGGVRFQSYYPITPASDESVYIEAHQDVLMEDPITGDKKKGTIVVVQAEDELAAINMAIGAALTGVRAATATSGPGF
SLMVEGLGWAGMNEVPVVITYYIRGGPSTGLPTRTAQSDLIFPIFAGHGEFPKIVLASGDHAEAFKDAIWALNLAEKYQT
PVIHLVEKTLANSYSTIPYEELELDKLKAERGKIVESGDISYKRFKFTEDGISPRAFLGKATMYYTGDEHNEEGHISEDV
VNRTMMYEKRMKKLEVADKEIPEESRVKIYGDLNSRNLIITWGSPTGVLRDILEESNFDFTLLQIRMFSPFPKNLVSKLM
EGRDKIITVEGNYLAQTSLLVKMYTGKDVTNSILKWNGRPFLRDELEEALIKVIKDGEKRVVLNGGI
;
A,C
2 'polypeptide(L)'
;MAAFTPQWNDWCPGCGNFGILNAEQQAIVELGVDTKNVVVVSGIGCSGKIPHFFRTPISGVHTLHGRAIAFATGIKLSNP
DLVVIVNGGDGDLLGIGAGHFVAAGRRNVDMVVILHDNGVYGLTKGQASPTLKRGEKPKSLPRPNINDAVNPIALAISSG
YTFVARGYAYDVKHLKELIKSAIKHKGLALIDVLQPCPTYNDINTKEWYDKRIYKLDTLPDWDPVVKKPEEVNEKIKRAI
DKSLEWGDRIPIGIFYQNELVPSYEERIKANSPAYLDYTPAKQLIEKEGKLTTIIDPLLKEREVD
;
B,D
#
# COMPACT_ATOMS: atom_id res chain seq x y z
N MET A 1 -5.04 -41.61 -21.63
CA MET A 1 -3.59 -41.59 -22.01
C MET A 1 -3.15 -40.14 -22.06
N ARG A 2 -2.28 -39.72 -21.14
CA ARG A 2 -1.80 -38.33 -21.10
C ARG A 2 -0.36 -38.16 -21.60
N LEU A 3 -0.19 -37.23 -22.53
CA LEU A 3 1.11 -36.95 -23.19
C LEU A 3 1.70 -35.56 -22.87
N SER A 4 2.96 -35.51 -22.42
CA SER A 4 3.67 -34.25 -22.14
C SER A 4 4.48 -33.73 -23.32
N TRP A 5 4.12 -32.55 -23.81
CA TRP A 5 4.84 -31.85 -24.86
C TRP A 5 5.53 -30.57 -24.33
N VAL A 6 6.75 -30.28 -24.75
CA VAL A 6 7.38 -28.98 -24.45
C VAL A 6 8.03 -28.40 -25.68
N ILE A 7 7.71 -27.15 -26.01
CA ILE A 7 8.49 -26.33 -26.96
C ILE A 7 9.16 -25.19 -26.18
N GLY A 8 10.49 -25.08 -26.32
CA GLY A 8 11.32 -24.01 -25.78
C GLY A 8 11.90 -23.11 -26.87
N GLY A 9 12.48 -21.99 -26.44
CA GLY A 9 12.93 -20.94 -27.36
C GLY A 9 13.30 -19.66 -26.63
N ALA A 10 14.03 -18.80 -27.31
CA ALA A 10 14.37 -17.48 -26.77
C ALA A 10 13.15 -16.56 -26.86
N GLN A 11 12.87 -15.81 -25.80
CA GLN A 11 11.78 -14.81 -25.76
C GLN A 11 11.92 -13.83 -26.93
N GLY A 12 10.91 -13.80 -27.79
CA GLY A 12 10.86 -12.87 -28.92
C GLY A 12 11.02 -13.60 -30.23
N THR A 13 11.65 -14.77 -30.20
CA THR A 13 11.85 -15.60 -31.41
C THR A 13 10.64 -16.49 -31.66
N GLY A 14 9.73 -16.06 -32.52
CA GLY A 14 8.58 -16.86 -32.91
C GLY A 14 7.68 -17.31 -31.76
N ILE A 15 7.81 -18.59 -31.36
CA ILE A 15 7.08 -19.20 -30.22
C ILE A 15 5.62 -18.78 -30.19
N ASP A 16 4.96 -18.88 -29.03
CA ASP A 16 3.58 -18.42 -28.82
C ASP A 16 2.71 -18.98 -29.92
N THR A 17 2.95 -18.46 -31.11
CA THR A 17 2.21 -18.84 -32.29
C THR A 17 2.51 -20.28 -32.64
N ALA A 18 3.75 -20.71 -32.46
CA ALA A 18 4.10 -22.10 -32.65
C ALA A 18 3.32 -23.03 -31.67
N ALA A 19 3.22 -22.64 -30.41
CA ALA A 19 2.48 -23.41 -29.40
C ALA A 19 0.98 -23.28 -29.56
N ASN A 20 0.51 -22.10 -29.98
CA ASN A 20 -0.93 -21.85 -30.17
C ASN A 20 -1.41 -22.55 -31.47
N ILE A 21 -0.54 -22.65 -32.47
CA ILE A 21 -0.84 -23.45 -33.68
C ILE A 21 -0.93 -24.95 -33.38
N PHE A 22 0.12 -25.47 -32.76
CA PHE A 22 0.17 -26.90 -32.37
C PHE A 22 -1.00 -27.26 -31.48
N GLY A 23 -1.24 -26.38 -30.50
CA GLY A 23 -2.29 -26.58 -29.53
C GLY A 23 -3.67 -26.52 -30.14
N ASN A 24 -3.88 -25.57 -31.03
CA ASN A 24 -5.17 -25.50 -31.73
C ASN A 24 -5.43 -26.76 -32.55
N ALA A 25 -4.43 -27.25 -33.27
CA ALA A 25 -4.60 -28.37 -34.17
C ALA A 25 -4.86 -29.68 -33.42
N VAL A 26 -4.13 -29.90 -32.33
CA VAL A 26 -4.37 -31.09 -31.51
C VAL A 26 -5.77 -31.04 -30.89
N ALA A 27 -6.24 -29.86 -30.53
CA ALA A 27 -7.56 -29.67 -29.92
C ALA A 27 -8.72 -29.81 -30.91
N SER A 28 -8.53 -29.30 -32.12
CA SER A 28 -9.48 -29.47 -33.20
C SER A 28 -9.79 -30.95 -33.54
N ALA A 29 -8.80 -31.84 -33.34
CA ALA A 29 -8.94 -33.28 -33.51
C ALA A 29 -9.58 -33.94 -32.29
N GLY A 30 -10.28 -33.16 -31.48
CA GLY A 30 -11.02 -33.70 -30.35
C GLY A 30 -10.23 -34.10 -29.12
N TYR A 31 -8.93 -33.76 -29.07
CA TYR A 31 -8.13 -34.00 -27.85
C TYR A 31 -8.18 -32.80 -26.89
N TYR A 32 -7.97 -33.08 -25.60
CA TYR A 32 -7.98 -32.06 -24.55
C TYR A 32 -6.58 -31.49 -24.30
N ILE A 33 -6.49 -30.18 -24.07
CA ILE A 33 -5.20 -29.53 -23.79
C ILE A 33 -5.22 -28.72 -22.49
N TYR A 34 -4.12 -28.82 -21.73
CA TYR A 34 -3.77 -27.88 -20.66
C TYR A 34 -2.37 -27.34 -20.94
N GLY A 35 -2.29 -26.06 -21.28
CA GLY A 35 -1.01 -25.44 -21.66
C GLY A 35 -0.57 -24.32 -20.74
N ASN A 36 0.73 -24.24 -20.49
CA ASN A 36 1.31 -23.24 -19.58
C ASN A 36 2.63 -22.66 -20.11
N ARG A 37 2.79 -21.34 -19.95
CA ARG A 37 3.91 -20.58 -20.49
C ARG A 37 4.82 -20.30 -19.28
N GLU A 38 6.12 -20.55 -19.42
CA GLU A 38 7.11 -20.18 -18.42
C GLU A 38 8.14 -19.28 -19.09
N TYR A 39 8.29 -18.06 -18.55
CA TYR A 39 9.07 -16.98 -19.15
C TYR A 39 9.68 -16.07 -18.06
N TYR A 40 10.74 -15.34 -18.43
CA TYR A 40 11.46 -14.42 -17.51
C TYR A 40 10.88 -13.03 -17.50
N SER A 41 11.08 -12.30 -16.40
CA SER A 41 10.80 -10.82 -16.38
C SER A 41 11.76 -10.06 -17.32
N ASN A 42 11.43 -10.17 -18.60
CA ASN A 42 12.31 -9.84 -19.71
C ASN A 42 11.44 -9.69 -20.95
N ILE A 43 11.86 -8.90 -21.91
CA ILE A 43 11.10 -8.77 -23.18
C ILE A 43 11.76 -9.54 -24.35
N LYS A 44 13.09 -9.57 -24.43
CA LYS A 44 13.80 -10.32 -25.49
C LYS A 44 15.06 -10.92 -24.97
N GLY A 45 15.26 -12.19 -25.30
CA GLY A 45 16.54 -12.85 -25.07
C GLY A 45 16.49 -14.01 -24.11
N ARG A 46 15.64 -13.94 -23.09
CA ARG A 46 15.56 -15.03 -22.11
C ARG A 46 14.81 -16.26 -22.67
N HIS A 47 15.04 -17.38 -22.03
CA HIS A 47 14.47 -18.64 -22.46
C HIS A 47 13.06 -18.76 -21.93
N SER A 48 12.09 -18.88 -22.85
CA SER A 48 10.72 -19.29 -22.48
C SER A 48 10.36 -20.68 -23.02
N TYR A 49 9.46 -21.37 -22.32
CA TYR A 49 8.89 -22.62 -22.83
C TYR A 49 7.39 -22.73 -22.54
N PHE A 50 6.68 -23.48 -23.42
CA PHE A 50 5.26 -23.85 -23.25
C PHE A 50 5.11 -25.35 -23.00
N SER A 51 4.64 -25.74 -21.82
CA SER A 51 4.36 -27.13 -21.49
C SER A 51 2.91 -27.38 -21.75
N LEU A 52 2.59 -28.38 -22.59
CA LEU A 52 1.19 -28.85 -22.85
C LEU A 52 1.03 -30.32 -22.46
N THR A 53 -0.13 -30.64 -21.87
CA THR A 53 -0.54 -32.03 -21.65
C THR A 53 -1.56 -32.31 -22.74
N ILE A 54 -1.43 -33.44 -23.41
CA ILE A 54 -2.44 -33.90 -24.37
C ILE A 54 -3.11 -35.12 -23.76
N SER A 55 -4.45 -35.19 -23.87
CA SER A 55 -5.26 -36.27 -23.27
C SER A 55 -6.62 -36.47 -23.96
N ASP A 56 -7.11 -37.69 -23.87
CA ASP A 56 -8.45 -38.06 -24.34
C ASP A 56 -9.52 -37.58 -23.37
N LYS A 57 -9.10 -37.41 -22.11
CA LYS A 57 -9.93 -37.02 -20.99
C LYS A 57 -9.54 -35.59 -20.58
N ARG A 58 -10.52 -34.78 -20.19
CA ARG A 58 -10.28 -33.46 -19.58
C ARG A 58 -9.02 -33.50 -18.71
N VAL A 59 -8.19 -32.47 -18.82
CA VAL A 59 -6.93 -32.44 -18.06
C VAL A 59 -6.69 -31.06 -17.45
N ARG A 60 -6.02 -31.01 -16.31
CA ARG A 60 -5.99 -29.81 -15.46
C ARG A 60 -4.58 -29.37 -14.98
N SER A 61 -3.52 -29.93 -15.55
CA SER A 61 -2.14 -29.77 -15.04
C SER A 61 -1.04 -30.18 -16.03
N ASN A 62 0.20 -29.96 -15.61
CA ASN A 62 1.41 -30.30 -16.41
C ASN A 62 2.34 -31.15 -15.53
N THR A 63 3.38 -31.72 -16.13
CA THR A 63 4.37 -32.56 -15.43
C THR A 63 5.73 -31.97 -15.62
N GLN A 64 6.64 -32.31 -14.71
CA GLN A 64 8.08 -32.05 -14.85
C GLN A 64 8.65 -32.78 -16.05
N LYS A 65 8.29 -34.07 -16.15
CA LYS A 65 8.77 -34.97 -17.20
C LYS A 65 8.14 -34.61 -18.52
N ILE A 66 8.91 -34.76 -19.59
CA ILE A 66 8.49 -34.37 -20.91
C ILE A 66 8.61 -35.60 -21.76
N ASP A 67 7.68 -35.75 -22.69
CA ASP A 67 7.68 -36.88 -23.60
C ASP A 67 8.20 -36.44 -24.96
N ILE A 68 7.90 -35.21 -25.33
CA ILE A 68 8.39 -34.65 -26.57
C ILE A 68 8.95 -33.24 -26.28
N LEU A 69 10.25 -33.06 -26.51
CA LEU A 69 10.92 -31.75 -26.47
C LEU A 69 11.22 -31.27 -27.89
N VAL A 70 10.60 -30.18 -28.32
CA VAL A 70 10.95 -29.53 -29.56
C VAL A 70 11.93 -28.40 -29.21
N SER A 71 13.11 -28.43 -29.84
CA SER A 71 14.15 -27.39 -29.64
C SER A 71 14.78 -26.94 -30.94
N PHE A 72 14.84 -25.61 -31.12
CA PHE A 72 15.44 -24.95 -32.29
C PHE A 72 16.81 -24.33 -32.04
N ASP A 73 17.12 -24.07 -30.77
CA ASP A 73 18.39 -23.46 -30.37
C ASP A 73 19.12 -24.45 -29.52
N ALA A 74 20.13 -23.98 -28.79
CA ALA A 74 20.91 -24.79 -27.93
C ALA A 74 20.60 -24.67 -26.47
N GLU A 75 20.02 -23.53 -26.08
CA GLU A 75 19.69 -23.29 -24.69
C GLU A 75 18.60 -24.24 -24.23
N THR A 76 17.58 -24.40 -25.08
CA THR A 76 16.46 -25.29 -24.79
C THR A 76 16.96 -26.67 -24.38
N VAL A 77 17.87 -27.22 -25.19
CA VAL A 77 18.48 -28.53 -24.91
C VAL A 77 19.04 -28.65 -23.47
N PHE A 78 19.89 -27.72 -23.09
CA PHE A 78 20.50 -27.71 -21.77
C PHE A 78 19.46 -27.54 -20.67
N GLN A 79 18.45 -26.71 -20.95
CA GLN A 79 17.47 -26.29 -19.94
C GLN A 79 16.56 -27.45 -19.49
N HIS A 80 16.39 -28.41 -20.39
CA HIS A 80 15.39 -29.48 -20.29
C HIS A 80 15.89 -30.94 -20.47
N PHE A 81 17.13 -31.13 -20.94
CA PHE A 81 17.57 -32.47 -21.45
C PHE A 81 17.31 -33.56 -20.43
N TYR A 82 17.55 -33.25 -19.17
CA TYR A 82 17.37 -34.11 -18.00
C TYR A 82 15.95 -34.65 -17.78
N ASP A 83 14.95 -33.86 -18.20
CA ASP A 83 13.52 -34.13 -17.97
C ASP A 83 12.84 -34.88 -19.10
N VAL A 84 13.47 -34.93 -20.28
CA VAL A 84 12.88 -35.65 -21.43
C VAL A 84 12.90 -37.18 -21.14
N LYS A 85 11.81 -37.87 -21.49
CA LYS A 85 11.73 -39.34 -21.31
C LYS A 85 11.69 -40.17 -22.59
N ASP A 86 11.16 -39.60 -23.68
CA ASP A 86 10.96 -40.38 -24.90
C ASP A 86 11.70 -39.78 -26.11
N ILE A 87 11.22 -38.64 -26.64
CA ILE A 87 11.78 -38.00 -27.83
C ILE A 87 12.34 -36.60 -27.56
N LEU A 88 13.45 -36.30 -28.24
CA LEU A 88 14.11 -35.00 -28.17
C LEU A 88 14.46 -34.53 -29.59
N ILE A 89 13.62 -33.67 -30.15
CA ILE A 89 13.89 -33.04 -31.44
C ILE A 89 14.87 -31.87 -31.22
N TYR A 90 16.05 -31.92 -31.88
CA TYR A 90 17.06 -30.84 -31.78
C TYR A 90 17.62 -30.37 -33.11
N ASN A 91 18.12 -29.14 -33.12
CA ASN A 91 18.83 -28.58 -34.26
C ASN A 91 20.23 -29.15 -34.32
N LYS A 92 20.53 -29.86 -35.40
CA LYS A 92 21.84 -30.47 -35.60
C LYS A 92 22.92 -29.39 -35.75
N ALA A 93 22.55 -28.26 -36.34
CA ALA A 93 23.46 -27.15 -36.58
C ALA A 93 23.97 -26.43 -35.31
N VAL A 94 23.54 -26.85 -34.12
CA VAL A 94 24.11 -26.36 -32.85
C VAL A 94 24.49 -27.52 -31.91
N GLU A 95 25.01 -28.59 -32.50
CA GLU A 95 25.48 -29.76 -31.75
C GLU A 95 26.83 -29.51 -31.03
N THR A 96 27.62 -28.55 -31.52
CA THR A 96 28.99 -28.28 -30.99
C THR A 96 29.07 -27.33 -29.75
N THR A 97 27.98 -26.63 -29.46
CA THR A 97 27.98 -25.53 -28.50
C THR A 97 28.31 -25.94 -27.06
N LYS A 98 29.21 -25.19 -26.42
CA LYS A 98 29.60 -25.40 -25.01
C LYS A 98 28.62 -24.64 -24.08
N ILE A 99 28.60 -24.98 -22.79
CA ILE A 99 27.77 -24.27 -21.83
C ILE A 99 28.22 -22.81 -21.71
N ASP A 100 29.52 -22.64 -21.49
CA ASP A 100 30.21 -21.33 -21.47
C ASP A 100 29.84 -20.44 -22.66
N ALA A 101 29.56 -21.04 -23.80
CA ALA A 101 29.04 -20.29 -24.94
C ALA A 101 27.70 -19.60 -24.76
N VAL A 102 26.85 -20.09 -23.86
CA VAL A 102 25.45 -19.63 -23.85
C VAL A 102 25.25 -18.44 -22.92
N GLN A 103 25.19 -17.24 -23.51
CA GLN A 103 25.11 -15.97 -22.77
C GLN A 103 23.78 -15.74 -22.00
N SER A 104 22.68 -16.26 -22.52
CA SER A 104 21.32 -16.03 -21.96
C SER A 104 21.07 -16.70 -20.60
N MET A 105 21.70 -17.84 -20.37
CA MET A 105 21.37 -18.72 -19.26
C MET A 105 21.86 -18.12 -17.96
N GLU A 106 21.00 -18.08 -16.96
CA GLU A 106 21.43 -17.55 -15.67
C GLU A 106 22.68 -18.32 -15.25
N PRO A 107 23.76 -17.61 -14.86
CA PRO A 107 25.02 -18.31 -14.53
C PRO A 107 24.87 -19.44 -13.51
N GLU A 108 23.94 -19.28 -12.57
CA GLU A 108 23.66 -20.27 -11.51
C GLU A 108 23.13 -21.57 -12.11
N LEU A 109 22.30 -21.46 -13.15
CA LEU A 109 21.81 -22.62 -13.89
C LEU A 109 22.95 -23.31 -14.64
N ALA A 110 23.75 -22.51 -15.35
CA ALA A 110 24.90 -22.98 -16.15
C ALA A 110 25.87 -23.85 -15.37
N GLU A 111 26.20 -23.45 -14.14
CA GLU A 111 27.05 -24.27 -13.24
C GLU A 111 26.48 -25.66 -12.96
N ARG A 112 25.20 -25.73 -12.57
CA ARG A 112 24.57 -27.02 -12.21
C ARG A 112 24.63 -27.99 -13.38
N ILE A 113 24.25 -27.53 -14.57
CA ILE A 113 24.36 -28.35 -15.76
C ILE A 113 25.82 -28.72 -16.08
N LYS A 114 26.78 -27.82 -15.78
CA LYS A 114 28.22 -28.11 -15.97
C LYS A 114 28.75 -29.26 -15.13
N ASP A 115 28.22 -29.45 -13.93
CA ASP A 115 28.68 -30.52 -13.05
C ASP A 115 27.61 -30.94 -12.04
N PHE A 116 26.59 -31.77 -12.34
CA PHE A 116 26.17 -32.56 -13.57
C PHE A 116 26.90 -32.49 -14.90
N LEU A 117 26.93 -33.60 -15.63
CA LEU A 117 27.70 -33.75 -16.91
C LEU A 117 29.23 -33.98 -16.74
N THR A 118 29.80 -33.54 -15.64
CA THR A 118 31.24 -33.66 -15.37
C THR A 118 31.43 -34.87 -14.46
N LYS A 119 30.71 -34.90 -13.34
CA LYS A 119 30.32 -36.18 -12.77
C LYS A 119 29.47 -36.77 -13.89
N GLN A 120 29.31 -38.08 -13.90
CA GLN A 120 28.46 -38.82 -14.87
C GLN A 120 29.26 -39.66 -15.89
N GLY A 121 30.06 -39.11 -16.80
CA GLY A 121 30.24 -37.70 -17.11
C GLY A 121 30.53 -37.53 -18.62
N TYR A 122 29.85 -36.59 -19.25
CA TYR A 122 29.89 -36.39 -20.69
C TYR A 122 30.54 -35.03 -20.90
N GLU A 123 30.48 -34.50 -22.11
CA GLU A 123 31.44 -33.45 -22.53
C GLU A 123 31.26 -32.01 -21.98
N THR A 124 30.11 -31.72 -21.35
CA THR A 124 29.61 -30.32 -21.09
C THR A 124 29.41 -29.50 -22.38
N THR A 125 28.99 -30.20 -23.43
CA THR A 125 28.55 -29.61 -24.69
C THR A 125 27.09 -29.98 -24.79
N VAL A 126 26.45 -29.51 -25.86
CA VAL A 126 25.16 -30.02 -26.28
C VAL A 126 25.25 -31.53 -26.49
N LYS A 127 26.21 -31.97 -27.31
CA LYS A 127 26.51 -33.40 -27.48
C LYS A 127 26.47 -34.13 -26.15
N GLY A 128 27.16 -33.60 -25.15
CA GLY A 128 27.17 -34.20 -23.81
C GLY A 128 25.79 -34.45 -23.21
N ALA A 129 24.90 -33.47 -23.38
CA ALA A 129 23.51 -33.52 -22.89
C ALA A 129 22.67 -34.50 -23.70
N LEU A 130 22.75 -34.37 -25.02
CA LEU A 130 22.19 -35.33 -25.97
C LEU A 130 22.64 -36.77 -25.73
N GLU A 131 23.90 -36.95 -25.35
CA GLU A 131 24.48 -38.26 -25.12
C GLU A 131 23.99 -38.83 -23.78
N TYR A 132 23.82 -37.97 -22.78
CA TYR A 132 23.13 -38.35 -21.54
C TYR A 132 21.71 -38.82 -21.83
N ALA A 133 21.04 -38.10 -22.71
CA ALA A 133 19.67 -38.40 -23.05
C ALA A 133 19.55 -39.83 -23.55
N SER A 134 20.48 -40.23 -24.41
CA SER A 134 20.48 -41.57 -25.01
C SER A 134 20.63 -42.70 -23.99
N LYS A 135 21.53 -42.56 -23.03
CA LYS A 135 21.69 -43.61 -22.03
C LYS A 135 20.58 -43.64 -20.96
N ASN A 136 19.64 -42.69 -21.03
CA ASN A 136 18.34 -42.78 -20.31
C ASN A 136 17.18 -42.97 -21.30
N ASN A 137 17.41 -43.77 -22.33
CA ASN A 137 16.38 -44.22 -23.27
C ASN A 137 15.64 -43.14 -24.09
N VAL A 138 16.25 -41.99 -24.27
CA VAL A 138 15.61 -40.92 -25.06
C VAL A 138 15.97 -41.10 -26.54
N THR A 139 14.98 -41.14 -27.41
CA THR A 139 15.20 -41.20 -28.85
C THR A 139 15.50 -39.81 -29.40
N LEU A 140 16.78 -39.57 -29.69
CA LEU A 140 17.21 -38.36 -30.40
C LEU A 140 16.63 -38.31 -31.83
N ILE A 141 16.39 -37.11 -32.33
CA ILE A 141 15.97 -36.86 -33.73
C ILE A 141 16.74 -35.61 -34.20
N PRO A 142 17.83 -35.79 -35.00
CA PRO A 142 18.53 -34.62 -35.52
C PRO A 142 17.68 -33.87 -36.55
N VAL A 143 17.82 -32.56 -36.57
CA VAL A 143 17.07 -31.71 -37.49
C VAL A 143 17.97 -30.63 -38.04
N ASN A 144 17.73 -30.31 -39.31
CA ASN A 144 18.51 -29.34 -40.04
C ASN A 144 17.56 -28.23 -40.52
N TYR A 145 17.17 -27.39 -39.56
CA TYR A 145 16.25 -26.27 -39.81
C TYR A 145 16.90 -25.28 -40.75
N ASP A 146 18.24 -25.21 -40.72
CA ASP A 146 19.03 -24.42 -41.66
C ASP A 146 18.83 -24.91 -43.10
N GLU A 147 19.12 -26.19 -43.36
CA GLU A 147 18.94 -26.81 -44.70
C GLU A 147 17.56 -26.55 -45.26
N ILE A 148 16.56 -26.69 -44.41
CA ILE A 148 15.15 -26.48 -44.78
C ILE A 148 14.87 -24.98 -44.98
N ALA A 149 15.41 -24.12 -44.12
CA ALA A 149 15.20 -22.67 -44.22
C ALA A 149 15.58 -22.07 -45.59
N LYS A 150 16.65 -22.59 -46.21
CA LYS A 150 17.08 -22.14 -47.56
C LYS A 150 16.53 -22.98 -48.74
N LYS A 151 16.30 -24.28 -48.52
CA LYS A 151 15.67 -25.16 -49.53
C LYS A 151 14.22 -24.77 -49.85
N VAL A 152 13.57 -24.04 -48.92
CA VAL A 152 12.29 -23.35 -49.17
C VAL A 152 12.59 -21.92 -49.65
N ASN A 168 10.42 -23.12 -36.85
CA ASN A 168 9.19 -23.03 -36.06
C ASN A 168 8.15 -24.05 -36.48
N ILE A 169 7.55 -23.85 -37.65
CA ILE A 169 6.53 -24.73 -38.17
C ILE A 169 7.08 -26.15 -38.30
N VAL A 170 8.28 -26.27 -38.86
CA VAL A 170 8.98 -27.56 -39.01
C VAL A 170 9.10 -28.35 -37.68
N GLY A 171 9.32 -27.64 -36.59
CA GLY A 171 9.42 -28.27 -35.27
C GLY A 171 8.11 -28.87 -34.80
N ILE A 172 7.05 -28.07 -34.88
CA ILE A 172 5.74 -28.55 -34.46
C ILE A 172 5.19 -29.62 -35.42
N THR A 173 5.45 -29.47 -36.72
CA THR A 173 5.03 -30.45 -37.74
C THR A 173 5.64 -31.84 -37.54
N ILE A 174 6.94 -31.91 -37.26
CA ILE A 174 7.59 -33.18 -36.90
C ILE A 174 6.86 -33.84 -35.71
N SER A 175 6.70 -33.08 -34.63
CA SER A 175 6.12 -33.61 -33.39
C SER A 175 4.64 -33.99 -33.56
N TYR A 176 3.95 -33.29 -34.46
CA TYR A 176 2.58 -33.64 -34.86
C TYR A 176 2.53 -35.01 -35.58
N LYS A 177 3.53 -35.27 -36.43
CA LYS A 177 3.61 -36.53 -37.16
C LYS A 177 3.88 -37.67 -36.21
N LEU A 178 4.73 -37.42 -35.22
CA LEU A 178 4.94 -38.34 -34.10
C LEU A 178 3.65 -38.86 -33.42
N LEU A 179 2.59 -38.06 -33.48
CA LEU A 179 1.28 -38.40 -32.88
C LEU A 179 0.49 -39.29 -33.81
N GLY A 180 0.55 -38.98 -35.10
CA GLY A 180 -0.09 -39.75 -36.13
C GLY A 180 -1.46 -39.22 -36.46
N LEU A 181 -1.65 -37.92 -36.29
CA LEU A 181 -2.95 -37.31 -36.54
C LEU A 181 -3.03 -36.80 -37.96
N ASP A 182 -4.25 -36.45 -38.36
CA ASP A 182 -4.54 -35.91 -39.68
C ASP A 182 -3.89 -34.53 -39.88
N VAL A 183 -2.99 -34.44 -40.85
CA VAL A 183 -2.39 -33.15 -41.29
C VAL A 183 -3.30 -32.03 -41.61
N ASN A 184 -4.58 -32.31 -42.00
CA ASN A 184 -5.65 -31.29 -42.36
C ASN A 184 -6.17 -30.36 -41.17
N TYR A 185 -5.72 -30.63 -39.93
CA TYR A 185 -5.98 -29.76 -38.79
C TYR A 185 -4.86 -28.77 -38.58
N LEU A 186 -3.63 -29.25 -38.74
CA LEU A 186 -2.45 -28.40 -38.71
C LEU A 186 -2.54 -27.27 -39.71
N ILE A 187 -2.79 -27.65 -40.96
CA ILE A 187 -3.13 -26.76 -42.06
C ILE A 187 -4.16 -25.70 -41.69
N GLU A 188 -5.43 -26.08 -41.49
CA GLU A 188 -6.45 -25.19 -40.93
C GLU A 188 -5.85 -24.35 -39.80
N ALA A 189 -5.15 -25.01 -38.86
CA ALA A 189 -4.49 -24.33 -37.76
C ALA A 189 -3.44 -23.32 -38.24
N ILE A 190 -2.75 -23.63 -39.33
CA ILE A 190 -1.76 -22.74 -39.96
C ILE A 190 -2.39 -21.73 -40.93
N ASN A 191 -3.52 -22.06 -41.56
CA ASN A 191 -4.20 -21.13 -42.48
C ASN A 191 -4.91 -20.04 -41.69
N SER A 192 -5.73 -20.46 -40.73
CA SER A 192 -6.55 -19.53 -39.93
C SER A 192 -5.72 -19.00 -38.75
N THR A 193 -4.81 -18.09 -39.09
CA THR A 193 -3.78 -17.54 -38.18
C THR A 193 -2.84 -16.59 -38.94
N PHE A 194 -2.37 -17.00 -40.12
CA PHE A 194 -1.47 -16.22 -40.98
C PHE A 194 -2.24 -15.46 -42.07
N ALA A 206 6.89 -26.37 -46.98
CA ALA A 206 7.07 -26.20 -45.54
C ALA A 206 6.66 -27.45 -44.75
N VAL A 207 5.37 -27.78 -44.79
CA VAL A 207 4.86 -29.02 -44.16
C VAL A 207 5.12 -30.23 -45.06
N LYS A 208 5.15 -30.02 -46.38
CA LYS A 208 5.47 -31.08 -47.35
C LYS A 208 6.80 -31.81 -47.07
N ASP A 209 7.82 -31.06 -46.66
CA ASP A 209 9.17 -31.60 -46.43
C ASP A 209 9.27 -32.23 -45.04
N SER A 210 9.06 -31.41 -44.01
CA SER A 210 9.25 -31.80 -42.62
C SER A 210 8.34 -32.95 -42.16
N TYR A 211 7.16 -33.05 -42.78
CA TYR A 211 6.23 -34.15 -42.49
C TYR A 211 6.88 -35.53 -42.60
N ASP A 212 7.68 -35.70 -43.65
CA ASP A 212 8.23 -36.99 -44.01
C ASP A 212 9.73 -37.05 -43.72
N ILE A 213 10.10 -36.89 -42.44
CA ILE A 213 11.45 -37.26 -41.95
C ILE A 213 11.44 -38.32 -40.84
N VAL A 214 10.39 -38.33 -40.03
CA VAL A 214 10.13 -39.40 -39.07
C VAL A 214 8.70 -39.89 -39.33
N GLU A 215 8.37 -41.07 -38.83
CA GLU A 215 7.02 -41.60 -38.89
C GLU A 215 6.40 -41.72 -37.51
N SER A 216 5.09 -41.98 -37.51
CA SER A 216 4.25 -42.12 -36.32
C SER A 216 4.83 -42.98 -35.21
N ARG A 217 4.59 -42.53 -33.97
CA ARG A 217 5.01 -43.25 -32.75
C ARG A 217 3.91 -43.43 -31.68
N TYR A 218 2.71 -42.89 -31.92
CA TYR A 218 1.55 -43.05 -31.00
C TYR A 218 0.28 -43.21 -31.84
N LYS A 225 -15.14 -34.16 -30.82
CA LYS A 225 -16.07 -33.03 -30.76
C LYS A 225 -16.98 -33.08 -29.54
N GLU A 226 -18.00 -33.94 -29.59
CA GLU A 226 -18.98 -34.14 -28.50
C GLU A 226 -19.80 -32.87 -28.17
N ARG A 227 -19.16 -31.86 -27.58
CA ARG A 227 -19.78 -30.55 -27.26
C ARG A 227 -18.82 -29.42 -27.70
N ARG A 228 -19.38 -28.20 -27.84
CA ARG A 228 -18.62 -26.95 -27.80
C ARG A 228 -17.54 -26.96 -26.71
N ARG A 229 -16.38 -26.41 -27.06
CA ARG A 229 -15.30 -26.18 -26.14
C ARG A 229 -14.63 -24.87 -26.49
N PHE A 230 -14.12 -24.23 -25.43
CA PHE A 230 -13.55 -22.91 -25.57
C PHE A 230 -12.15 -22.96 -25.05
N TRP A 231 -11.27 -22.22 -25.74
CA TRP A 231 -9.95 -21.87 -25.22
C TRP A 231 -10.02 -20.68 -24.27
N LEU A 232 -9.58 -20.86 -23.03
CA LEU A 232 -9.52 -19.74 -22.10
C LEU A 232 -8.26 -19.78 -21.30
N ASP A 233 -7.73 -18.60 -21.02
CA ASP A 233 -6.81 -18.38 -19.90
C ASP A 233 -7.57 -17.62 -18.81
N GLY A 234 -7.03 -17.67 -17.59
CA GLY A 234 -7.60 -16.97 -16.43
C GLY A 234 -7.96 -15.50 -16.62
N ASN A 235 -7.12 -14.78 -17.33
CA ASN A 235 -7.38 -13.38 -17.67
C ASN A 235 -8.61 -13.20 -18.50
N THR A 236 -8.72 -14.00 -19.56
CA THR A 236 -9.86 -13.95 -20.46
C THR A 236 -11.14 -14.48 -19.80
N ALA A 237 -11.04 -15.52 -18.98
CA ALA A 237 -12.20 -15.99 -18.23
C ALA A 237 -12.75 -14.91 -17.29
N VAL A 238 -11.86 -14.24 -16.54
CA VAL A 238 -12.27 -13.13 -15.67
C VAL A 238 -12.85 -11.96 -16.50
N ALA A 239 -12.16 -11.57 -17.55
CA ALA A 239 -12.59 -10.43 -18.37
C ALA A 239 -13.98 -10.63 -18.98
N ILE A 240 -14.26 -11.85 -19.40
CA ILE A 240 -15.51 -12.17 -20.04
C ILE A 240 -16.55 -12.24 -18.94
N GLY A 241 -16.16 -12.86 -17.82
CA GLY A 241 -16.99 -12.85 -16.61
C GLY A 241 -17.43 -11.45 -16.19
N LYS A 242 -16.52 -10.50 -16.21
CA LYS A 242 -16.83 -9.12 -15.79
C LYS A 242 -17.72 -8.39 -16.78
N ILE A 243 -17.50 -8.64 -18.08
CA ILE A 243 -18.30 -8.03 -19.13
C ILE A 243 -19.78 -8.53 -19.03
N TYR A 244 -19.92 -9.85 -18.95
CA TYR A 244 -21.21 -10.47 -18.82
C TYR A 244 -21.89 -10.10 -17.49
N GLY A 245 -21.10 -9.97 -16.43
CA GLY A 245 -21.59 -9.62 -15.08
C GLY A 245 -22.10 -8.21 -14.82
N GLY A 246 -21.97 -7.32 -15.80
CA GLY A 246 -22.43 -5.94 -15.67
C GLY A 246 -21.37 -4.90 -15.34
N VAL A 247 -20.09 -5.29 -15.35
CA VAL A 247 -19.06 -4.31 -15.10
C VAL A 247 -19.08 -3.34 -16.27
N ARG A 248 -19.28 -2.07 -15.93
CA ARG A 248 -19.17 -0.98 -16.90
C ARG A 248 -18.14 0.08 -16.61
N PHE A 249 -17.46 0.00 -15.45
CA PHE A 249 -16.29 0.82 -15.13
C PHE A 249 -15.14 -0.05 -14.61
N GLN A 250 -13.99 0.02 -15.27
CA GLN A 250 -12.81 -0.69 -14.85
C GLN A 250 -11.59 0.20 -14.90
N SER A 251 -10.83 0.24 -13.81
CA SER A 251 -9.62 1.04 -13.73
C SER A 251 -8.48 0.14 -13.35
N TYR A 252 -7.32 0.42 -13.88
CA TYR A 252 -6.18 -0.44 -13.65
C TYR A 252 -4.93 0.35 -13.87
N TYR A 253 -3.86 -0.18 -13.30
CA TYR A 253 -2.52 0.24 -13.57
C TYR A 253 -1.82 -0.95 -14.19
N PRO A 254 -1.06 -0.75 -15.27
CA PRO A 254 -0.36 -1.88 -15.88
C PRO A 254 0.51 -2.67 -14.88
N ILE A 255 0.25 -3.96 -14.78
CA ILE A 255 1.02 -4.89 -13.96
C ILE A 255 0.81 -6.28 -14.61
N THR A 256 1.89 -7.06 -14.67
CA THR A 256 2.07 -8.05 -15.74
C THR A 256 0.90 -9.03 -15.91
N PRO A 257 0.45 -9.65 -14.77
CA PRO A 257 -0.59 -10.67 -14.97
C PRO A 257 -1.96 -10.08 -15.33
N ALA A 258 -2.19 -8.78 -15.10
CA ALA A 258 -3.56 -8.14 -15.14
C ALA A 258 -3.81 -6.99 -16.07
N SER A 259 -2.78 -6.51 -16.74
CA SER A 259 -2.99 -5.58 -17.83
C SER A 259 -3.60 -6.29 -19.02
N ASP A 260 -3.43 -7.60 -19.15
CA ASP A 260 -4.10 -8.40 -20.22
C ASP A 260 -5.66 -8.55 -20.04
N GLU A 261 -6.13 -8.61 -18.80
CA GLU A 261 -7.54 -8.62 -18.49
C GLU A 261 -8.21 -7.32 -18.98
N SER A 262 -7.76 -6.17 -18.50
CA SER A 262 -8.09 -4.88 -19.09
C SER A 262 -7.31 -4.96 -20.40
N VAL A 263 -7.60 -4.17 -21.42
CA VAL A 263 -7.01 -4.41 -22.77
C VAL A 263 -7.93 -5.38 -23.49
N TYR A 264 -8.07 -6.60 -22.96
CA TYR A 264 -9.12 -7.42 -23.48
C TYR A 264 -10.47 -6.74 -23.26
N ILE A 265 -10.75 -6.28 -22.05
CA ILE A 265 -12.04 -5.61 -21.79
C ILE A 265 -12.20 -4.34 -22.62
N GLU A 266 -11.13 -3.54 -22.72
CA GLU A 266 -11.09 -2.33 -23.55
C GLU A 266 -11.36 -2.63 -25.04
N ALA A 267 -10.79 -3.73 -25.53
CA ALA A 267 -10.93 -4.14 -26.93
C ALA A 267 -12.38 -4.52 -27.30
N HIS A 268 -13.16 -4.98 -26.33
CA HIS A 268 -14.54 -5.36 -26.49
C HIS A 268 -15.44 -4.48 -25.67
N GLN A 269 -15.04 -3.23 -25.48
CA GLN A 269 -15.78 -2.33 -24.60
C GLN A 269 -17.15 -1.92 -25.13
N ASP A 270 -17.33 -2.00 -26.44
CA ASP A 270 -18.61 -1.70 -27.07
C ASP A 270 -19.42 -2.98 -27.02
N VAL A 271 -20.42 -2.98 -26.15
CA VAL A 271 -21.23 -4.16 -25.84
C VAL A 271 -22.73 -3.99 -26.10
N LEU A 272 -23.38 -5.09 -26.46
CA LEU A 272 -24.82 -5.14 -26.71
C LEU A 272 -25.59 -5.69 -25.52
N MET A 273 -26.73 -5.09 -25.23
CA MET A 273 -27.65 -5.55 -24.19
C MET A 273 -29.11 -5.62 -24.69
N GLU A 274 -29.76 -6.74 -24.33
CA GLU A 274 -31.12 -7.08 -24.74
C GLU A 274 -31.89 -7.67 -23.57
N ASP A 275 -33.12 -7.20 -23.36
CA ASP A 275 -34.05 -7.86 -22.40
C ASP A 275 -35.11 -8.69 -23.13
N PRO A 276 -35.68 -9.73 -22.47
CA PRO A 276 -36.74 -10.53 -23.13
C PRO A 276 -38.09 -9.80 -23.35
N ILE A 277 -38.53 -9.06 -22.34
CA ILE A 277 -39.90 -8.49 -22.33
C ILE A 277 -40.14 -7.37 -23.37
N THR A 278 -39.07 -6.83 -23.98
CA THR A 278 -39.18 -6.00 -25.21
C THR A 278 -38.42 -6.61 -26.43
N GLY A 279 -37.37 -7.39 -26.16
CA GLY A 279 -36.46 -7.86 -27.22
C GLY A 279 -35.44 -6.86 -27.78
N ASP A 280 -35.52 -5.57 -27.39
CA ASP A 280 -34.75 -4.51 -28.05
C ASP A 280 -33.25 -4.56 -27.68
N LYS A 281 -32.40 -4.56 -28.70
CA LYS A 281 -30.95 -4.42 -28.51
C LYS A 281 -30.62 -2.92 -28.27
N LYS A 282 -29.65 -2.67 -27.39
CA LYS A 282 -29.25 -1.30 -26.99
C LYS A 282 -27.76 -1.35 -26.79
N LYS A 283 -27.00 -0.45 -27.39
CA LYS A 283 -25.51 -0.52 -27.31
C LYS A 283 -24.98 0.32 -26.16
N GLY A 284 -24.04 -0.27 -25.42
CA GLY A 284 -23.36 0.36 -24.27
C GLY A 284 -21.85 0.41 -24.38
N THR A 285 -21.25 1.10 -23.42
CA THR A 285 -19.80 1.27 -23.32
C THR A 285 -19.34 0.95 -21.91
N ILE A 286 -18.25 0.18 -21.83
CA ILE A 286 -17.50 -0.07 -20.59
C ILE A 286 -16.39 0.94 -20.62
N VAL A 287 -16.40 1.92 -19.71
CA VAL A 287 -15.21 2.78 -19.63
C VAL A 287 -14.07 1.97 -18.95
N VAL A 288 -12.94 1.85 -19.63
CA VAL A 288 -11.71 1.32 -19.09
C VAL A 288 -10.70 2.46 -18.99
N VAL A 289 -10.21 2.75 -17.79
CA VAL A 289 -9.25 3.83 -17.59
C VAL A 289 -7.89 3.29 -17.14
N GLN A 290 -6.84 3.69 -17.84
CA GLN A 290 -5.49 3.44 -17.37
C GLN A 290 -5.16 4.51 -16.37
N ALA A 291 -5.06 4.16 -15.10
CA ALA A 291 -4.86 5.15 -14.06
C ALA A 291 -3.37 5.50 -13.95
N GLU A 292 -3.05 6.59 -13.26
CA GLU A 292 -1.67 7.02 -12.97
C GLU A 292 -0.89 6.11 -11.96
N ASP A 293 -1.62 5.56 -10.98
CA ASP A 293 -1.06 4.61 -10.00
C ASP A 293 -2.18 3.74 -9.46
N GLU A 294 -1.88 2.79 -8.61
CA GLU A 294 -2.92 1.91 -8.06
C GLU A 294 -3.82 2.57 -7.05
N LEU A 295 -3.33 3.60 -6.35
CA LEU A 295 -4.22 4.37 -5.47
C LEU A 295 -5.37 4.97 -6.28
N ALA A 296 -5.01 5.65 -7.36
CA ALA A 296 -5.95 6.28 -8.26
C ALA A 296 -6.92 5.26 -8.78
N ALA A 297 -6.38 4.12 -9.24
CA ALA A 297 -7.19 3.05 -9.80
C ALA A 297 -8.31 2.59 -8.89
N ILE A 298 -7.98 2.21 -7.66
CA ILE A 298 -9.02 1.84 -6.70
C ILE A 298 -9.95 3.01 -6.37
N ASN A 299 -9.41 4.20 -6.25
CA ASN A 299 -10.23 5.36 -5.92
C ASN A 299 -11.21 5.77 -7.02
N MET A 300 -10.82 5.61 -8.28
CA MET A 300 -11.76 5.86 -9.38
C MET A 300 -12.93 4.87 -9.37
N ALA A 301 -12.60 3.60 -9.17
CA ALA A 301 -13.57 2.53 -9.16
C ALA A 301 -14.58 2.66 -8.00
N ILE A 302 -14.08 3.08 -6.83
CA ILE A 302 -14.93 3.40 -5.69
C ILE A 302 -15.84 4.58 -6.04
N GLY A 303 -15.23 5.66 -6.51
CA GLY A 303 -15.96 6.76 -7.11
C GLY A 303 -17.04 6.33 -8.09
N ALA A 304 -16.67 5.54 -9.10
CA ALA A 304 -17.67 4.97 -10.03
C ALA A 304 -18.82 4.26 -9.31
N ALA A 305 -18.52 3.43 -8.32
CA ALA A 305 -19.54 2.62 -7.67
C ALA A 305 -20.67 3.42 -6.94
N LEU A 306 -20.39 4.63 -6.51
CA LEU A 306 -21.38 5.50 -5.86
C LEU A 306 -22.48 5.92 -6.81
N THR A 307 -22.11 6.00 -8.06
CA THR A 307 -22.98 6.27 -9.17
C THR A 307 -23.97 5.11 -9.49
N GLY A 308 -23.71 3.91 -8.99
CA GLY A 308 -24.57 2.75 -9.22
C GLY A 308 -23.98 1.76 -10.20
N VAL A 309 -22.98 2.19 -10.95
CA VAL A 309 -22.24 1.30 -11.86
C VAL A 309 -21.58 0.14 -11.06
N ARG A 310 -21.47 -1.02 -11.67
CA ARG A 310 -20.64 -2.12 -11.17
C ARG A 310 -19.27 -1.81 -11.63
N ALA A 311 -18.33 -1.89 -10.71
CA ALA A 311 -17.02 -1.38 -10.93
C ALA A 311 -16.02 -2.35 -10.40
N ALA A 312 -14.85 -2.37 -11.04
CA ALA A 312 -13.82 -3.32 -10.68
C ALA A 312 -12.47 -2.83 -11.02
N THR A 313 -11.49 -3.40 -10.33
CA THR A 313 -10.11 -3.14 -10.69
C THR A 313 -9.41 -4.46 -10.75
N ALA A 314 -8.19 -4.45 -11.25
CA ALA A 314 -7.42 -5.68 -11.35
C ALA A 314 -6.01 -5.30 -11.07
N THR A 315 -5.33 -6.11 -10.28
CA THR A 315 -3.97 -5.82 -9.85
C THR A 315 -3.24 -7.09 -9.43
N SER A 316 -1.99 -6.91 -9.01
CA SER A 316 -1.24 -7.95 -8.36
C SER A 316 -0.57 -7.40 -7.09
N GLY A 317 0.24 -8.23 -6.43
CA GLY A 317 0.75 -7.96 -5.04
C GLY A 317 1.22 -6.54 -4.72
N PRO A 318 2.15 -6.01 -5.55
CA PRO A 318 2.61 -4.64 -5.41
C PRO A 318 1.48 -3.62 -5.51
N GLY A 319 0.55 -3.80 -6.42
CA GLY A 319 -0.62 -2.91 -6.53
C GLY A 319 -1.63 -3.09 -5.39
N PHE A 320 -1.89 -4.33 -4.97
CA PHE A 320 -2.82 -4.53 -3.84
C PHE A 320 -2.30 -3.82 -2.60
N SER A 321 -0.99 -3.79 -2.40
CA SER A 321 -0.43 -3.20 -1.18
C SER A 321 -0.70 -1.73 -1.12
N LEU A 322 -0.70 -1.08 -2.29
CA LEU A 322 -1.10 0.32 -2.47
C LEU A 322 -2.62 0.61 -2.34
N MET A 323 -3.47 -0.34 -2.68
CA MET A 323 -4.93 -0.22 -2.57
C MET A 323 -5.57 -0.35 -1.19
N VAL A 324 -4.82 -0.70 -0.17
CA VAL A 324 -5.40 -0.98 1.16
C VAL A 324 -6.15 0.21 1.81
N GLU A 325 -5.60 1.41 1.63
CA GLU A 325 -6.24 2.67 2.12
C GLU A 325 -7.62 2.82 1.50
N GLY A 326 -7.68 2.61 0.18
CA GLY A 326 -8.92 2.64 -0.59
C GLY A 326 -9.93 1.57 -0.18
N LEU A 327 -9.44 0.36 0.07
CA LEU A 327 -10.28 -0.73 0.55
C LEU A 327 -10.95 -0.35 1.88
N GLY A 328 -10.20 0.32 2.76
CA GLY A 328 -10.73 0.81 4.01
C GLY A 328 -11.88 1.79 3.85
N TRP A 329 -11.74 2.73 2.93
CA TRP A 329 -12.81 3.71 2.69
C TRP A 329 -14.04 3.02 2.09
N ALA A 330 -13.81 2.08 1.18
CA ALA A 330 -14.90 1.32 0.62
C ALA A 330 -15.63 0.50 1.69
N GLY A 331 -14.89 -0.10 2.62
CA GLY A 331 -15.48 -0.82 3.75
C GLY A 331 -16.30 0.09 4.67
N MET A 332 -15.72 1.24 5.01
CA MET A 332 -16.32 2.27 5.86
C MET A 332 -17.64 2.84 5.29
N ASN A 333 -17.68 3.12 3.98
CA ASN A 333 -18.85 3.70 3.31
C ASN A 333 -19.68 2.66 2.55
N GLU A 334 -19.44 1.37 2.82
CA GLU A 334 -20.28 0.27 2.35
C GLU A 334 -20.40 0.29 0.84
N VAL A 335 -19.26 0.54 0.21
CA VAL A 335 -19.16 0.60 -1.24
C VAL A 335 -18.86 -0.77 -1.89
N PRO A 336 -19.75 -1.28 -2.77
CA PRO A 336 -19.43 -2.46 -3.60
C PRO A 336 -18.33 -2.18 -4.61
N VAL A 337 -17.33 -3.03 -4.63
CA VAL A 337 -16.27 -2.92 -5.59
C VAL A 337 -15.62 -4.29 -5.60
N VAL A 338 -15.17 -4.76 -6.76
CA VAL A 338 -14.41 -6.02 -6.79
C VAL A 338 -12.99 -5.72 -7.17
N ILE A 339 -12.06 -6.40 -6.52
CA ILE A 339 -10.68 -6.32 -6.88
C ILE A 339 -10.31 -7.69 -7.27
N THR A 340 -9.84 -7.84 -8.50
CA THR A 340 -9.25 -9.08 -8.96
C THR A 340 -7.76 -9.02 -8.63
N TYR A 341 -7.32 -9.92 -7.77
CA TYR A 341 -6.00 -9.96 -7.24
C TYR A 341 -5.29 -11.18 -7.81
N TYR A 342 -4.40 -10.95 -8.76
CA TYR A 342 -3.58 -12.01 -9.25
C TYR A 342 -2.33 -12.18 -8.36
N ILE A 343 -2.08 -13.39 -7.89
CA ILE A 343 -0.97 -13.61 -6.98
C ILE A 343 0.23 -14.07 -7.76
N ARG A 344 1.29 -13.26 -7.74
CA ARG A 344 2.55 -13.56 -8.39
C ARG A 344 3.59 -13.75 -7.31
N GLY A 345 4.82 -14.12 -7.69
CA GLY A 345 5.88 -14.34 -6.67
C GLY A 345 6.24 -13.10 -5.87
N GLY A 346 6.39 -13.20 -4.55
CA GLY A 346 6.75 -12.02 -3.70
C GLY A 346 7.88 -12.31 -2.72
N PRO A 347 8.11 -11.51 -1.69
CA PRO A 347 7.55 -10.20 -1.47
C PRO A 347 8.10 -9.10 -2.42
N SER A 348 7.61 -7.89 -2.24
CA SER A 348 8.03 -6.77 -3.04
C SER A 348 7.86 -7.02 -4.51
N THR A 349 8.75 -6.49 -5.34
CA THR A 349 8.75 -6.79 -6.78
C THR A 349 8.72 -8.30 -7.05
N GLY A 350 9.50 -9.05 -6.26
CA GLY A 350 9.46 -10.50 -6.19
C GLY A 350 9.81 -11.17 -7.50
N LEU A 351 8.93 -12.04 -7.98
CA LEU A 351 9.05 -12.68 -9.28
C LEU A 351 7.86 -12.28 -10.13
N PRO A 352 7.96 -11.16 -10.85
CA PRO A 352 6.87 -10.61 -11.65
C PRO A 352 6.13 -11.58 -12.58
N THR A 353 6.84 -12.57 -13.11
CA THR A 353 6.33 -13.50 -14.12
C THR A 353 5.99 -14.90 -13.56
N ARG A 354 6.12 -15.11 -12.26
CA ARG A 354 6.04 -16.42 -11.68
C ARG A 354 4.92 -16.45 -10.68
N THR A 355 4.50 -17.65 -10.28
CA THR A 355 3.30 -17.79 -9.49
C THR A 355 3.59 -18.01 -8.03
N ALA A 356 2.60 -17.80 -7.18
CA ALA A 356 2.65 -18.20 -5.76
C ALA A 356 1.25 -18.23 -5.18
N GLN A 357 1.17 -18.73 -3.95
CA GLN A 357 -0.05 -18.74 -3.13
C GLN A 357 0.24 -18.13 -1.77
N SER A 358 1.02 -17.07 -1.84
CA SER A 358 1.60 -16.43 -0.69
C SER A 358 0.65 -15.46 0.01
N ASP A 359 -0.35 -15.00 -0.71
CA ASP A 359 -1.15 -13.88 -0.33
C ASP A 359 -2.50 -14.39 0.03
N LEU A 360 -2.66 -14.83 1.28
CA LEU A 360 -3.96 -15.34 1.77
C LEU A 360 -4.39 -14.59 3.01
N ILE A 361 -3.61 -14.70 4.07
CA ILE A 361 -3.96 -13.99 5.31
C ILE A 361 -3.96 -12.48 5.09
N PHE A 362 -3.05 -11.97 4.26
CA PHE A 362 -2.94 -10.53 4.06
C PHE A 362 -4.27 -9.96 3.51
N PRO A 363 -4.80 -10.44 2.35
CA PRO A 363 -6.02 -9.82 1.83
C PRO A 363 -7.21 -9.97 2.71
N ILE A 364 -7.28 -11.08 3.43
CA ILE A 364 -8.36 -11.34 4.40
C ILE A 364 -8.37 -10.30 5.50
N PHE A 365 -7.19 -9.92 6.03
CA PHE A 365 -7.13 -8.93 7.12
C PHE A 365 -6.54 -7.59 6.73
N ALA A 366 -6.50 -7.30 5.44
CA ALA A 366 -5.98 -6.05 4.96
C ALA A 366 -6.85 -4.87 5.43
N GLY A 367 -6.18 -3.85 5.96
CA GLY A 367 -6.77 -2.58 6.30
C GLY A 367 -6.78 -2.40 7.79
N HIS A 368 -6.64 -1.16 8.21
CA HIS A 368 -6.80 -0.82 9.60
C HIS A 368 -8.30 -0.71 9.94
N GLY A 369 -8.63 -1.04 11.20
CA GLY A 369 -9.92 -0.72 11.79
C GLY A 369 -11.12 -1.69 11.77
N GLU A 370 -11.00 -2.86 11.16
CA GLU A 370 -12.13 -3.84 11.09
C GLU A 370 -13.31 -3.41 10.22
N PHE A 371 -13.61 -4.23 9.22
CA PHE A 371 -14.67 -3.99 8.26
C PHE A 371 -14.91 -5.28 7.47
N PRO A 372 -16.15 -5.49 6.99
CA PRO A 372 -16.43 -6.69 6.21
C PRO A 372 -15.73 -6.64 4.85
N LYS A 373 -15.10 -7.75 4.50
CA LYS A 373 -14.51 -8.07 3.19
C LYS A 373 -14.97 -9.50 2.87
N ILE A 374 -15.25 -9.74 1.60
CA ILE A 374 -15.53 -11.08 1.17
C ILE A 374 -14.32 -11.47 0.31
N VAL A 375 -13.86 -12.72 0.50
CA VAL A 375 -12.66 -13.22 -0.16
C VAL A 375 -12.92 -14.59 -0.80
N LEU A 376 -12.66 -14.66 -2.10
CA LEU A 376 -13.05 -15.76 -2.95
C LEU A 376 -11.79 -16.17 -3.74
N ALA A 377 -11.55 -17.45 -3.99
CA ALA A 377 -10.39 -17.92 -4.74
C ALA A 377 -10.74 -19.03 -5.71
N SER A 378 -10.44 -18.80 -6.98
CA SER A 378 -10.68 -19.73 -8.05
C SER A 378 -9.57 -20.75 -8.12
N GLY A 379 -9.93 -21.95 -8.54
CA GLY A 379 -8.99 -23.07 -8.69
C GLY A 379 -8.82 -23.59 -10.10
N ASP A 380 -9.55 -23.02 -11.04
CA ASP A 380 -9.44 -23.37 -12.45
C ASP A 380 -10.07 -22.29 -13.30
N HIS A 381 -9.91 -22.46 -14.60
CA HIS A 381 -10.32 -21.47 -15.58
C HIS A 381 -11.82 -21.16 -15.59
N ALA A 382 -12.65 -22.19 -15.60
CA ALA A 382 -14.12 -22.01 -15.52
C ALA A 382 -14.56 -21.27 -14.24
N GLU A 383 -14.06 -21.72 -13.09
CA GLU A 383 -14.32 -21.04 -11.80
C GLU A 383 -13.88 -19.56 -11.84
N ALA A 384 -12.76 -19.26 -12.51
CA ALA A 384 -12.35 -17.87 -12.73
C ALA A 384 -13.50 -17.06 -13.33
N PHE A 385 -14.09 -17.59 -14.40
CA PHE A 385 -15.25 -16.95 -15.05
C PHE A 385 -16.47 -16.75 -14.12
N LYS A 386 -16.83 -17.82 -13.44
CA LYS A 386 -18.03 -17.84 -12.59
C LYS A 386 -17.89 -17.03 -11.31
N ASP A 387 -16.70 -17.07 -10.70
CA ASP A 387 -16.42 -16.33 -9.44
C ASP A 387 -16.42 -14.82 -9.65
N ALA A 388 -15.92 -14.40 -10.80
CA ALA A 388 -15.97 -13.02 -11.18
C ALA A 388 -17.41 -12.49 -11.14
N ILE A 389 -18.36 -13.31 -11.56
CA ILE A 389 -19.77 -12.94 -11.56
C ILE A 389 -20.30 -13.02 -10.14
N TRP A 390 -20.02 -14.13 -9.48
CA TRP A 390 -20.39 -14.26 -8.09
C TRP A 390 -19.85 -13.10 -7.25
N ALA A 391 -18.60 -12.70 -7.49
CA ALA A 391 -17.97 -11.60 -6.74
C ALA A 391 -18.72 -10.26 -6.91
N LEU A 392 -19.09 -9.97 -8.14
CA LEU A 392 -19.97 -8.84 -8.41
C LEU A 392 -21.29 -8.92 -7.64
N ASN A 393 -21.93 -10.07 -7.68
CA ASN A 393 -23.17 -10.25 -6.89
C ASN A 393 -23.00 -10.08 -5.38
N LEU A 394 -21.90 -10.55 -4.84
CA LEU A 394 -21.67 -10.43 -3.41
C LEU A 394 -21.35 -9.01 -3.06
N ALA A 395 -20.49 -8.36 -3.83
CA ALA A 395 -20.23 -6.93 -3.62
C ALA A 395 -21.55 -6.16 -3.44
N GLU A 396 -22.48 -6.37 -4.35
CA GLU A 396 -23.70 -5.59 -4.42
C GLU A 396 -24.69 -5.99 -3.30
N LYS A 397 -24.74 -7.26 -2.92
CA LYS A 397 -25.63 -7.73 -1.85
C LYS A 397 -25.18 -7.34 -0.47
N TYR A 398 -23.91 -7.48 -0.16
CA TYR A 398 -23.44 -7.10 1.19
C TYR A 398 -22.79 -5.72 1.24
N GLN A 399 -22.85 -5.00 0.12
CA GLN A 399 -22.38 -3.62 0.04
C GLN A 399 -21.01 -3.47 0.68
N THR A 400 -20.03 -4.16 0.10
CA THR A 400 -18.72 -4.26 0.69
C THR A 400 -17.68 -4.67 -0.38
N PRO A 401 -16.38 -4.35 -0.18
CA PRO A 401 -15.42 -4.84 -1.15
C PRO A 401 -15.37 -6.34 -1.18
N VAL A 402 -15.06 -6.87 -2.36
CA VAL A 402 -14.89 -8.27 -2.57
C VAL A 402 -13.52 -8.45 -3.23
N ILE A 403 -12.67 -9.32 -2.68
CA ILE A 403 -11.40 -9.63 -3.29
C ILE A 403 -11.49 -11.01 -3.89
N HIS A 404 -11.10 -11.12 -5.14
CA HIS A 404 -11.11 -12.39 -5.86
C HIS A 404 -9.66 -12.76 -6.15
N LEU A 405 -9.18 -13.79 -5.48
CA LEU A 405 -7.82 -14.26 -5.65
C LEU A 405 -7.75 -15.21 -6.82
N VAL A 406 -6.86 -14.94 -7.76
CA VAL A 406 -6.53 -15.82 -8.87
C VAL A 406 -5.01 -15.92 -8.92
N GLU A 407 -4.44 -17.11 -8.79
CA GLU A 407 -2.99 -17.27 -8.93
C GLU A 407 -2.55 -16.95 -10.31
N LYS A 408 -1.29 -16.54 -10.46
CA LYS A 408 -0.80 -16.16 -11.76
C LYS A 408 -0.66 -17.37 -12.70
N THR A 409 -0.50 -18.60 -12.17
CA THR A 409 -0.60 -19.87 -12.97
C THR A 409 -1.88 -19.96 -13.79
N LEU A 410 -3.02 -19.77 -13.15
CA LEU A 410 -4.29 -19.72 -13.86
C LEU A 410 -4.32 -18.67 -14.97
N ALA A 411 -3.68 -17.55 -14.76
CA ALA A 411 -3.76 -16.46 -15.72
C ALA A 411 -3.02 -16.73 -16.99
N ASN A 412 -1.88 -17.42 -16.88
CA ASN A 412 -1.00 -17.75 -17.99
C ASN A 412 -1.13 -19.19 -18.51
N SER A 413 -1.84 -20.03 -17.75
CA SER A 413 -2.19 -21.34 -18.21
C SER A 413 -3.46 -21.17 -19.04
N TYR A 414 -3.69 -22.09 -19.96
CA TYR A 414 -4.89 -22.07 -20.79
C TYR A 414 -5.36 -23.51 -21.06
N SER A 415 -6.62 -23.67 -21.43
CA SER A 415 -7.16 -25.02 -21.58
C SER A 415 -8.46 -25.05 -22.32
N THR A 416 -8.78 -26.26 -22.81
CA THR A 416 -9.99 -26.54 -23.57
C THR A 416 -11.09 -26.83 -22.59
N ILE A 417 -12.03 -25.90 -22.47
CA ILE A 417 -13.05 -25.97 -21.42
C ILE A 417 -14.40 -26.29 -22.05
N PRO A 418 -15.06 -27.36 -21.61
CA PRO A 418 -16.46 -27.60 -22.01
C PRO A 418 -17.43 -26.64 -21.35
N TYR A 419 -18.61 -26.39 -21.92
CA TYR A 419 -19.77 -25.77 -21.19
C TYR A 419 -19.82 -25.83 -19.61
N GLU A 420 -19.09 -24.90 -18.98
CA GLU A 420 -19.20 -24.57 -17.54
C GLU A 420 -19.18 -23.04 -17.43
N LYS A 426 -27.47 -19.99 -16.93
CA LYS A 426 -27.71 -20.63 -15.62
C LYS A 426 -27.09 -19.86 -14.40
N LEU A 427 -26.91 -18.55 -14.59
CA LEU A 427 -26.07 -17.65 -13.77
C LEU A 427 -26.75 -16.29 -13.83
N LYS A 428 -26.99 -15.68 -12.68
CA LYS A 428 -27.94 -14.58 -12.56
C LYS A 428 -27.29 -13.33 -11.96
N ALA A 429 -28.07 -12.25 -11.86
CA ALA A 429 -27.67 -11.00 -11.22
C ALA A 429 -28.36 -10.83 -9.87
N GLU A 430 -27.61 -10.32 -8.91
CA GLU A 430 -28.08 -10.03 -7.57
C GLU A 430 -27.58 -8.63 -7.29
N ARG A 431 -28.47 -7.68 -7.52
CA ARG A 431 -28.15 -6.28 -7.37
C ARG A 431 -28.36 -5.85 -5.93
N GLY A 432 -28.85 -6.77 -5.08
CA GLY A 432 -29.08 -6.49 -3.68
C GLY A 432 -30.15 -5.42 -3.47
N LYS A 433 -30.04 -4.75 -2.34
CA LYS A 433 -31.11 -3.94 -1.77
C LYS A 433 -31.02 -2.49 -2.24
N ILE A 434 -31.45 -2.24 -3.48
CA ILE A 434 -31.37 -0.93 -4.14
C ILE A 434 -32.73 -0.24 -4.17
N VAL A 435 -32.73 1.08 -4.31
CA VAL A 435 -33.96 1.88 -4.46
C VAL A 435 -33.89 2.83 -5.66
N TYR A 442 -33.94 10.62 2.91
CA TYR A 442 -33.19 9.40 2.64
C TYR A 442 -31.88 9.36 3.45
N LYS A 443 -31.73 8.34 4.28
CA LYS A 443 -30.49 8.11 5.02
C LYS A 443 -29.77 6.88 4.44
N ARG A 444 -28.62 7.13 3.79
CA ARG A 444 -27.82 6.10 3.14
C ARG A 444 -27.39 5.00 4.09
N PHE A 445 -27.18 5.33 5.36
CA PHE A 445 -26.69 4.35 6.35
C PHE A 445 -27.71 4.10 7.46
N LYS A 446 -28.99 4.06 7.09
CA LYS A 446 -30.08 3.73 8.02
C LYS A 446 -29.84 2.38 8.70
N PHE A 447 -30.00 2.32 10.02
CA PHE A 447 -29.89 1.04 10.76
C PHE A 447 -30.96 0.03 10.32
N THR A 448 -30.59 -1.25 10.34
CA THR A 448 -31.51 -2.40 10.10
C THR A 448 -31.01 -3.52 11.03
N GLU A 449 -31.72 -4.65 11.17
CA GLU A 449 -31.12 -5.79 11.90
C GLU A 449 -30.12 -6.65 11.10
N ASP A 450 -30.21 -6.65 9.76
CA ASP A 450 -29.22 -7.40 8.96
C ASP A 450 -27.97 -6.59 8.55
N GLY A 451 -27.92 -5.32 8.96
CA GLY A 451 -26.79 -4.44 8.69
C GLY A 451 -26.72 -3.75 7.33
N ILE A 452 -27.64 -4.09 6.44
CA ILE A 452 -27.59 -3.70 5.04
C ILE A 452 -28.60 -2.56 4.87
N SER A 453 -28.10 -1.35 4.60
CA SER A 453 -28.93 -0.16 4.37
C SER A 453 -29.36 -0.05 2.91
N PRO A 454 -30.64 0.30 2.63
CA PRO A 454 -31.06 0.51 1.23
C PRO A 454 -30.26 1.58 0.50
N ARG A 455 -29.88 1.27 -0.75
CA ARG A 455 -28.84 2.00 -1.45
C ARG A 455 -29.40 2.80 -2.60
N ALA A 456 -29.20 4.12 -2.53
CA ALA A 456 -29.42 5.01 -3.65
C ALA A 456 -28.08 5.46 -4.25
N PHE A 457 -28.15 5.95 -5.48
CA PHE A 457 -26.99 6.31 -6.24
C PHE A 457 -26.90 7.81 -6.36
N LEU A 458 -25.69 8.33 -6.57
CA LEU A 458 -25.46 9.74 -6.88
C LEU A 458 -26.30 10.15 -8.08
N GLY A 459 -26.83 11.36 -8.00
CA GLY A 459 -27.82 11.83 -8.96
C GLY A 459 -29.26 11.56 -8.56
N LYS A 460 -29.51 10.41 -7.90
CA LYS A 460 -30.88 9.89 -7.67
C LYS A 460 -31.32 10.10 -6.23
N ALA A 461 -30.52 10.85 -5.46
CA ALA A 461 -30.77 11.17 -4.06
C ALA A 461 -29.60 12.00 -3.49
N THR A 462 -29.89 12.74 -2.43
CA THR A 462 -28.91 13.57 -1.72
C THR A 462 -28.28 12.69 -0.65
N MET A 463 -26.96 12.60 -0.71
CA MET A 463 -26.18 11.65 0.09
C MET A 463 -24.91 12.30 0.59
N TYR A 464 -24.42 11.74 1.67
CA TYR A 464 -23.19 12.14 2.27
C TYR A 464 -22.35 10.90 2.54
N TYR A 465 -21.10 11.01 2.11
CA TYR A 465 -20.12 9.97 2.28
C TYR A 465 -18.90 10.57 2.94
N THR A 466 -18.31 9.79 3.85
CA THR A 466 -17.10 10.19 4.50
C THR A 466 -16.32 9.00 5.05
N GLY A 467 -14.99 9.14 5.03
CA GLY A 467 -14.08 8.21 5.66
C GLY A 467 -14.13 8.31 7.16
N ASP A 468 -14.56 9.47 7.67
CA ASP A 468 -14.70 9.66 9.13
C ASP A 468 -15.89 8.84 9.60
N GLU A 469 -15.88 8.36 10.84
CA GLU A 469 -17.05 7.67 11.40
C GLU A 469 -18.24 8.60 11.26
N HIS A 470 -19.40 8.03 10.97
CA HIS A 470 -20.55 8.80 10.55
C HIS A 470 -21.88 8.26 11.05
N ASN A 471 -22.87 9.13 11.14
CA ASN A 471 -24.25 8.73 11.49
C ASN A 471 -25.08 8.24 10.27
N GLU A 472 -26.37 7.98 10.48
CA GLU A 472 -27.26 7.42 9.46
C GLU A 472 -27.34 8.29 8.20
N GLU A 473 -27.17 9.61 8.35
CA GLU A 473 -27.16 10.52 7.19
C GLU A 473 -25.81 10.57 6.45
N GLY A 474 -24.78 9.92 6.97
CA GLY A 474 -23.43 10.04 6.43
C GLY A 474 -22.59 11.24 6.89
N HIS A 475 -23.07 12.01 7.85
CA HIS A 475 -22.29 13.10 8.41
C HIS A 475 -21.36 12.56 9.49
N ILE A 476 -20.34 13.34 9.85
CA ILE A 476 -19.32 12.98 10.84
C ILE A 476 -19.93 12.92 12.26
N SER A 477 -19.68 11.84 13.00
CA SER A 477 -20.25 11.71 14.36
C SER A 477 -19.35 10.89 15.32
N GLU A 478 -18.73 11.61 16.25
CA GLU A 478 -17.85 11.01 17.27
C GLU A 478 -18.59 10.52 18.50
N ASP A 479 -19.91 10.73 18.51
CA ASP A 479 -20.83 10.21 19.51
C ASP A 479 -20.62 8.72 19.80
N VAL A 480 -20.62 8.37 21.07
CA VAL A 480 -20.26 7.03 21.52
C VAL A 480 -21.31 5.95 21.16
N VAL A 481 -22.59 6.30 21.24
CA VAL A 481 -23.72 5.38 20.95
C VAL A 481 -23.83 5.14 19.44
N ASN A 482 -23.78 6.21 18.65
CA ASN A 482 -23.67 6.06 17.19
C ASN A 482 -22.44 5.21 16.83
N ARG A 483 -21.31 5.50 17.47
CA ARG A 483 -20.10 4.77 17.17
C ARG A 483 -20.30 3.27 17.39
N THR A 484 -20.66 2.88 18.60
CA THR A 484 -20.86 1.45 18.90
C THR A 484 -21.84 0.81 17.89
N MET A 485 -22.97 1.49 17.60
CA MET A 485 -24.01 0.94 16.71
C MET A 485 -23.59 0.81 15.24
N MET A 486 -22.87 1.80 14.75
CA MET A 486 -22.52 1.90 13.34
C MET A 486 -21.40 0.90 12.99
N TYR A 487 -20.42 0.76 13.88
CA TYR A 487 -19.34 -0.21 13.74
C TYR A 487 -19.88 -1.64 13.79
N GLU A 488 -20.78 -1.90 14.73
CA GLU A 488 -21.59 -3.13 14.78
C GLU A 488 -22.29 -3.46 13.46
N LYS A 489 -22.97 -2.46 12.88
CA LYS A 489 -23.83 -2.65 11.67
C LYS A 489 -23.00 -3.10 10.46
N ARG A 490 -21.84 -2.49 10.26
CA ARG A 490 -20.98 -2.93 9.22
C ARG A 490 -20.59 -4.37 9.51
N MET A 491 -20.16 -4.63 10.72
CA MET A 491 -19.67 -5.95 11.10
C MET A 491 -20.73 -7.04 11.05
N LYS A 492 -22.00 -6.70 11.31
CA LYS A 492 -23.13 -7.66 11.21
C LYS A 492 -23.32 -8.23 9.80
N LYS A 493 -23.05 -7.41 8.78
CA LYS A 493 -23.18 -7.86 7.38
C LYS A 493 -22.52 -9.18 7.08
N LEU A 494 -21.36 -9.36 7.70
CA LEU A 494 -20.58 -10.57 7.50
C LEU A 494 -21.12 -11.78 8.22
N GLU A 495 -21.67 -11.60 9.41
CA GLU A 495 -22.46 -12.64 10.09
C GLU A 495 -23.65 -13.06 9.24
N VAL A 496 -24.30 -12.10 8.58
CA VAL A 496 -25.40 -12.42 7.69
C VAL A 496 -24.93 -13.21 6.45
N ALA A 497 -23.82 -12.78 5.86
CA ALA A 497 -23.24 -13.53 4.78
C ALA A 497 -22.92 -14.95 5.25
N ASP A 498 -22.42 -15.05 6.47
CA ASP A 498 -22.09 -16.35 7.08
C ASP A 498 -23.30 -17.30 7.08
N LYS A 499 -24.51 -16.76 7.29
CA LYS A 499 -25.76 -17.54 7.25
C LYS A 499 -26.36 -17.73 5.84
N GLU A 500 -26.43 -16.65 5.06
CA GLU A 500 -27.15 -16.71 3.77
C GLU A 500 -26.41 -17.48 2.67
N ILE A 501 -25.08 -17.59 2.77
CA ILE A 501 -24.29 -18.34 1.80
C ILE A 501 -24.14 -19.72 2.39
N PRO A 502 -24.69 -20.76 1.75
CA PRO A 502 -24.50 -22.05 2.44
C PRO A 502 -23.03 -22.44 2.50
N GLU A 503 -22.61 -23.12 3.58
CA GLU A 503 -21.22 -23.55 3.71
C GLU A 503 -20.77 -24.48 2.56
N GLU A 504 -21.69 -25.27 2.01
CA GLU A 504 -21.39 -26.21 0.90
C GLU A 504 -21.00 -25.50 -0.44
N SER A 505 -21.44 -24.26 -0.62
CA SER A 505 -21.10 -23.50 -1.82
C SER A 505 -19.73 -22.79 -1.69
N ARG A 506 -19.18 -22.79 -0.48
CA ARG A 506 -17.90 -22.19 -0.15
C ARG A 506 -16.75 -23.16 -0.24
N VAL A 507 -17.05 -24.43 -0.56
CA VAL A 507 -16.03 -25.44 -0.77
C VAL A 507 -16.43 -26.33 -1.95
N LYS A 508 -15.51 -27.19 -2.32
CA LYS A 508 -15.75 -28.30 -3.25
C LYS A 508 -15.07 -29.51 -2.64
N ILE A 509 -15.64 -30.67 -2.95
CA ILE A 509 -15.16 -31.95 -2.43
C ILE A 509 -15.05 -32.94 -3.58
N TYR A 510 -13.94 -33.67 -3.60
CA TYR A 510 -13.64 -34.68 -4.60
C TYR A 510 -13.08 -35.91 -3.90
N GLY A 511 -13.04 -37.06 -4.60
CA GLY A 511 -12.64 -38.38 -4.00
C GLY A 511 -13.60 -38.93 -2.92
N ASP A 512 -13.05 -39.74 -1.99
CA ASP A 512 -13.54 -39.94 -0.55
C ASP A 512 -12.73 -41.09 0.11
N LEU A 513 -12.19 -40.92 1.34
CA LEU A 513 -11.23 -41.89 2.01
C LEU A 513 -10.88 -41.65 3.55
N ASN A 514 -9.81 -42.26 4.08
CA ASN A 514 -9.26 -42.02 5.46
C ASN A 514 -8.07 -40.98 5.50
N SER A 515 -7.60 -40.60 4.30
CA SER A 515 -6.47 -39.70 4.07
C SER A 515 -6.88 -38.68 3.01
N LEU A 518 -7.23 -36.95 4.45
CA LEU A 518 -7.82 -35.78 3.83
C LEU A 518 -6.71 -34.85 3.32
N ILE A 519 -6.97 -34.20 2.21
CA ILE A 519 -6.07 -33.19 1.67
C ILE A 519 -6.84 -31.90 1.53
N ILE A 520 -6.33 -30.83 2.15
CA ILE A 520 -6.91 -29.48 2.09
C ILE A 520 -6.07 -28.54 1.25
N THR A 521 -6.70 -27.83 0.35
CA THR A 521 -5.96 -26.98 -0.59
C THR A 521 -6.89 -25.88 -1.06
N TRP A 522 -6.39 -25.04 -1.94
CA TRP A 522 -7.18 -24.04 -2.61
C TRP A 522 -6.44 -23.69 -3.84
N GLY A 523 -7.14 -23.07 -4.79
CA GLY A 523 -6.52 -22.70 -6.05
C GLY A 523 -5.96 -23.85 -6.92
N SER A 524 -4.93 -23.55 -7.68
CA SER A 524 -4.52 -24.36 -8.83
C SER A 524 -4.04 -25.80 -8.58
N PRO A 525 -3.46 -26.09 -7.40
CA PRO A 525 -3.11 -27.46 -7.13
C PRO A 525 -4.31 -28.39 -7.06
N THR A 526 -5.49 -27.84 -6.81
CA THR A 526 -6.75 -28.59 -6.86
C THR A 526 -6.83 -29.42 -8.14
N GLY A 527 -6.58 -28.75 -9.27
CA GLY A 527 -6.58 -29.38 -10.59
C GLY A 527 -5.57 -30.50 -10.67
N VAL A 528 -4.42 -30.28 -10.03
CA VAL A 528 -3.30 -31.21 -10.10
C VAL A 528 -3.69 -32.45 -9.31
N LEU A 529 -4.34 -32.23 -8.18
CA LEU A 529 -4.74 -33.33 -7.32
C LEU A 529 -5.94 -34.10 -7.85
N ARG A 530 -6.84 -33.46 -8.57
CA ARG A 530 -7.94 -34.17 -9.22
C ARG A 530 -7.43 -35.09 -10.34
N ASP A 531 -6.40 -34.67 -11.05
CA ASP A 531 -5.75 -35.52 -12.07
C ASP A 531 -5.06 -36.73 -11.41
N ILE A 532 -4.51 -36.55 -10.22
CA ILE A 532 -3.90 -37.65 -9.46
C ILE A 532 -4.95 -38.69 -9.00
N LEU A 533 -6.13 -38.22 -8.57
CA LEU A 533 -7.24 -39.12 -8.19
C LEU A 533 -7.72 -40.09 -9.29
N GLU A 534 -7.51 -39.75 -10.56
CA GLU A 534 -7.73 -40.70 -11.68
C GLU A 534 -6.74 -41.90 -11.74
N GLU A 535 -5.65 -41.89 -10.96
CA GLU A 535 -4.72 -43.05 -10.82
C GLU A 535 -4.24 -43.35 -9.38
N SER A 536 -4.93 -44.28 -8.69
CA SER A 536 -4.68 -44.66 -7.25
C SER A 536 -4.77 -43.50 -6.22
N PHE A 540 -7.76 -40.56 -1.45
CA PHE A 540 -7.96 -39.51 -0.44
C PHE A 540 -9.20 -38.61 -0.72
N THR A 541 -9.69 -37.97 0.31
CA THR A 541 -10.69 -36.91 0.13
C THR A 541 -9.95 -35.62 -0.17
N LEU A 542 -10.33 -34.93 -1.24
CA LEU A 542 -9.78 -33.63 -1.62
C LEU A 542 -10.77 -32.48 -1.30
N LEU A 543 -10.43 -31.62 -0.35
CA LEU A 543 -11.23 -30.41 -0.04
C LEU A 543 -10.57 -29.12 -0.56
N GLN A 544 -11.29 -28.39 -1.38
CA GLN A 544 -10.82 -27.16 -1.98
C GLN A 544 -11.61 -26.06 -1.33
N ILE A 545 -10.98 -25.20 -0.51
CA ILE A 545 -11.71 -24.04 0.01
C ILE A 545 -11.84 -23.01 -1.11
N ARG A 546 -13.04 -22.42 -1.23
CA ARG A 546 -13.37 -21.38 -2.26
C ARG A 546 -13.53 -19.98 -1.65
N MET A 547 -14.26 -19.88 -0.55
CA MET A 547 -14.49 -18.61 0.14
C MET A 547 -13.79 -18.68 1.46
N PHE A 548 -12.86 -17.76 1.69
CA PHE A 548 -12.14 -17.67 2.95
C PHE A 548 -12.70 -16.67 3.94
N SER A 549 -13.55 -15.76 3.48
CA SER A 549 -14.26 -14.80 4.33
C SER A 549 -15.64 -14.55 3.68
N PRO A 550 -16.75 -14.94 4.32
CA PRO A 550 -16.78 -15.67 5.58
C PRO A 550 -16.33 -17.12 5.39
N PHE A 551 -15.46 -17.59 6.26
CA PHE A 551 -14.88 -18.92 6.16
C PHE A 551 -15.88 -20.03 6.60
N PRO A 552 -15.97 -21.17 5.86
CA PRO A 552 -16.87 -22.27 6.26
C PRO A 552 -16.39 -23.12 7.45
N LYS A 553 -16.24 -22.49 8.62
CA LYS A 553 -15.84 -23.08 9.91
C LYS A 553 -16.29 -24.54 10.15
N ASN A 554 -17.59 -24.73 10.24
CA ASN A 554 -18.18 -25.96 10.80
C ASN A 554 -18.05 -27.13 9.84
N LEU A 555 -18.18 -26.85 8.56
CA LEU A 555 -18.06 -27.88 7.54
C LEU A 555 -16.63 -28.45 7.47
N VAL A 556 -15.65 -27.59 7.75
CA VAL A 556 -14.24 -27.96 7.78
C VAL A 556 -13.89 -28.75 9.06
N SER A 557 -14.39 -28.32 10.22
CA SER A 557 -14.31 -29.13 11.47
C SER A 557 -14.85 -30.50 11.22
N LYS A 558 -16.08 -30.55 10.72
CA LYS A 558 -16.81 -31.80 10.48
C LYS A 558 -16.00 -32.73 9.58
N LEU A 559 -15.45 -32.17 8.51
CA LEU A 559 -14.82 -32.93 7.44
C LEU A 559 -13.45 -33.45 7.86
N MET A 560 -12.85 -32.87 8.89
CA MET A 560 -11.56 -33.33 9.45
C MET A 560 -11.70 -34.43 10.54
N GLU A 561 -12.91 -34.84 10.90
CA GLU A 561 -13.17 -35.52 12.18
C GLU A 561 -12.70 -36.96 12.31
N GLY A 562 -12.50 -37.68 11.19
CA GLY A 562 -12.19 -39.13 11.29
C GLY A 562 -11.11 -39.63 10.36
N ARG A 563 -9.92 -39.04 10.47
CA ARG A 563 -8.83 -39.36 9.53
C ARG A 563 -7.54 -39.64 10.24
N ASP A 564 -6.67 -40.40 9.57
CA ASP A 564 -5.32 -40.69 10.07
C ASP A 564 -4.34 -39.59 9.66
N LYS A 565 -4.56 -39.06 8.45
CA LYS A 565 -3.63 -38.14 7.78
C LYS A 565 -4.43 -36.93 7.26
N ILE A 566 -4.03 -35.72 7.65
CA ILE A 566 -4.58 -34.47 7.05
C ILE A 566 -3.41 -33.69 6.45
N ILE A 567 -3.44 -33.47 5.15
CA ILE A 567 -2.35 -32.87 4.43
C ILE A 567 -2.78 -31.55 3.76
N THR A 568 -2.14 -30.45 4.13
CA THR A 568 -2.24 -29.19 3.38
C THR A 568 -1.28 -29.21 2.17
N VAL A 569 -1.77 -28.77 1.02
CA VAL A 569 -0.96 -28.67 -0.18
C VAL A 569 -1.14 -27.24 -0.70
N GLU A 570 -0.04 -26.48 -0.73
CA GLU A 570 -0.04 -25.07 -1.10
C GLU A 570 1.34 -24.47 -1.38
N GLY A 571 1.36 -23.54 -2.34
CA GLY A 571 2.56 -22.83 -2.74
C GLY A 571 2.88 -21.68 -1.81
N ASN A 572 3.27 -21.99 -0.58
CA ASN A 572 3.80 -20.97 0.33
C ASN A 572 4.60 -21.60 1.48
N TYR A 573 5.23 -20.76 2.28
CA TYR A 573 6.21 -21.21 3.25
C TYR A 573 5.59 -21.47 4.62
N LEU A 574 4.88 -20.46 5.11
CA LEU A 574 4.22 -20.52 6.44
C LEU A 574 3.09 -21.56 6.55
N ALA A 575 2.61 -22.08 5.42
CA ALA A 575 1.46 -22.99 5.37
C ALA A 575 0.22 -22.26 5.81
N GLN A 576 -0.16 -21.23 5.05
CA GLN A 576 -1.12 -20.22 5.55
C GLN A 576 -2.54 -20.78 5.72
N THR A 577 -2.93 -21.71 4.86
CA THR A 577 -4.25 -22.33 4.98
C THR A 577 -4.44 -23.12 6.27
N SER A 578 -3.43 -23.90 6.64
CA SER A 578 -3.35 -24.55 7.96
C SER A 578 -3.47 -23.61 9.13
N LEU A 579 -2.87 -22.42 9.02
CA LEU A 579 -3.02 -21.39 10.07
C LEU A 579 -4.47 -20.88 10.12
N LEU A 580 -5.10 -20.72 8.96
CA LEU A 580 -6.52 -20.32 8.92
C LEU A 580 -7.43 -21.40 9.48
N VAL A 581 -7.26 -22.61 8.96
CA VAL A 581 -7.98 -23.79 9.45
C VAL A 581 -7.85 -23.88 10.99
N LYS A 582 -6.63 -23.75 11.53
CA LYS A 582 -6.45 -23.81 12.99
C LYS A 582 -7.14 -22.63 13.73
N MET A 583 -7.07 -21.43 13.15
CA MET A 583 -7.74 -20.21 13.70
C MET A 583 -9.25 -20.40 13.90
N TYR A 584 -9.90 -21.08 12.95
CA TYR A 584 -11.36 -21.18 12.92
C TYR A 584 -11.93 -22.47 13.51
N THR A 585 -11.14 -23.54 13.49
CA THR A 585 -11.56 -24.87 13.91
C THR A 585 -10.87 -25.39 15.18
N GLY A 586 -9.79 -24.72 15.59
CA GLY A 586 -8.90 -25.25 16.63
C GLY A 586 -8.06 -26.46 16.27
N LYS A 587 -8.19 -27.01 15.07
CA LYS A 587 -7.57 -28.29 14.75
C LYS A 587 -6.38 -28.14 13.83
N ASP A 588 -5.46 -29.09 13.94
CA ASP A 588 -4.21 -29.04 13.23
C ASP A 588 -4.16 -30.04 12.06
N VAL A 589 -3.43 -29.68 11.03
CA VAL A 589 -3.11 -30.55 9.91
C VAL A 589 -1.95 -31.45 10.38
N THR A 590 -1.83 -32.66 9.85
CA THR A 590 -0.71 -33.56 10.29
C THR A 590 0.60 -33.31 9.51
N ASN A 591 0.45 -32.86 8.27
CA ASN A 591 1.51 -32.81 7.29
C ASN A 591 1.28 -31.66 6.32
N SER A 592 2.34 -31.24 5.65
CA SER A 592 2.30 -30.21 4.62
C SER A 592 3.15 -30.64 3.43
N ILE A 593 2.62 -30.41 2.24
CA ILE A 593 3.44 -30.40 1.04
C ILE A 593 3.50 -28.95 0.52
N LEU A 594 4.71 -28.35 0.53
CA LEU A 594 4.88 -26.94 0.18
C LEU A 594 5.83 -26.69 -0.99
N LYS A 595 5.66 -25.53 -1.60
CA LYS A 595 6.47 -25.14 -2.76
C LYS A 595 6.50 -23.61 -2.79
N TRP A 596 7.67 -22.97 -2.83
CA TRP A 596 7.71 -21.51 -2.97
C TRP A 596 8.68 -21.05 -4.03
N ASN A 597 8.94 -21.88 -5.04
CA ASN A 597 10.01 -21.58 -5.97
C ASN A 597 9.57 -20.86 -7.23
N GLY A 598 8.36 -20.31 -7.23
CA GLY A 598 7.82 -19.59 -8.37
C GLY A 598 7.18 -20.46 -9.43
N ARG A 599 7.18 -21.77 -9.23
CA ARG A 599 6.69 -22.67 -10.26
C ARG A 599 5.38 -23.32 -9.78
N PRO A 600 4.41 -23.57 -10.70
CA PRO A 600 3.19 -24.28 -10.23
C PRO A 600 3.45 -25.72 -9.81
N PHE A 601 2.50 -26.32 -9.08
CA PHE A 601 2.61 -27.73 -8.78
C PHE A 601 2.44 -28.51 -10.08
N LEU A 602 3.22 -29.58 -10.16
CA LEU A 602 3.30 -30.41 -11.35
C LEU A 602 2.85 -31.82 -10.97
N ARG A 603 2.25 -32.53 -11.92
CA ARG A 603 1.53 -33.78 -11.61
C ARG A 603 2.44 -34.87 -11.05
N ASP A 604 3.59 -35.10 -11.69
CA ASP A 604 4.56 -36.15 -11.23
C ASP A 604 5.24 -35.85 -9.92
N GLU A 605 5.65 -34.60 -9.71
CA GLU A 605 6.36 -34.23 -8.50
C GLU A 605 5.42 -34.34 -7.32
N LEU A 606 4.21 -33.80 -7.43
CA LEU A 606 3.25 -33.86 -6.30
C LEU A 606 2.85 -35.34 -5.97
N GLU A 607 2.78 -36.23 -6.98
CA GLU A 607 2.54 -37.69 -6.77
C GLU A 607 3.67 -38.33 -5.91
N GLU A 608 4.92 -38.00 -6.20
CA GLU A 608 6.05 -38.48 -5.40
C GLU A 608 6.06 -37.89 -3.98
N ALA A 609 5.58 -36.67 -3.81
CA ALA A 609 5.43 -36.11 -2.42
C ALA A 609 4.30 -36.74 -1.59
N LEU A 610 3.21 -37.11 -2.26
CA LEU A 610 2.10 -37.80 -1.59
C LEU A 610 2.54 -39.17 -1.07
N ILE A 611 3.07 -39.99 -1.96
CA ILE A 611 3.67 -41.27 -1.54
C ILE A 611 4.60 -41.09 -0.35
N LYS A 612 5.46 -40.06 -0.42
CA LYS A 612 6.50 -39.79 0.59
C LYS A 612 5.88 -39.31 1.91
N VAL A 613 4.71 -38.68 1.84
CA VAL A 613 3.87 -38.39 3.03
C VAL A 613 3.07 -39.62 3.52
N ILE A 614 2.35 -40.24 2.59
CA ILE A 614 1.31 -41.25 2.93
C ILE A 614 1.94 -42.60 3.27
N LYS A 615 2.65 -43.22 2.32
CA LYS A 615 3.32 -44.50 2.60
C LYS A 615 4.34 -44.30 3.69
N ASP A 616 5.18 -43.28 3.53
CA ASP A 616 6.34 -43.07 4.38
C ASP A 616 6.01 -42.18 5.60
N GLY A 617 5.84 -40.88 5.38
CA GLY A 617 5.72 -39.91 6.48
C GLY A 617 6.49 -38.62 6.22
N GLU A 618 7.04 -38.06 7.29
CA GLU A 618 7.64 -36.73 7.27
C GLU A 618 6.54 -35.65 7.26
N LYS A 619 6.70 -34.70 8.16
CA LYS A 619 5.68 -33.73 8.43
C LYS A 619 5.54 -32.77 7.24
N ARG A 620 6.69 -32.41 6.66
CA ARG A 620 6.83 -31.22 5.86
C ARG A 620 7.71 -31.48 4.64
N VAL A 621 7.11 -31.60 3.47
CA VAL A 621 7.83 -31.93 2.27
C VAL A 621 7.91 -30.67 1.43
N VAL A 622 9.12 -30.29 1.03
CA VAL A 622 9.34 -29.09 0.23
C VAL A 622 9.64 -29.48 -1.20
N LEU A 623 8.80 -29.05 -2.12
CA LEU A 623 8.99 -29.35 -3.53
C LEU A 623 10.10 -28.51 -4.21
N ASN A 624 10.81 -29.18 -5.13
CA ASN A 624 12.09 -28.73 -5.70
C ASN A 624 11.85 -27.98 -7.02
N THR B 5 32.26 -10.13 -10.65
CA THR B 5 31.89 -9.23 -11.80
C THR B 5 30.74 -9.71 -12.75
N PRO B 6 30.55 -11.04 -12.99
CA PRO B 6 29.47 -11.48 -13.92
C PRO B 6 28.00 -11.07 -13.59
N GLN B 7 27.33 -10.42 -14.55
CA GLN B 7 25.87 -10.16 -14.47
C GLN B 7 25.26 -9.75 -15.83
N TRP B 8 24.49 -10.64 -16.44
CA TRP B 8 24.09 -10.47 -17.85
C TRP B 8 22.97 -9.43 -18.10
N ASN B 9 23.20 -8.61 -19.13
CA ASN B 9 22.33 -7.52 -19.58
C ASN B 9 21.33 -8.04 -20.63
N ASP B 10 20.04 -7.90 -20.31
CA ASP B 10 18.95 -8.46 -21.10
C ASP B 10 18.08 -7.39 -21.80
N TRP B 11 18.65 -6.20 -22.02
CA TRP B 11 18.00 -5.19 -22.87
C TRP B 11 17.86 -5.79 -24.29
N CYS B 12 16.79 -5.40 -25.00
CA CYS B 12 16.62 -5.78 -26.41
C CYS B 12 17.76 -5.23 -27.30
N PRO B 13 18.15 -5.98 -28.35
CA PRO B 13 19.03 -5.37 -29.36
C PRO B 13 18.44 -4.07 -29.90
N GLY B 14 19.18 -2.97 -29.72
CA GLY B 14 18.67 -1.62 -29.93
C GLY B 14 17.85 -1.23 -28.71
N CYS B 15 18.40 -0.35 -27.89
CA CYS B 15 17.67 0.16 -26.76
C CYS B 15 18.46 1.32 -26.22
N GLY B 16 17.85 2.50 -26.20
CA GLY B 16 18.52 3.74 -25.78
C GLY B 16 19.28 3.62 -24.48
N ASN B 17 18.85 2.71 -23.61
CA ASN B 17 19.54 2.42 -22.32
C ASN B 17 21.01 2.04 -22.43
N PHE B 18 21.38 1.33 -23.48
CA PHE B 18 22.80 0.98 -23.66
C PHE B 18 23.60 2.29 -23.65
N GLY B 19 23.08 3.30 -24.32
CA GLY B 19 23.67 4.65 -24.33
C GLY B 19 23.75 5.40 -23.02
N ILE B 20 22.63 5.39 -22.25
CA ILE B 20 22.56 6.05 -20.92
C ILE B 20 23.56 5.39 -19.99
N LEU B 21 23.51 4.05 -19.97
CA LEU B 21 24.49 3.23 -19.24
C LEU B 21 25.94 3.69 -19.58
N ASN B 22 26.26 3.74 -20.87
CA ASN B 22 27.66 4.15 -21.28
C ASN B 22 28.03 5.56 -20.90
N ALA B 23 27.13 6.51 -21.15
CA ALA B 23 27.40 7.90 -20.77
C ALA B 23 27.64 8.06 -19.27
N GLU B 24 26.88 7.30 -18.48
CA GLU B 24 26.88 7.39 -17.00
C GLU B 24 28.16 6.81 -16.40
N GLN B 25 28.53 5.60 -16.82
CA GLN B 25 29.86 5.03 -16.45
C GLN B 25 30.98 6.02 -16.76
N GLN B 26 31.06 6.45 -18.01
CA GLN B 26 32.07 7.43 -18.45
C GLN B 26 31.99 8.70 -17.66
N ALA B 27 30.78 9.16 -17.36
CA ALA B 27 30.63 10.40 -16.59
C ALA B 27 31.39 10.35 -15.27
N ILE B 28 31.30 9.21 -14.58
CA ILE B 28 31.93 9.00 -13.26
C ILE B 28 33.46 8.79 -13.33
N VAL B 29 33.92 7.95 -14.26
CA VAL B 29 35.36 7.71 -14.48
C VAL B 29 36.07 9.05 -14.67
N GLU B 30 35.69 9.76 -15.74
CA GLU B 30 36.24 11.07 -16.09
C GLU B 30 36.20 12.09 -14.99
N LEU B 31 35.17 12.02 -14.17
CA LEU B 31 34.98 12.98 -13.11
C LEU B 31 35.86 12.67 -11.89
N GLY B 32 36.51 11.51 -11.91
CA GLY B 32 37.48 11.14 -10.88
C GLY B 32 36.88 11.03 -9.50
N VAL B 33 35.63 10.60 -9.46
CA VAL B 33 34.95 10.37 -8.18
C VAL B 33 35.34 8.98 -7.68
N ASP B 34 35.47 8.90 -6.35
CA ASP B 34 35.69 7.64 -5.66
C ASP B 34 34.42 6.81 -5.89
N THR B 35 34.54 5.77 -6.72
CA THR B 35 33.43 4.87 -7.02
C THR B 35 32.82 4.24 -5.73
N LYS B 36 33.66 4.02 -4.74
CA LYS B 36 33.24 3.62 -3.37
C LYS B 36 32.08 4.46 -2.81
N ASN B 37 31.98 5.72 -3.23
CA ASN B 37 30.92 6.61 -2.82
C ASN B 37 29.76 6.74 -3.79
N VAL B 38 29.86 6.30 -5.04
CA VAL B 38 28.74 6.39 -5.95
C VAL B 38 27.66 5.34 -5.60
N VAL B 39 26.40 5.80 -5.58
CA VAL B 39 25.28 4.92 -5.49
C VAL B 39 24.29 5.31 -6.55
N VAL B 40 23.91 4.36 -7.39
CA VAL B 40 22.87 4.55 -8.35
C VAL B 40 21.61 3.95 -7.77
N VAL B 41 20.59 4.78 -7.60
CA VAL B 41 19.25 4.38 -7.14
C VAL B 41 18.30 4.36 -8.33
N SER B 42 17.63 3.23 -8.58
CA SER B 42 16.79 3.07 -9.78
C SER B 42 15.40 2.65 -9.40
N GLY B 43 14.41 3.11 -10.14
CA GLY B 43 13.04 2.65 -9.98
C GLY B 43 12.82 1.30 -10.67
N ILE B 44 11.56 1.02 -10.99
CA ILE B 44 11.18 -0.25 -11.59
C ILE B 44 11.02 -0.04 -13.10
N GLY B 45 11.35 -1.10 -13.85
CA GLY B 45 11.18 -1.12 -15.31
C GLY B 45 12.41 -1.69 -15.99
N CYS B 46 12.42 -1.59 -17.31
CA CYS B 46 13.60 -1.79 -18.12
C CYS B 46 14.70 -0.85 -17.60
N SER B 47 14.50 0.46 -17.71
CA SER B 47 15.44 1.44 -17.13
C SER B 47 15.94 1.12 -15.71
N GLY B 48 15.07 0.52 -14.89
CA GLY B 48 15.43 0.12 -13.53
C GLY B 48 16.54 -0.91 -13.35
N LYS B 49 16.85 -1.66 -14.42
CA LYS B 49 17.84 -2.72 -14.37
C LYS B 49 19.33 -2.29 -14.41
N ILE B 50 19.58 -1.00 -14.59
CA ILE B 50 20.90 -0.35 -14.49
C ILE B 50 21.30 -0.28 -12.98
N PRO B 51 22.26 -1.06 -12.42
CA PRO B 51 23.34 -1.87 -13.02
C PRO B 51 23.17 -3.41 -13.03
N HIS B 52 23.90 -4.19 -13.85
CA HIS B 52 24.42 -3.86 -15.23
C HIS B 52 25.76 -3.06 -15.48
N PHE B 53 26.40 -2.52 -14.45
CA PHE B 53 27.63 -1.72 -14.65
C PHE B 53 28.87 -2.62 -14.78
N THR B 56 32.18 -1.92 -13.82
CA THR B 56 32.70 -0.95 -12.82
C THR B 56 32.05 -1.17 -11.44
N PRO B 57 32.83 -1.18 -10.34
CA PRO B 57 32.25 -1.54 -9.04
C PRO B 57 31.47 -0.40 -8.31
N ILE B 58 30.35 0.02 -8.87
CA ILE B 58 29.42 0.97 -8.23
C ILE B 58 28.29 0.22 -7.49
N SER B 59 27.83 0.78 -6.37
CA SER B 59 26.65 0.24 -5.66
C SER B 59 25.32 0.68 -6.29
N GLY B 60 24.35 -0.24 -6.26
CA GLY B 60 23.08 -0.03 -6.96
C GLY B 60 21.94 -0.35 -6.01
N VAL B 61 20.94 0.52 -5.93
CA VAL B 61 19.75 0.27 -5.15
C VAL B 61 18.54 0.30 -6.09
N HIS B 62 17.98 -0.88 -6.36
CA HIS B 62 16.84 -1.06 -7.21
C HIS B 62 15.59 -0.95 -6.33
N THR B 63 14.79 0.05 -6.59
CA THR B 63 13.77 0.49 -5.65
C THR B 63 12.38 -0.15 -5.83
N LEU B 64 11.33 0.58 -5.44
CA LEU B 64 9.94 0.33 -5.82
C LEU B 64 9.52 1.29 -6.92
N HIS B 65 8.47 0.95 -7.61
CA HIS B 65 7.99 1.74 -8.71
C HIS B 65 7.53 3.11 -8.24
N GLY B 66 8.12 4.16 -8.81
CA GLY B 66 7.87 5.56 -8.45
C GLY B 66 8.58 6.14 -7.21
N ARG B 67 9.37 5.33 -6.50
CA ARG B 67 9.86 5.71 -5.17
C ARG B 67 11.32 6.07 -5.05
N ALA B 68 12.08 5.91 -6.14
CA ALA B 68 13.53 6.21 -6.15
C ALA B 68 13.91 7.51 -5.48
N ILE B 69 13.19 8.56 -5.76
CA ILE B 69 13.57 9.87 -5.26
C ILE B 69 13.46 9.92 -3.75
N ALA B 70 12.45 9.28 -3.18
CA ALA B 70 12.31 9.18 -1.71
C ALA B 70 13.44 8.35 -1.08
N PHE B 71 13.71 7.18 -1.64
CA PHE B 71 14.90 6.38 -1.23
C PHE B 71 16.19 7.19 -1.29
N ALA B 72 16.38 7.92 -2.40
CA ALA B 72 17.61 8.65 -2.65
C ALA B 72 17.78 9.79 -1.68
N THR B 73 16.70 10.40 -1.29
CA THR B 73 16.76 11.47 -0.31
C THR B 73 17.18 11.01 1.08
N GLY B 74 16.72 9.86 1.51
CA GLY B 74 17.15 9.34 2.79
C GLY B 74 18.61 8.98 2.80
N ILE B 75 19.08 8.34 1.74
CA ILE B 75 20.48 7.97 1.61
C ILE B 75 21.36 9.23 1.70
N LYS B 76 20.95 10.25 0.96
CA LYS B 76 21.75 11.45 0.80
C LYS B 76 21.86 12.24 2.08
N LEU B 77 20.75 12.46 2.77
CA LEU B 77 20.79 13.22 4.03
C LEU B 77 21.43 12.47 5.18
N SER B 78 21.50 11.15 5.11
CA SER B 78 22.16 10.40 6.18
C SER B 78 23.66 10.38 5.97
N ASN B 79 24.06 10.39 4.70
CA ASN B 79 25.46 10.41 4.37
C ASN B 79 25.69 11.30 3.14
N PRO B 80 25.86 12.61 3.38
CA PRO B 80 26.05 13.56 2.28
C PRO B 80 27.33 13.41 1.46
N ASP B 81 28.24 12.54 1.89
CA ASP B 81 29.44 12.22 1.11
C ASP B 81 29.21 11.28 -0.06
N LEU B 82 27.98 10.85 -0.33
CA LEU B 82 27.83 9.71 -1.21
C LEU B 82 27.80 9.97 -2.72
N VAL B 83 27.18 10.99 -3.22
CA VAL B 83 27.02 11.03 -4.72
C VAL B 83 26.00 9.99 -5.19
N VAL B 84 24.76 10.46 -5.22
CA VAL B 84 23.57 9.67 -5.41
C VAL B 84 23.04 10.15 -6.74
N ILE B 85 22.90 9.18 -7.65
CA ILE B 85 22.31 9.34 -8.95
C ILE B 85 21.01 8.51 -8.91
N VAL B 86 19.93 9.06 -9.45
CA VAL B 86 18.70 8.33 -9.64
C VAL B 86 18.44 8.13 -11.13
N ASN B 87 18.15 6.88 -11.51
CA ASN B 87 17.66 6.53 -12.83
C ASN B 87 16.22 6.08 -12.67
N GLY B 88 15.31 6.70 -13.40
CA GLY B 88 13.97 6.13 -13.54
C GLY B 88 13.35 6.23 -14.92
N GLY B 89 12.33 5.40 -15.14
CA GLY B 89 11.46 5.49 -16.30
C GLY B 89 10.48 6.66 -16.27
N ASP B 90 9.85 6.91 -17.41
CA ASP B 90 8.87 7.99 -17.56
C ASP B 90 7.59 7.68 -16.75
N GLY B 91 7.09 6.45 -16.89
CA GLY B 91 5.98 5.98 -16.05
C GLY B 91 6.27 6.12 -14.56
N ASP B 92 7.43 5.61 -14.16
CA ASP B 92 8.07 5.78 -12.84
C ASP B 92 8.07 7.19 -12.26
N LEU B 93 8.79 8.11 -12.91
CA LEU B 93 9.05 9.42 -12.33
C LEU B 93 7.93 10.41 -12.55
N LEU B 94 7.11 10.21 -13.57
CA LEU B 94 6.10 11.21 -13.95
C LEU B 94 4.66 10.75 -13.90
N GLY B 95 4.41 9.46 -13.64
CA GLY B 95 3.08 8.97 -13.36
C GLY B 95 3.02 8.68 -11.88
N ILE B 96 3.26 7.43 -11.53
CA ILE B 96 3.18 6.97 -10.16
C ILE B 96 4.09 7.71 -9.17
N GLY B 97 5.26 8.15 -9.62
CA GLY B 97 6.18 8.95 -8.80
C GLY B 97 6.14 10.47 -8.97
N ALA B 98 5.11 11.00 -9.63
CA ALA B 98 5.03 12.46 -9.94
C ALA B 98 5.02 13.34 -8.71
N GLY B 99 4.39 12.86 -7.65
CA GLY B 99 4.32 13.54 -6.36
C GLY B 99 5.67 13.70 -5.77
N HIS B 100 6.42 12.60 -5.67
CA HIS B 100 7.85 12.64 -5.27
C HIS B 100 8.66 13.55 -6.16
N PHE B 101 8.39 13.55 -7.47
CA PHE B 101 9.03 14.46 -8.43
C PHE B 101 8.83 15.95 -8.10
N VAL B 102 7.59 16.37 -7.86
CA VAL B 102 7.34 17.80 -7.51
C VAL B 102 7.89 18.15 -6.13
N ALA B 103 7.77 17.23 -5.17
CA ALA B 103 8.21 17.52 -3.81
C ALA B 103 9.71 17.69 -3.71
N ALA B 104 10.43 17.01 -4.60
CA ALA B 104 11.89 16.99 -4.53
C ALA B 104 12.47 18.37 -4.88
N GLY B 105 11.79 19.11 -5.76
CA GLY B 105 12.22 20.47 -6.16
C GLY B 105 12.05 21.51 -5.08
N ARG B 106 11.08 21.30 -4.21
CA ARG B 106 10.94 22.11 -2.99
C ARG B 106 12.13 21.96 -2.05
N ARG B 107 12.72 20.79 -2.04
CA ARG B 107 13.73 20.41 -1.07
C ARG B 107 15.16 20.80 -1.55
N ASN B 108 15.42 20.63 -2.84
CA ASN B 108 16.72 20.94 -3.46
C ASN B 108 17.88 20.12 -2.91
N VAL B 109 17.68 18.81 -2.81
CA VAL B 109 18.75 17.91 -2.39
C VAL B 109 19.80 17.72 -3.52
N ASP B 110 21.07 17.70 -3.16
CA ASP B 110 22.17 17.51 -4.10
C ASP B 110 22.20 16.05 -4.58
N MET B 111 21.62 15.82 -5.74
CA MET B 111 21.63 14.53 -6.43
C MET B 111 21.18 14.74 -7.86
N VAL B 112 21.40 13.74 -8.71
CA VAL B 112 21.03 13.80 -10.13
C VAL B 112 19.89 12.85 -10.37
N VAL B 113 18.91 13.32 -11.12
CA VAL B 113 17.77 12.51 -11.52
C VAL B 113 17.85 12.37 -13.02
N ILE B 114 17.90 11.13 -13.49
CA ILE B 114 18.01 10.88 -14.90
C ILE B 114 16.83 10.15 -15.39
N LEU B 115 16.05 10.78 -16.27
CA LEU B 115 14.80 10.25 -16.77
C LEU B 115 14.96 9.53 -18.13
N HIS B 116 14.48 8.29 -18.19
CA HIS B 116 14.53 7.42 -19.35
C HIS B 116 13.22 7.60 -20.16
N ASP B 117 13.19 8.68 -20.93
CA ASP B 117 12.01 9.09 -21.73
C ASP B 117 11.74 8.13 -22.92
N ASN B 118 11.02 7.09 -22.58
CA ASN B 118 10.73 5.92 -23.39
C ASN B 118 9.48 6.00 -24.31
N GLY B 119 8.52 6.83 -23.89
CA GLY B 119 7.16 6.83 -24.42
C GLY B 119 6.21 5.72 -23.95
N VAL B 120 6.76 4.67 -23.34
CA VAL B 120 6.01 3.43 -23.00
C VAL B 120 6.27 2.86 -21.61
N TYR B 121 5.39 1.93 -21.18
CA TYR B 121 5.71 1.02 -20.07
C TYR B 121 6.36 -0.21 -20.68
N GLY B 122 7.67 -0.12 -20.91
CA GLY B 122 8.41 -1.16 -21.62
C GLY B 122 8.31 -2.56 -21.04
N LEU B 123 8.71 -2.72 -19.78
CA LEU B 123 8.82 -4.05 -19.16
C LEU B 123 7.47 -4.69 -18.90
N THR B 124 6.42 -3.89 -18.94
CA THR B 124 5.06 -4.39 -18.71
C THR B 124 4.25 -4.65 -20.06
N LYS B 125 4.94 -4.43 -21.18
CA LYS B 125 4.56 -4.84 -22.57
C LYS B 125 4.01 -3.70 -23.50
N GLY B 126 4.24 -2.46 -23.08
CA GLY B 126 4.21 -1.32 -24.00
C GLY B 126 3.10 -0.31 -23.91
N GLN B 127 2.39 -0.26 -22.79
CA GLN B 127 1.26 0.68 -22.63
C GLN B 127 1.80 2.12 -22.67
N ALA B 128 0.95 3.07 -23.08
CA ALA B 128 1.38 4.46 -23.21
C ALA B 128 1.90 5.01 -21.88
N SER B 129 3.11 5.59 -21.90
CA SER B 129 3.66 6.33 -20.74
C SER B 129 3.09 7.75 -20.69
N PRO B 130 3.28 8.46 -19.56
CA PRO B 130 2.92 9.89 -19.49
C PRO B 130 3.66 10.87 -20.44
N THR B 131 4.67 10.42 -21.19
CA THR B 131 5.30 11.25 -22.24
C THR B 131 4.80 10.98 -23.68
N LEU B 132 3.93 9.96 -23.84
CA LEU B 132 3.27 9.72 -25.14
C LEU B 132 2.18 10.74 -25.37
N LYS B 133 2.23 11.36 -26.56
CA LYS B 133 1.23 12.37 -26.99
C LYS B 133 -0.07 11.66 -27.31
N ARG B 134 -1.20 12.35 -27.12
CA ARG B 134 -2.50 11.77 -27.50
C ARG B 134 -2.53 11.55 -29.03
N GLY B 135 -3.23 10.49 -29.46
CA GLY B 135 -3.35 10.15 -30.88
C GLY B 135 -2.37 9.13 -31.45
N GLU B 136 -1.31 8.78 -30.71
CA GLU B 136 -0.30 7.82 -31.16
C GLU B 136 -0.86 6.40 -31.15
N ASN B 145 -4.10 6.20 -28.34
CA ASN B 145 -3.81 6.69 -26.99
C ASN B 145 -4.69 7.88 -26.62
N ILE B 146 -5.43 7.74 -25.52
CA ILE B 146 -6.43 8.73 -25.09
C ILE B 146 -5.92 9.84 -24.09
N ASN B 147 -4.64 9.74 -23.67
CA ASN B 147 -4.05 10.69 -22.71
C ASN B 147 -3.03 11.62 -23.37
N ASP B 148 -2.96 12.86 -22.89
CA ASP B 148 -1.85 13.79 -23.18
C ASP B 148 -0.52 13.36 -22.53
N ALA B 149 0.59 13.86 -23.09
CA ALA B 149 1.93 13.84 -22.48
C ALA B 149 2.15 15.10 -21.64
N VAL B 150 2.83 14.93 -20.52
CA VAL B 150 3.35 16.07 -19.74
C VAL B 150 4.63 16.58 -20.38
N ASN B 151 5.00 17.79 -20.02
CA ASN B 151 6.25 18.39 -20.43
C ASN B 151 7.23 18.25 -19.23
N PRO B 152 8.14 17.24 -19.27
CA PRO B 152 9.12 17.02 -18.20
C PRO B 152 9.95 18.25 -17.80
N ILE B 153 10.48 18.96 -18.78
CA ILE B 153 11.44 20.04 -18.46
C ILE B 153 10.66 21.21 -17.80
N ALA B 154 9.53 21.62 -18.40
CA ALA B 154 8.60 22.63 -17.87
C ALA B 154 8.04 22.33 -16.45
N LEU B 155 7.62 21.09 -16.25
CA LEU B 155 7.25 20.61 -14.92
C LEU B 155 8.40 20.69 -13.91
N ALA B 156 9.59 20.23 -14.33
CA ALA B 156 10.74 20.35 -13.46
C ALA B 156 10.99 21.82 -13.14
N ILE B 157 11.01 22.70 -14.13
CA ILE B 157 11.24 24.14 -13.84
C ILE B 157 10.16 24.69 -12.89
N SER B 158 8.88 24.38 -13.12
CA SER B 158 7.83 24.83 -12.21
C SER B 158 7.95 24.27 -10.77
N SER B 159 8.54 23.07 -10.62
CA SER B 159 8.42 22.32 -9.36
C SER B 159 9.18 22.82 -8.12
N GLY B 160 10.26 23.58 -8.23
CA GLY B 160 11.30 23.44 -9.24
C GLY B 160 12.55 23.80 -8.45
N TYR B 161 13.73 23.20 -8.59
CA TYR B 161 14.38 22.44 -9.67
C TYR B 161 15.38 23.38 -10.31
N THR B 162 16.61 23.15 -9.93
CA THR B 162 17.60 24.16 -9.93
C THR B 162 18.68 23.90 -11.02
N PHE B 163 18.59 22.75 -11.71
CA PHE B 163 19.38 22.43 -12.90
C PHE B 163 18.52 21.52 -13.75
N VAL B 164 18.36 21.86 -15.02
CA VAL B 164 17.48 21.15 -15.91
C VAL B 164 18.13 21.07 -17.30
N ALA B 165 17.87 19.97 -17.97
CA ALA B 165 18.52 19.65 -19.18
C ALA B 165 17.80 18.53 -19.90
N ARG B 166 18.05 18.45 -21.20
CA ARG B 166 17.64 17.33 -22.02
C ARG B 166 18.85 16.84 -22.79
N GLY B 167 18.81 15.55 -23.10
CA GLY B 167 19.83 14.88 -23.85
C GLY B 167 19.23 13.73 -24.63
N TYR B 168 20.07 13.15 -25.47
CA TYR B 168 19.68 12.10 -26.38
C TYR B 168 20.59 10.89 -26.09
N ALA B 169 19.98 9.73 -26.00
CA ALA B 169 20.70 8.52 -25.68
C ALA B 169 21.67 8.08 -26.80
N TYR B 170 21.49 8.59 -28.02
CA TYR B 170 22.39 8.29 -29.15
C TYR B 170 23.34 9.46 -29.44
N ASP B 171 23.78 10.13 -28.40
CA ASP B 171 24.87 11.11 -28.47
C ASP B 171 25.55 11.01 -27.12
N VAL B 172 26.20 9.87 -26.89
CA VAL B 172 26.87 9.57 -25.61
C VAL B 172 27.76 10.69 -25.14
N LYS B 173 28.60 11.19 -26.04
CA LYS B 173 29.47 12.37 -25.83
C LYS B 173 28.76 13.52 -25.09
N HIS B 174 27.67 14.02 -25.67
CA HIS B 174 26.93 15.17 -25.12
C HIS B 174 26.27 14.81 -23.77
N LEU B 175 25.73 13.59 -23.69
CA LEU B 175 25.08 13.07 -22.49
C LEU B 175 26.03 12.96 -21.32
N LYS B 176 27.19 12.35 -21.58
CA LYS B 176 28.33 12.31 -20.62
C LYS B 176 28.68 13.69 -20.06
N GLU B 177 28.67 14.74 -20.87
CA GLU B 177 28.98 16.09 -20.36
C GLU B 177 27.80 16.75 -19.60
N LEU B 178 26.56 16.41 -19.97
CA LEU B 178 25.40 16.83 -19.16
C LEU B 178 25.46 16.19 -17.76
N ILE B 179 25.63 14.87 -17.75
CA ILE B 179 25.71 14.10 -16.53
C ILE B 179 26.81 14.62 -15.63
N LYS B 180 27.96 14.95 -16.21
CA LYS B 180 29.06 15.48 -15.42
C LYS B 180 28.73 16.78 -14.75
N SER B 181 28.16 17.74 -15.48
CA SER B 181 27.87 19.08 -14.89
C SER B 181 26.66 19.04 -13.93
N ALA B 182 25.74 18.13 -14.19
CA ALA B 182 24.69 17.79 -13.20
C ALA B 182 25.24 17.29 -11.85
N ILE B 183 26.23 16.40 -11.89
CA ILE B 183 26.86 15.96 -10.64
C ILE B 183 27.62 17.11 -9.99
N LYS B 184 28.38 17.86 -10.79
CA LYS B 184 29.11 19.00 -10.25
C LYS B 184 28.15 20.04 -9.66
N HIS B 185 26.99 20.17 -10.27
CA HIS B 185 25.98 21.09 -9.77
C HIS B 185 25.58 20.79 -8.31
N LYS B 186 25.63 21.83 -7.46
CA LYS B 186 25.25 21.71 -6.04
C LYS B 186 23.75 22.02 -5.82
N GLY B 187 22.95 20.96 -5.81
CA GLY B 187 21.48 21.06 -5.86
C GLY B 187 20.92 19.95 -6.73
N LEU B 188 19.61 19.97 -6.90
CA LEU B 188 18.87 18.88 -7.53
C LEU B 188 18.89 19.06 -9.05
N ALA B 189 19.53 18.16 -9.76
CA ALA B 189 19.56 18.22 -11.18
C ALA B 189 18.59 17.24 -11.85
N LEU B 190 18.05 17.64 -13.01
CA LEU B 190 17.23 16.77 -13.84
C LEU B 190 17.83 16.71 -15.23
N ILE B 191 18.16 15.53 -15.74
CA ILE B 191 18.46 15.37 -17.15
C ILE B 191 17.38 14.51 -17.72
N ASP B 192 16.65 15.04 -18.71
CA ASP B 192 15.60 14.27 -19.39
C ASP B 192 16.23 13.57 -20.62
N VAL B 193 16.25 12.24 -20.65
CA VAL B 193 16.89 11.57 -21.82
C VAL B 193 15.87 10.90 -22.74
N LEU B 194 15.82 11.31 -24.01
CA LEU B 194 14.98 10.62 -25.03
C LEU B 194 15.63 9.28 -25.41
N GLN B 195 14.98 8.16 -25.06
CA GLN B 195 15.49 6.79 -25.36
C GLN B 195 14.49 6.02 -26.23
N PRO B 196 14.88 5.65 -27.45
CA PRO B 196 13.94 4.85 -28.22
C PRO B 196 13.79 3.41 -27.71
N CYS B 197 12.66 2.82 -28.10
CA CYS B 197 12.25 1.50 -27.69
C CYS B 197 11.87 0.75 -28.99
N PRO B 198 12.85 0.16 -29.70
CA PRO B 198 12.44 -0.57 -30.92
C PRO B 198 11.37 -1.66 -30.73
N THR B 199 11.32 -2.32 -29.57
CA THR B 199 10.29 -3.33 -29.32
C THR B 199 8.86 -2.75 -29.27
N TYR B 200 8.65 -1.57 -28.66
CA TYR B 200 7.26 -1.04 -28.44
C TYR B 200 6.91 0.40 -28.87
N ASN B 201 7.89 1.23 -29.18
CA ASN B 201 7.60 2.57 -29.70
C ASN B 201 7.91 2.55 -31.19
N ASP B 202 6.86 2.23 -31.98
CA ASP B 202 6.91 2.20 -33.47
C ASP B 202 7.24 3.62 -34.01
N ILE B 203 6.63 4.63 -33.39
CA ILE B 203 6.90 6.05 -33.69
C ILE B 203 8.08 6.41 -32.79
N ASN B 204 8.68 7.58 -32.95
CA ASN B 204 9.83 7.99 -32.12
C ASN B 204 10.96 6.95 -32.24
N THR B 205 11.19 6.52 -33.47
CA THR B 205 12.33 5.68 -33.85
C THR B 205 13.52 6.67 -33.92
N LYS B 206 14.56 6.46 -34.75
CA LYS B 206 15.79 7.27 -34.55
C LYS B 206 16.91 7.38 -35.62
N GLU B 207 16.71 7.49 -36.94
CA GLU B 207 15.51 7.89 -37.71
C GLU B 207 14.85 9.19 -37.19
N TRP B 208 13.73 9.06 -36.50
CA TRP B 208 12.96 10.20 -35.96
C TRP B 208 13.84 11.32 -35.32
N ARG B 212 16.13 15.75 -37.05
CA ARG B 212 15.20 16.31 -36.05
C ARG B 212 15.84 16.99 -34.82
N ILE B 213 16.73 16.27 -34.13
CA ILE B 213 17.40 16.77 -32.92
C ILE B 213 18.40 17.85 -33.29
N TYR B 214 18.41 18.94 -32.53
CA TYR B 214 19.50 19.91 -32.62
C TYR B 214 19.96 20.27 -31.21
N LYS B 215 21.09 20.97 -31.10
CA LYS B 215 21.66 21.32 -29.79
C LYS B 215 21.54 22.79 -29.52
N LEU B 216 21.03 23.16 -28.34
CA LEU B 216 20.90 24.61 -27.90
C LEU B 216 22.23 25.32 -27.81
N ASP B 217 23.22 24.55 -27.43
CA ASP B 217 24.56 25.03 -27.16
C ASP B 217 25.12 25.74 -28.49
N THR B 218 24.67 25.26 -29.67
CA THR B 218 24.85 25.89 -31.03
C THR B 218 24.47 27.38 -31.08
N LEU B 219 23.22 27.68 -30.68
CA LEU B 219 22.62 29.03 -30.77
C LEU B 219 23.58 30.13 -30.31
N PRO B 220 23.51 31.32 -30.95
CA PRO B 220 24.61 32.28 -30.85
C PRO B 220 24.94 32.74 -29.43
N ASP B 221 23.89 33.02 -28.65
CA ASP B 221 24.00 33.71 -27.36
C ASP B 221 23.31 32.95 -26.22
N TRP B 222 23.21 31.63 -26.33
CA TRP B 222 22.49 30.81 -25.33
C TRP B 222 23.23 30.66 -23.98
N ASP B 223 22.66 31.23 -22.92
CA ASP B 223 23.27 31.27 -21.56
C ASP B 223 22.23 30.82 -20.49
N PRO B 224 22.22 29.54 -20.13
CA PRO B 224 21.21 29.07 -19.18
C PRO B 224 21.52 29.34 -17.71
N VAL B 225 22.74 29.81 -17.40
CA VAL B 225 23.18 30.00 -16.01
C VAL B 225 22.77 31.35 -15.41
N VAL B 226 22.16 31.29 -14.25
CA VAL B 226 21.91 32.46 -13.42
C VAL B 226 23.23 32.88 -12.78
N LYS B 227 23.65 34.12 -13.02
CA LYS B 227 24.87 34.69 -12.41
C LYS B 227 24.45 35.49 -11.17
N LYS B 228 23.44 36.33 -11.36
CA LYS B 228 22.89 37.22 -10.33
C LYS B 228 21.41 36.89 -10.13
N PRO B 229 20.87 37.09 -8.91
CA PRO B 229 19.48 36.71 -8.65
C PRO B 229 18.42 37.56 -9.37
N GLU B 230 18.81 38.73 -9.87
CA GLU B 230 17.91 39.61 -10.63
C GLU B 230 17.54 39.02 -12.00
N GLU B 231 18.41 38.16 -12.54
CA GLU B 231 18.14 37.47 -13.80
C GLU B 231 17.48 36.06 -13.69
N VAL B 232 16.93 35.73 -12.52
CA VAL B 232 16.16 34.47 -12.30
C VAL B 232 14.95 34.32 -13.26
N ASN B 233 13.99 35.23 -13.11
CA ASN B 233 12.78 35.19 -13.96
C ASN B 233 13.11 35.21 -15.47
N GLU B 234 14.06 36.03 -15.89
CA GLU B 234 14.40 36.08 -17.33
C GLU B 234 14.97 34.74 -17.87
N LYS B 235 15.80 34.07 -17.08
CA LYS B 235 16.34 32.74 -17.45
C LYS B 235 15.28 31.62 -17.46
N ILE B 236 14.37 31.69 -16.49
CA ILE B 236 13.20 30.81 -16.48
C ILE B 236 12.40 30.95 -17.75
N LYS B 237 12.03 32.18 -18.13
CA LYS B 237 11.17 32.45 -19.31
C LYS B 237 11.80 31.92 -20.59
N ARG B 238 13.12 32.10 -20.73
CA ARG B 238 13.83 31.51 -21.88
C ARG B 238 13.81 29.97 -21.88
N ALA B 239 13.98 29.36 -20.71
CA ALA B 239 13.87 27.89 -20.58
C ALA B 239 12.47 27.34 -20.92
N ILE B 240 11.40 28.07 -20.57
CA ILE B 240 10.03 27.63 -20.89
C ILE B 240 9.75 27.67 -22.40
N ASP B 241 10.11 28.77 -23.07
CA ASP B 241 10.04 28.92 -24.54
C ASP B 241 10.69 27.72 -25.21
N LYS B 242 11.94 27.45 -24.85
CA LYS B 242 12.68 26.31 -25.40
C LYS B 242 12.06 24.95 -25.04
N SER B 243 11.41 24.82 -23.89
CA SER B 243 10.69 23.57 -23.58
C SER B 243 9.47 23.29 -24.46
N LEU B 244 9.00 24.28 -25.21
CA LEU B 244 7.80 24.15 -26.06
C LEU B 244 8.03 23.68 -27.49
N GLU B 245 9.27 23.70 -27.97
CA GLU B 245 9.60 23.25 -29.33
C GLU B 245 9.52 21.72 -29.40
N TRP B 246 8.78 21.19 -30.37
CA TRP B 246 8.67 19.74 -30.59
C TRP B 246 8.10 19.47 -31.99
N GLY B 247 8.59 18.41 -32.63
CA GLY B 247 8.29 18.12 -34.05
C GLY B 247 9.52 18.17 -34.94
N ASP B 248 9.89 19.36 -35.40
CA ASP B 248 10.96 19.52 -36.43
C ASP B 248 12.32 19.97 -35.87
N ILE B 250 13.51 19.68 -32.20
CA ILE B 250 13.68 19.31 -30.80
C ILE B 250 15.05 19.72 -30.22
N PRO B 251 15.07 20.70 -29.29
CA PRO B 251 16.30 21.14 -28.61
C PRO B 251 16.79 20.25 -27.45
N ILE B 252 18.05 20.45 -27.09
CA ILE B 252 18.79 19.49 -26.28
C ILE B 252 20.01 20.21 -25.67
N GLY B 253 20.28 19.97 -24.40
CA GLY B 253 21.31 20.70 -23.68
C GLY B 253 20.79 21.13 -22.34
N ILE B 254 21.43 22.14 -21.77
CA ILE B 254 21.07 22.69 -20.47
C ILE B 254 20.09 23.84 -20.72
N PHE B 255 18.82 23.66 -20.33
CA PHE B 255 17.76 24.66 -20.46
C PHE B 255 17.81 25.72 -19.36
N TYR B 256 18.28 25.37 -18.17
CA TYR B 256 18.29 26.30 -16.99
C TYR B 256 19.27 25.82 -15.91
N GLN B 257 19.92 26.76 -15.22
CA GLN B 257 20.72 26.44 -14.06
C GLN B 257 20.86 27.61 -13.09
N ASN B 258 20.78 27.31 -11.80
CA ASN B 258 20.80 28.33 -10.77
C ASN B 258 21.40 27.75 -9.48
N GLU B 259 22.65 28.10 -9.21
CA GLU B 259 23.33 27.74 -7.95
C GLU B 259 23.17 28.75 -6.79
N LEU B 260 22.40 29.81 -6.97
CA LEU B 260 22.12 30.73 -5.85
C LEU B 260 21.16 30.14 -4.81
N VAL B 261 20.38 29.16 -5.23
CA VAL B 261 19.42 28.47 -4.35
C VAL B 261 20.23 27.53 -3.43
N PRO B 262 20.05 27.64 -2.10
CA PRO B 262 20.76 26.72 -1.16
C PRO B 262 20.20 25.28 -1.22
N SER B 263 21.07 24.29 -1.22
CA SER B 263 20.64 22.90 -1.16
C SER B 263 20.03 22.58 0.19
N TYR B 264 19.35 21.44 0.28
CA TYR B 264 18.68 21.03 1.54
C TYR B 264 19.69 20.84 2.65
N GLU B 265 20.86 20.34 2.28
CA GLU B 265 21.96 20.07 3.20
C GLU B 265 22.55 21.35 3.80
N GLU B 266 22.62 22.42 3.01
CA GLU B 266 22.96 23.78 3.51
C GLU B 266 21.91 24.33 4.50
N ARG B 267 20.63 24.04 4.26
CA ARG B 267 19.52 24.46 5.15
C ARG B 267 19.46 23.67 6.47
N ILE B 268 20.01 22.46 6.50
CA ILE B 268 20.12 21.70 7.74
C ILE B 268 21.24 22.31 8.60
N LYS B 269 22.38 22.62 7.97
CA LYS B 269 23.47 23.35 8.65
C LYS B 269 23.02 24.67 9.32
N ALA B 270 22.26 25.52 8.61
CA ALA B 270 21.86 26.84 9.15
C ALA B 270 20.87 26.74 10.34
N ASN B 271 21.25 25.94 11.33
CA ASN B 271 20.31 25.26 12.24
C ASN B 271 21.10 24.26 13.09
N SER B 272 21.84 23.41 12.40
CA SER B 272 22.69 22.38 13.00
C SER B 272 24.12 22.44 12.45
N PRO B 273 24.96 23.40 12.94
CA PRO B 273 26.34 23.56 12.46
C PRO B 273 27.14 22.25 12.38
N ALA B 274 27.01 21.43 13.42
CA ALA B 274 27.67 20.12 13.54
C ALA B 274 27.22 19.04 12.52
N TYR B 275 26.13 19.29 11.80
CA TYR B 275 25.61 18.38 10.79
C TYR B 275 26.67 17.85 9.81
N LEU B 276 27.27 18.74 9.04
CA LEU B 276 28.16 18.35 7.95
C LEU B 276 29.53 17.83 8.43
N ASP B 277 29.88 18.21 9.66
CA ASP B 277 31.07 17.67 10.33
C ASP B 277 30.77 16.24 10.82
N TYR B 278 29.71 16.08 11.61
CA TYR B 278 29.32 14.78 12.16
C TYR B 278 27.95 14.33 11.62
N THR B 279 27.98 13.70 10.46
CA THR B 279 26.75 13.28 9.75
C THR B 279 26.06 12.11 10.49
N PRO B 280 24.73 11.93 10.32
CA PRO B 280 24.04 10.78 10.93
C PRO B 280 24.72 9.41 10.71
N ALA B 281 25.18 9.15 9.48
CA ALA B 281 25.92 7.91 9.15
C ALA B 281 27.25 7.68 9.87
N LYS B 282 27.85 8.75 10.38
CA LYS B 282 29.11 8.63 11.10
C LYS B 282 28.97 8.67 12.64
N GLN B 283 27.82 9.09 13.18
CA GLN B 283 27.66 9.20 14.63
C GLN B 283 27.69 7.85 15.30
N LEU B 284 28.30 7.78 16.47
CA LEU B 284 28.48 6.50 17.21
C LEU B 284 27.53 6.49 18.38
N ILE B 285 26.42 5.80 18.19
CA ILE B 285 25.37 5.78 19.19
C ILE B 285 25.64 4.75 20.30
N GLU B 286 26.63 3.90 20.04
CA GLU B 286 26.92 2.76 20.87
C GLU B 286 28.44 2.69 21.02
N LYS B 287 28.90 2.24 22.18
CA LYS B 287 30.30 1.82 22.34
C LYS B 287 30.31 0.58 23.21
N GLU B 288 30.78 -0.54 22.64
CA GLU B 288 30.76 -1.85 23.27
C GLU B 288 29.38 -2.19 23.84
N GLY B 289 28.36 -1.89 23.03
CA GLY B 289 26.95 -2.07 23.40
C GLY B 289 26.43 -1.18 24.51
N LYS B 290 27.10 -0.06 24.75
CA LYS B 290 26.71 0.89 25.77
C LYS B 290 26.30 2.16 25.02
N LEU B 291 25.08 2.64 25.31
CA LEU B 291 24.50 3.76 24.62
C LEU B 291 25.20 5.03 25.04
N THR B 292 25.67 5.80 24.06
CA THR B 292 26.48 6.99 24.32
C THR B 292 25.70 8.28 24.44
N THR B 293 24.44 8.29 24.02
CA THR B 293 23.65 9.53 23.94
C THR B 293 23.27 10.01 25.33
N ILE B 294 23.47 11.31 25.59
CA ILE B 294 23.15 11.90 26.89
C ILE B 294 21.68 12.34 26.96
N ILE B 295 20.91 11.74 27.87
CA ILE B 295 19.45 11.94 27.98
C ILE B 295 19.04 12.82 29.15
N ASP B 296 20.02 13.12 29.98
CA ASP B 296 19.79 13.60 31.33
C ASP B 296 19.03 14.95 31.38
N PRO B 297 19.43 15.96 30.55
CA PRO B 297 18.57 17.15 30.48
C PRO B 297 17.16 16.92 29.96
N LEU B 298 16.93 15.90 29.12
CA LEU B 298 15.56 15.60 28.62
C LEU B 298 14.71 15.04 29.73
N LEU B 299 15.31 14.22 30.55
CA LEU B 299 14.64 13.65 31.70
C LEU B 299 14.53 14.67 32.84
N LYS B 300 15.60 15.45 33.05
CA LYS B 300 15.61 16.52 34.06
C LYS B 300 14.48 17.52 33.85
N GLU B 301 14.30 18.00 32.61
CA GLU B 301 13.21 18.93 32.30
C GLU B 301 11.78 18.38 32.57
N ARG B 302 11.70 17.09 32.89
CA ARG B 302 10.44 16.41 33.24
C ARG B 302 10.34 15.82 34.68
N GLU B 303 11.34 16.05 35.53
CA GLU B 303 11.25 15.69 36.96
C GLU B 303 10.03 16.36 37.60
N VAL B 304 9.41 15.64 38.52
CA VAL B 304 8.34 16.19 39.38
C VAL B 304 8.98 16.82 40.60
N ARG C 2 -7.04 6.22 46.05
CA ARG C 2 -7.70 6.46 44.71
C ARG C 2 -8.87 7.45 44.76
N LEU C 3 -8.61 8.66 44.29
CA LEU C 3 -9.63 9.68 44.02
C LEU C 3 -9.75 10.02 42.52
N SER C 4 -10.90 10.53 42.09
CA SER C 4 -11.19 10.67 40.67
C SER C 4 -11.70 12.07 40.32
N TRP C 5 -10.82 12.85 39.70
CA TRP C 5 -11.03 14.25 39.46
C TRP C 5 -11.19 14.56 37.99
N VAL C 6 -12.16 15.42 37.68
CA VAL C 6 -12.42 15.86 36.32
C VAL C 6 -12.56 17.38 36.31
N ILE C 7 -11.89 18.02 35.36
CA ILE C 7 -12.13 19.42 35.00
C ILE C 7 -12.61 19.41 33.55
N GLY C 8 -13.58 20.28 33.22
CA GLY C 8 -14.18 20.31 31.88
C GLY C 8 -14.65 21.67 31.43
N GLY C 9 -14.68 21.85 30.11
CA GLY C 9 -15.20 23.05 29.48
C GLY C 9 -14.83 23.13 28.01
N ALA C 10 -14.91 24.33 27.44
CA ALA C 10 -14.65 24.54 26.02
C ALA C 10 -13.16 24.54 25.71
N GLN C 11 -12.77 24.06 24.53
CA GLN C 11 -11.36 24.07 24.13
C GLN C 11 -10.81 25.49 24.05
N GLY C 12 -9.49 25.61 24.12
CA GLY C 12 -8.80 26.91 24.18
C GLY C 12 -9.38 27.88 25.20
N THR C 13 -9.64 27.38 26.41
CA THR C 13 -10.24 28.18 27.48
C THR C 13 -9.44 27.95 28.77
N GLY C 14 -8.12 27.78 28.62
CA GLY C 14 -7.19 27.48 29.74
C GLY C 14 -7.41 26.20 30.54
N ILE C 15 -8.29 25.33 30.05
CA ILE C 15 -8.55 24.04 30.65
C ILE C 15 -7.59 23.09 29.97
N ASP C 16 -6.44 22.94 30.59
CA ASP C 16 -5.31 22.13 30.11
C ASP C 16 -4.11 22.59 30.90
N THR C 17 -3.91 23.91 30.95
CA THR C 17 -2.95 24.55 31.84
C THR C 17 -3.48 24.40 33.29
N ALA C 18 -4.77 24.67 33.47
CA ALA C 18 -5.44 24.43 34.75
C ALA C 18 -5.21 23.00 35.25
N ALA C 19 -5.51 22.05 34.37
CA ALA C 19 -5.25 20.63 34.63
C ALA C 19 -3.76 20.34 34.87
N ASN C 20 -2.89 20.91 34.03
CA ASN C 20 -1.45 20.75 34.23
C ASN C 20 -1.07 21.10 35.67
N ILE C 21 -1.40 22.34 36.07
CA ILE C 21 -1.04 22.89 37.39
C ILE C 21 -1.55 22.05 38.55
N PHE C 22 -2.85 21.78 38.56
CA PHE C 22 -3.44 20.88 39.56
C PHE C 22 -2.57 19.65 39.73
N GLY C 23 -2.30 18.98 38.61
CA GLY C 23 -1.51 17.77 38.58
C GLY C 23 -0.08 17.93 39.01
N ASN C 24 0.59 18.99 38.59
CA ASN C 24 1.93 19.27 39.15
C ASN C 24 1.79 19.40 40.66
N ALA C 25 0.91 20.28 41.12
CA ALA C 25 0.72 20.55 42.55
C ALA C 25 0.52 19.26 43.34
N VAL C 26 -0.57 18.55 43.07
CA VAL C 26 -0.88 17.29 43.75
C VAL C 26 0.28 16.26 43.67
N ALA C 27 1.04 16.22 42.56
CA ALA C 27 2.12 15.20 42.41
C ALA C 27 3.39 15.50 43.20
N SER C 28 3.85 16.75 43.16
CA SER C 28 5.00 17.25 43.95
C SER C 28 4.87 17.12 45.49
N ALA C 29 3.63 17.13 45.97
CA ALA C 29 3.29 16.74 47.36
C ALA C 29 3.70 15.31 47.69
N GLY C 30 3.66 14.43 46.68
CA GLY C 30 4.08 13.03 46.83
C GLY C 30 3.08 11.99 46.34
N TYR C 31 1.93 12.42 45.86
CA TYR C 31 0.96 11.50 45.25
C TYR C 31 1.26 11.12 43.80
N TYR C 32 0.60 10.06 43.32
CA TYR C 32 0.72 9.58 41.93
C TYR C 32 -0.47 10.05 41.08
N ILE C 33 -0.24 10.43 39.82
CA ILE C 33 -1.32 10.76 38.86
C ILE C 33 -1.24 9.91 37.60
N TYR C 34 -2.40 9.41 37.16
CA TYR C 34 -2.64 9.02 35.78
C TYR C 34 -3.66 9.99 35.23
N GLY C 35 -3.23 10.83 34.27
CA GLY C 35 -4.15 11.72 33.54
C GLY C 35 -4.42 11.34 32.09
N ASN C 36 -5.57 11.77 31.57
CA ASN C 36 -5.97 11.57 30.19
C ASN C 36 -6.97 12.62 29.70
N ARG C 37 -6.81 13.08 28.45
CA ARG C 37 -7.71 14.09 27.86
C ARG C 37 -8.63 13.49 26.78
N GLU C 38 -9.85 13.99 26.71
CA GLU C 38 -10.87 13.51 25.77
C GLU C 38 -11.43 14.74 25.04
N TYR C 39 -11.44 14.69 23.71
CA TYR C 39 -11.71 15.87 22.89
C TYR C 39 -12.21 15.48 21.50
N TYR C 40 -12.82 16.45 20.82
CA TYR C 40 -13.41 16.28 19.48
C TYR C 40 -12.46 16.91 18.43
N SER C 41 -12.69 16.60 17.15
CA SER C 41 -11.86 17.08 16.02
C SER C 41 -12.14 18.56 15.64
N ASN C 42 -11.60 19.49 16.44
CA ASN C 42 -11.66 20.94 16.19
C ASN C 42 -10.30 21.56 16.54
N GLY C 45 -13.35 24.97 20.13
CA GLY C 45 -14.79 25.24 20.25
C GLY C 45 -15.56 24.22 21.07
N ARG C 46 -15.44 22.94 20.69
CA ARG C 46 -16.19 21.82 21.29
C ARG C 46 -15.81 21.58 22.77
N HIS C 47 -16.43 20.58 23.39
CA HIS C 47 -16.16 20.29 24.79
C HIS C 47 -15.07 19.24 24.95
N SER C 48 -14.14 19.53 25.86
CA SER C 48 -13.20 18.54 26.34
C SER C 48 -13.17 18.52 27.86
N TYR C 49 -12.65 17.43 28.41
CA TYR C 49 -12.35 17.36 29.83
C TYR C 49 -11.08 16.55 30.10
N PHE C 50 -10.49 16.77 31.27
CA PHE C 50 -9.34 16.00 31.75
C PHE C 50 -9.79 15.19 32.93
N SER C 51 -9.50 13.89 32.91
CA SER C 51 -9.84 13.02 34.00
C SER C 51 -8.54 12.54 34.56
N LEU C 52 -8.33 12.72 35.85
CA LEU C 52 -7.19 12.08 36.51
C LEU C 52 -7.61 11.37 37.76
N THR C 53 -6.76 10.42 38.14
CA THR C 53 -6.93 9.66 39.33
C THR C 53 -5.75 10.03 40.14
N ILE C 54 -5.98 10.29 41.45
CA ILE C 54 -4.94 10.65 42.43
C ILE C 54 -4.85 9.50 43.40
N SER C 55 -3.64 9.01 43.68
CA SER C 55 -3.50 7.88 44.62
C SER C 55 -2.13 7.76 45.30
N ASP C 56 -2.09 6.90 46.30
CA ASP C 56 -0.91 6.72 47.16
C ASP C 56 0.16 5.95 46.41
N LYS C 57 -0.27 4.94 45.64
CA LYS C 57 0.63 4.06 44.85
C LYS C 57 0.47 4.31 43.33
N ARG C 58 1.26 3.58 42.54
CA ARG C 58 1.25 3.74 41.09
C ARG C 58 -0.14 3.46 40.52
N VAL C 59 -0.60 4.39 39.68
CA VAL C 59 -1.96 4.34 39.14
C VAL C 59 -1.88 4.34 37.60
N ARG C 60 -2.55 3.36 36.96
CA ARG C 60 -2.48 3.15 35.49
C ARG C 60 -3.85 3.12 34.78
N SER C 61 -4.81 3.89 35.29
CA SER C 61 -6.18 3.88 34.75
C SER C 61 -7.00 5.07 35.23
N ASN C 62 -8.18 5.21 34.62
CA ASN C 62 -9.19 6.19 35.00
C ASN C 62 -10.52 5.47 35.26
N THR C 63 -11.52 6.23 35.70
CA THR C 63 -12.86 5.68 35.98
C THR C 63 -13.91 6.50 35.23
N GLN C 64 -15.01 5.85 34.89
CA GLN C 64 -16.18 6.53 34.34
C GLN C 64 -16.72 7.49 35.39
N LYS C 65 -16.88 6.98 36.62
CA LYS C 65 -17.38 7.75 37.76
C LYS C 65 -16.37 8.80 38.21
N ILE C 66 -16.90 9.89 38.76
CA ILE C 66 -16.13 11.09 39.08
C ILE C 66 -16.37 11.46 40.55
N ASP C 67 -15.30 11.51 41.34
CA ASP C 67 -15.41 11.95 42.75
C ASP C 67 -15.65 13.45 42.83
N ILE C 68 -14.75 14.21 42.24
CA ILE C 68 -14.88 15.67 42.22
C ILE C 68 -14.97 16.13 40.75
N LEU C 69 -15.94 16.99 40.46
CA LEU C 69 -16.11 17.58 39.14
C LEU C 69 -16.02 19.09 39.24
N VAL C 70 -15.01 19.68 38.60
CA VAL C 70 -14.89 21.14 38.44
C VAL C 70 -15.56 21.57 37.11
N SER C 71 -16.40 22.61 37.15
CA SER C 71 -17.16 23.03 35.98
C SER C 71 -17.49 24.52 36.00
N PHE C 72 -17.40 25.18 34.85
CA PHE C 72 -17.59 26.64 34.68
C PHE C 72 -18.72 27.07 33.73
N ASP C 73 -19.31 26.13 32.99
CA ASP C 73 -20.37 26.40 32.03
C ASP C 73 -21.49 25.38 32.21
N ALA C 74 -22.58 25.53 31.47
CA ALA C 74 -23.71 24.58 31.54
C ALA C 74 -23.39 23.23 30.85
N GLU C 75 -22.66 23.30 29.73
CA GLU C 75 -22.22 22.15 28.93
C GLU C 75 -21.58 21.05 29.79
N THR C 76 -20.56 21.41 30.56
CA THR C 76 -19.83 20.46 31.41
C THR C 76 -20.73 19.80 32.46
N VAL C 77 -21.59 20.59 33.10
CA VAL C 77 -22.53 20.03 34.07
C VAL C 77 -23.38 19.01 33.35
N PHE C 78 -24.00 19.44 32.25
CA PHE C 78 -24.81 18.54 31.41
C PHE C 78 -24.06 17.26 30.98
N GLN C 79 -22.82 17.40 30.55
CA GLN C 79 -22.02 16.25 30.11
C GLN C 79 -21.75 15.21 31.21
N HIS C 80 -21.47 15.70 32.42
CA HIS C 80 -20.94 14.84 33.47
C HIS C 80 -21.79 14.54 34.68
N PHE C 81 -22.91 15.24 34.87
CA PHE C 81 -23.69 15.14 36.13
C PHE C 81 -24.03 13.69 36.48
N TYR C 82 -24.40 12.90 35.47
CA TYR C 82 -24.78 11.49 35.70
C TYR C 82 -23.67 10.63 36.31
N ASP C 83 -22.42 10.94 35.98
CA ASP C 83 -21.26 10.18 36.52
C ASP C 83 -20.74 10.67 37.88
N VAL C 84 -21.22 11.81 38.36
CA VAL C 84 -20.64 12.41 39.59
C VAL C 84 -21.12 11.70 40.86
N LYS C 85 -20.18 11.42 41.75
CA LYS C 85 -20.43 10.69 42.99
C LYS C 85 -20.38 11.57 44.26
N ASP C 86 -19.33 12.39 44.42
CA ASP C 86 -19.13 13.19 45.67
C ASP C 86 -19.36 14.73 45.60
N ILE C 87 -18.44 15.46 44.95
CA ILE C 87 -18.50 16.94 44.86
C ILE C 87 -18.72 17.40 43.44
N LEU C 88 -19.47 18.50 43.30
CA LEU C 88 -19.80 19.09 42.02
C LEU C 88 -19.73 20.60 42.14
N ILE C 89 -18.57 21.13 41.80
CA ILE C 89 -18.31 22.56 41.74
C ILE C 89 -18.91 23.06 40.44
N TYR C 90 -19.68 24.15 40.51
CA TYR C 90 -20.37 24.70 39.34
C TYR C 90 -20.45 26.22 39.37
N ASN C 91 -20.73 26.83 38.22
CA ASN C 91 -20.93 28.28 38.14
C ASN C 91 -22.38 28.62 38.48
N LYS C 92 -22.57 29.51 39.45
CA LYS C 92 -23.90 29.96 39.87
C LYS C 92 -24.63 30.72 38.78
N ALA C 93 -23.88 31.47 37.96
CA ALA C 93 -24.42 32.21 36.82
C ALA C 93 -25.13 31.34 35.75
N VAL C 94 -24.90 30.02 35.75
CA VAL C 94 -25.53 29.09 34.77
C VAL C 94 -26.61 28.13 35.37
N GLU C 95 -27.03 28.41 36.62
CA GLU C 95 -27.98 27.57 37.41
C GLU C 95 -29.33 27.33 36.71
N THR C 96 -29.75 28.27 35.86
CA THR C 96 -31.06 28.26 35.17
C THR C 96 -30.94 28.21 33.64
N THR C 97 -29.98 27.44 33.13
CA THR C 97 -29.78 27.30 31.68
C THR C 97 -30.47 26.02 31.19
N LYS C 98 -31.16 26.15 30.05
CA LYS C 98 -31.84 25.03 29.40
C LYS C 98 -30.93 24.40 28.33
N ILE C 99 -31.22 23.15 28.01
CA ILE C 99 -30.60 22.49 26.86
C ILE C 99 -31.15 23.08 25.54
N GLU C 108 -27.17 15.12 19.36
CA GLU C 108 -27.68 13.79 19.69
C GLU C 108 -27.42 13.42 21.13
N LEU C 109 -26.18 13.63 21.58
CA LEU C 109 -25.85 13.55 23.01
C LEU C 109 -26.83 14.39 23.84
N ALA C 110 -27.16 15.59 23.34
CA ALA C 110 -28.13 16.49 23.95
C ALA C 110 -29.55 15.90 24.01
N GLU C 111 -29.99 15.29 22.91
CA GLU C 111 -31.28 14.58 22.87
C GLU C 111 -31.36 13.54 24.01
N ARG C 112 -30.34 12.70 24.13
CA ARG C 112 -30.36 11.64 25.15
C ARG C 112 -30.29 12.21 26.57
N ILE C 113 -29.65 13.36 26.72
CA ILE C 113 -29.58 14.06 28.02
C ILE C 113 -30.93 14.70 28.37
N LYS C 114 -31.72 15.10 27.38
CA LYS C 114 -33.10 15.59 27.62
C LYS C 114 -33.96 14.65 28.49
N ASP C 115 -33.55 13.39 28.63
CA ASP C 115 -34.16 12.43 29.57
C ASP C 115 -33.17 11.28 29.94
N PHE C 116 -32.48 11.40 31.09
CA PHE C 116 -31.45 10.40 31.51
C PHE C 116 -31.10 10.57 32.99
N VAL C 126 -30.03 22.90 33.67
CA VAL C 126 -28.92 22.68 34.60
C VAL C 126 -29.42 22.42 36.01
N LYS C 127 -30.36 23.26 36.43
CA LYS C 127 -31.09 23.13 37.69
C LYS C 127 -31.59 21.69 37.83
N GLY C 128 -32.32 21.22 36.81
CA GLY C 128 -32.80 19.83 36.74
C GLY C 128 -31.69 18.78 36.94
N ALA C 129 -30.53 19.03 36.33
CA ALA C 129 -29.34 18.19 36.52
C ALA C 129 -28.78 18.24 37.95
N LEU C 130 -28.80 19.40 38.60
CA LEU C 130 -28.42 19.51 40.01
C LEU C 130 -29.50 18.91 40.94
N GLU C 131 -30.78 19.18 40.64
CA GLU C 131 -31.96 18.45 41.20
C GLU C 131 -31.55 16.96 41.28
N TYR C 132 -31.22 16.37 40.12
CA TYR C 132 -30.77 14.96 40.04
C TYR C 132 -29.57 14.62 40.93
N ALA C 133 -28.52 15.44 40.88
CA ALA C 133 -27.26 15.14 41.60
C ALA C 133 -27.42 15.17 43.13
N SER C 134 -28.25 16.11 43.61
CA SER C 134 -28.64 16.20 45.03
C SER C 134 -29.14 14.89 45.63
N LYS C 135 -30.01 14.19 44.89
CA LYS C 135 -30.75 13.03 45.42
C LYS C 135 -29.89 11.76 45.60
N ASN C 137 -26.46 10.98 45.60
CA ASN C 137 -26.61 12.21 46.40
C ASN C 137 -25.29 13.00 46.61
N VAL C 138 -25.22 14.19 46.02
CA VAL C 138 -23.96 14.93 45.82
C VAL C 138 -23.93 16.29 46.53
N THR C 139 -22.82 16.56 47.22
CA THR C 139 -22.57 17.90 47.78
C THR C 139 -22.31 18.87 46.64
N LEU C 140 -22.97 20.02 46.72
CA LEU C 140 -23.21 20.88 45.58
C LEU C 140 -22.61 22.25 45.86
N ILE C 141 -21.47 22.57 45.24
CA ILE C 141 -20.73 23.81 45.50
C ILE C 141 -20.93 24.86 44.38
N PRO C 142 -21.92 25.78 44.54
CA PRO C 142 -21.96 26.93 43.62
C PRO C 142 -20.81 27.93 43.89
N VAL C 143 -20.41 28.66 42.86
CA VAL C 143 -19.28 29.58 42.91
C VAL C 143 -19.65 30.90 42.23
N ASN C 144 -19.29 32.02 42.84
CA ASN C 144 -19.55 33.36 42.25
C ASN C 144 -18.34 33.70 41.38
N TYR C 145 -18.18 32.95 40.29
CA TYR C 145 -17.01 33.04 39.42
C TYR C 145 -16.90 34.44 38.88
N ASP C 146 -18.00 34.95 38.31
CA ASP C 146 -18.02 36.28 37.69
C ASP C 146 -17.67 37.35 38.73
N GLU C 147 -18.19 37.17 39.95
CA GLU C 147 -17.99 38.10 41.07
C GLU C 147 -16.55 38.06 41.61
N ILE C 148 -16.04 36.86 41.88
CA ILE C 148 -14.63 36.69 42.31
C ILE C 148 -13.65 37.42 41.38
N ALA C 149 -13.88 37.32 40.07
CA ALA C 149 -13.03 37.94 39.04
C ALA C 149 -13.09 39.49 39.04
N LYS C 150 -14.27 40.06 39.31
CA LYS C 150 -14.40 41.53 39.44
C LYS C 150 -13.62 42.03 40.67
N LYS C 151 -13.59 41.23 41.73
CA LYS C 151 -12.78 41.55 42.93
C LYS C 151 -11.27 41.42 42.71
N VAL C 152 -10.87 40.72 41.67
CA VAL C 152 -9.50 40.84 41.14
C VAL C 152 -9.56 41.94 40.04
N ALA C 153 -9.60 43.20 40.46
CA ALA C 153 -9.66 44.41 39.57
C ALA C 153 -10.05 45.66 40.40
N ASP C 154 -9.32 46.78 40.34
CA ASP C 154 -8.15 47.07 39.46
C ASP C 154 -6.97 46.08 39.49
N GLU C 155 -6.82 45.41 40.65
CA GLU C 155 -5.92 44.24 40.83
C GLU C 155 -5.86 43.34 39.59
N ARG C 165 -10.37 34.61 32.02
CA ARG C 165 -9.93 33.21 32.08
C ARG C 165 -9.32 32.85 33.45
N VAL C 166 -10.03 33.26 34.48
CA VAL C 166 -9.54 33.21 35.88
C VAL C 166 -10.43 32.32 36.79
N LYS C 167 -11.66 32.04 36.33
CA LYS C 167 -12.46 30.92 36.83
C LYS C 167 -11.62 29.65 37.02
N ASN C 168 -10.73 29.38 36.05
CA ASN C 168 -9.86 28.19 36.04
C ASN C 168 -9.10 27.97 37.34
N ILE C 169 -8.56 29.03 37.89
CA ILE C 169 -7.71 28.94 39.09
C ILE C 169 -8.54 28.62 40.37
N VAL C 170 -9.87 28.77 40.34
CA VAL C 170 -10.69 28.54 41.54
C VAL C 170 -12.15 28.09 41.32
N GLY C 171 -12.42 26.87 40.84
CA GLY C 171 -11.51 26.08 40.03
C GLY C 171 -10.62 25.07 40.73
N ILE C 172 -9.35 25.09 40.33
CA ILE C 172 -8.37 24.15 40.83
C ILE C 172 -8.05 24.36 42.31
N THR C 173 -8.27 25.58 42.81
CA THR C 173 -8.04 25.93 44.22
C THR C 173 -9.09 25.33 45.17
N ILE C 174 -10.36 25.56 44.88
CA ILE C 174 -11.45 24.96 45.67
C ILE C 174 -11.24 23.46 45.87
N SER C 175 -11.06 22.74 44.75
CA SER C 175 -10.86 21.28 44.77
C SER C 175 -9.54 20.87 45.43
N TYR C 176 -8.53 21.73 45.33
CA TYR C 176 -7.25 21.46 45.99
C TYR C 176 -7.33 21.58 47.51
N LYS C 177 -8.06 22.56 48.04
CA LYS C 177 -8.29 22.65 49.50
C LYS C 177 -9.23 21.54 49.96
N LEU C 178 -10.23 21.22 49.15
CA LEU C 178 -10.96 19.96 49.33
C LEU C 178 -10.04 18.79 49.70
N LEU C 179 -8.92 18.63 48.99
CA LEU C 179 -7.97 17.53 49.24
C LEU C 179 -7.26 17.63 50.59
N GLY C 180 -7.13 18.85 51.11
CA GLY C 180 -6.53 19.09 52.43
C GLY C 180 -5.02 18.96 52.37
N LEU C 181 -4.42 19.61 51.38
CA LEU C 181 -2.97 19.59 51.20
C LEU C 181 -2.54 21.04 51.28
N ASP C 182 -1.26 21.30 51.56
CA ASP C 182 -0.85 22.68 51.87
C ASP C 182 -0.67 23.55 50.63
N VAL C 183 -1.38 24.68 50.64
CA VAL C 183 -1.35 25.67 49.57
C VAL C 183 0.07 26.00 49.05
N ASN C 184 1.09 25.85 49.90
CA ASN C 184 2.51 26.04 49.50
C ASN C 184 2.90 25.32 48.19
N TYR C 185 2.39 24.10 48.01
CA TYR C 185 2.64 23.29 46.80
C TYR C 185 1.92 23.76 45.52
N LEU C 186 0.74 24.33 45.70
CA LEU C 186 -0.05 24.81 44.59
C LEU C 186 0.28 26.23 44.15
N ILE C 187 0.96 26.97 45.02
CA ILE C 187 1.44 28.30 44.66
C ILE C 187 2.71 28.08 43.87
N GLU C 188 3.54 27.15 44.35
CA GLU C 188 4.72 26.70 43.62
C GLU C 188 4.36 26.43 42.15
N ALA C 189 3.35 25.58 41.94
CA ALA C 189 2.99 25.14 40.59
C ALA C 189 2.51 26.29 39.70
N ILE C 190 1.74 27.21 40.28
CA ILE C 190 1.23 28.36 39.50
C ILE C 190 2.38 29.25 39.04
N ASN C 191 3.33 29.51 39.95
CA ASN C 191 4.49 30.35 39.63
C ASN C 191 5.42 29.79 38.54
N SER C 192 5.59 28.46 38.51
CA SER C 192 6.37 27.79 37.44
C SER C 192 5.58 27.58 36.11
N THR C 193 4.64 28.49 35.80
CA THR C 193 3.94 28.52 34.51
C THR C 193 3.83 29.97 33.99
N SER C 210 -11.05 32.66 47.71
CA SER C 210 -10.80 31.55 46.79
C SER C 210 -10.54 30.26 47.57
N TYR C 211 -9.39 30.25 48.25
CA TYR C 211 -8.93 29.12 49.03
C TYR C 211 -9.95 28.71 50.08
N ASP C 212 -10.43 29.68 50.84
CA ASP C 212 -11.33 29.40 51.96
C ASP C 212 -12.82 29.43 51.64
N ILE C 213 -13.17 29.65 50.36
CA ILE C 213 -14.56 29.48 49.89
C ILE C 213 -15.17 28.21 50.48
N VAL C 214 -14.40 27.12 50.47
CA VAL C 214 -14.84 25.81 50.99
C VAL C 214 -13.93 25.38 52.11
N GLU C 215 -14.35 24.31 52.80
CA GLU C 215 -13.54 23.71 53.85
C GLU C 215 -13.02 22.35 53.40
N SER C 216 -11.95 21.89 54.05
CA SER C 216 -11.25 20.68 53.64
C SER C 216 -12.05 19.40 53.91
N ARG C 217 -12.21 18.59 52.87
CA ARG C 217 -13.00 17.36 52.90
C ARG C 217 -12.15 16.13 53.17
N TYR C 218 -11.14 15.90 52.33
CA TYR C 218 -10.26 14.72 52.46
C TYR C 218 -9.03 15.08 53.29
N ARG C 227 11.55 9.37 46.36
CA ARG C 227 11.83 8.73 45.08
C ARG C 227 11.73 9.74 43.93
N ARG C 228 12.64 9.61 42.96
CA ARG C 228 12.71 10.52 41.80
C ARG C 228 11.71 10.08 40.72
N ARG C 229 10.95 11.02 40.16
CA ARG C 229 9.79 10.68 39.31
C ARG C 229 9.64 11.60 38.11
N PHE C 230 9.07 11.07 37.03
CA PHE C 230 8.95 11.78 35.74
C PHE C 230 7.54 11.82 35.15
N TRP C 231 7.19 12.96 34.54
CA TRP C 231 5.97 13.13 33.74
C TRP C 231 6.25 12.66 32.34
N LEU C 232 5.64 11.54 31.96
CA LEU C 232 5.78 11.00 30.61
C LEU C 232 4.39 10.76 30.02
N ASP C 233 4.15 11.29 28.81
CA ASP C 233 3.15 10.71 27.89
C ASP C 233 3.78 9.68 26.92
N GLY C 234 2.95 8.93 26.22
CA GLY C 234 3.42 7.87 25.30
C GLY C 234 4.30 8.37 24.16
N ASN C 235 3.93 9.50 23.55
CA ASN C 235 4.72 10.15 22.50
C ASN C 235 6.08 10.56 23.02
N THR C 236 6.08 11.22 24.17
CA THR C 236 7.31 11.68 24.78
C THR C 236 8.19 10.49 25.17
N ALA C 237 7.58 9.44 25.69
CA ALA C 237 8.36 8.27 26.13
C ALA C 237 9.04 7.57 24.95
N VAL C 238 8.34 7.51 23.80
CA VAL C 238 8.88 6.94 22.58
C VAL C 238 9.95 7.86 22.02
N ALA C 239 9.65 9.15 21.95
CA ALA C 239 10.62 10.12 21.44
C ALA C 239 11.98 9.99 22.14
N ILE C 240 11.92 9.86 23.45
CA ILE C 240 13.11 9.81 24.31
C ILE C 240 13.76 8.43 24.21
N GLY C 241 12.97 7.39 24.04
CA GLY C 241 13.54 6.07 23.71
C GLY C 241 14.36 6.06 22.44
N LYS C 242 13.84 6.69 21.38
CA LYS C 242 14.47 6.72 20.09
C LYS C 242 15.74 7.54 20.10
N ILE C 243 15.68 8.74 20.69
CA ILE C 243 16.86 9.60 20.88
C ILE C 243 17.97 8.79 21.60
N TYR C 244 17.61 8.21 22.75
CA TYR C 244 18.55 7.43 23.55
C TYR C 244 19.01 6.18 22.80
N GLY C 245 18.08 5.59 22.06
CA GLY C 245 18.36 4.38 21.28
C GLY C 245 19.26 4.55 20.07
N GLY C 246 19.49 5.79 19.67
CA GLY C 246 20.43 6.07 18.58
C GLY C 246 19.82 6.46 17.23
N VAL C 247 18.53 6.79 17.19
CA VAL C 247 17.87 7.19 15.98
C VAL C 247 18.51 8.47 15.47
N ARG C 248 19.08 8.46 14.29
CA ARG C 248 19.62 9.70 13.78
C ARG C 248 18.90 10.21 12.55
N PHE C 249 17.84 9.51 12.15
CA PHE C 249 16.99 9.86 11.04
C PHE C 249 15.56 9.40 11.33
N GLN C 250 14.66 10.37 11.46
CA GLN C 250 13.23 10.15 11.58
C GLN C 250 12.55 10.91 10.44
N SER C 251 11.76 10.21 9.62
CA SER C 251 10.91 10.86 8.66
C SER C 251 9.45 10.56 8.97
N TYR C 252 8.55 11.49 8.65
CA TYR C 252 7.15 11.33 9.01
C TYR C 252 6.25 12.23 8.20
N TYR C 253 4.98 11.85 8.14
CA TYR C 253 3.91 12.69 7.67
C TYR C 253 3.05 12.99 8.88
N PRO C 254 2.66 14.26 9.12
CA PRO C 254 1.75 14.68 10.22
C PRO C 254 0.44 13.89 10.34
N ILE C 255 0.20 13.30 11.49
CA ILE C 255 -1.05 12.57 11.69
C ILE C 255 -1.26 12.52 13.21
N THR C 256 -2.52 12.68 13.62
CA THR C 256 -2.88 13.25 14.93
C THR C 256 -2.08 12.74 16.09
N PRO C 257 -2.10 11.39 16.28
CA PRO C 257 -1.44 10.92 17.51
C PRO C 257 0.08 10.99 17.42
N ALA C 258 0.64 10.91 16.21
CA ALA C 258 2.08 10.68 16.01
C ALA C 258 2.96 11.91 15.71
N SER C 259 2.37 13.04 15.32
CA SER C 259 3.16 14.25 15.02
C SER C 259 3.98 14.69 16.23
N ASP C 260 3.34 14.68 17.42
CA ASP C 260 3.95 15.14 18.67
C ASP C 260 5.28 14.48 18.96
N GLU C 261 5.38 13.19 18.65
CA GLU C 261 6.63 12.48 18.81
C GLU C 261 7.73 13.11 17.96
N SER C 262 7.47 13.24 16.66
CA SER C 262 8.49 13.83 15.76
C SER C 262 8.76 15.30 16.08
N VAL C 263 7.76 16.01 16.60
CA VAL C 263 7.89 17.41 16.98
C VAL C 263 8.81 17.53 18.18
N TYR C 264 8.76 16.55 19.07
CA TYR C 264 9.66 16.52 20.20
C TYR C 264 11.08 16.17 19.72
N ILE C 265 11.23 15.13 18.91
CA ILE C 265 12.55 14.79 18.37
C ILE C 265 13.19 15.98 17.65
N GLU C 266 12.46 16.69 16.79
CA GLU C 266 13.01 17.88 16.10
C GLU C 266 13.41 19.00 17.07
N ALA C 267 12.55 19.32 18.03
CA ALA C 267 12.90 20.26 19.11
C ALA C 267 14.19 19.89 19.84
N HIS C 268 14.47 18.59 19.98
CA HIS C 268 15.70 18.10 20.64
C HIS C 268 16.68 17.44 19.68
N GLN C 269 16.66 17.84 18.41
CA GLN C 269 17.59 17.27 17.42
C GLN C 269 19.10 17.52 17.69
N ASP C 270 19.39 18.61 18.42
CA ASP C 270 20.75 18.98 18.84
C ASP C 270 21.14 18.08 20.01
N VAL C 271 21.99 17.11 19.75
CA VAL C 271 22.16 15.96 20.68
C VAL C 271 23.63 15.83 21.08
N LEU C 272 23.87 15.26 22.27
CA LEU C 272 25.19 15.19 22.84
C LEU C 272 25.50 13.75 23.22
N MET C 273 26.65 13.24 22.77
CA MET C 273 27.09 11.86 23.01
C MET C 273 28.44 11.76 23.72
N GLU C 274 28.55 10.87 24.71
CA GLU C 274 29.76 10.69 25.52
C GLU C 274 30.55 9.46 25.04
N ASP C 275 31.60 9.10 25.79
CA ASP C 275 32.32 7.85 25.62
C ASP C 275 32.61 7.32 27.03
N PRO C 276 32.31 6.05 27.32
CA PRO C 276 32.64 5.53 28.66
C PRO C 276 34.13 5.60 29.02
N ILE C 277 34.98 5.27 28.05
CA ILE C 277 36.45 5.36 28.21
C ILE C 277 36.96 6.80 28.50
N THR C 278 37.16 7.61 27.45
CA THR C 278 37.74 8.95 27.61
C THR C 278 36.83 9.97 28.34
N GLY C 279 35.52 9.81 28.23
CA GLY C 279 34.55 10.81 28.73
C GLY C 279 34.39 12.01 27.80
N ASP C 280 34.95 11.90 26.60
CA ASP C 280 34.98 12.97 25.61
C ASP C 280 33.57 13.13 25.02
N LYS C 281 32.92 14.26 25.31
CA LYS C 281 31.58 14.50 24.80
C LYS C 281 31.64 15.07 23.38
N LYS C 282 30.70 14.61 22.52
CA LYS C 282 30.61 15.03 21.11
C LYS C 282 29.17 15.45 20.72
N LYS C 283 29.08 16.50 19.93
CA LYS C 283 27.84 17.09 19.47
C LYS C 283 27.33 16.43 18.20
N GLY C 284 26.08 16.00 18.23
CA GLY C 284 25.40 15.36 17.10
C GLY C 284 24.10 16.03 16.73
N THR C 285 23.49 15.48 15.68
CA THR C 285 22.30 16.04 15.07
C THR C 285 21.41 14.93 14.57
N ILE C 286 20.15 14.99 14.95
CA ILE C 286 19.14 14.08 14.43
C ILE C 286 18.45 14.77 13.27
N VAL C 287 18.56 14.19 12.07
CA VAL C 287 17.84 14.69 10.89
C VAL C 287 16.39 14.27 10.97
N VAL C 288 15.49 15.22 10.88
CA VAL C 288 14.05 14.94 10.92
C VAL C 288 13.48 15.55 9.66
N VAL C 289 12.88 14.72 8.82
CA VAL C 289 12.27 15.17 7.58
C VAL C 289 10.76 14.98 7.62
N GLN C 290 10.04 16.06 7.32
CA GLN C 290 8.63 15.99 7.09
C GLN C 290 8.47 15.60 5.63
N ALA C 291 8.03 14.39 5.39
CA ALA C 291 7.86 13.90 4.05
C ALA C 291 6.61 14.50 3.41
N GLU C 292 6.54 14.32 2.10
CA GLU C 292 5.43 14.80 1.28
C GLU C 292 4.20 13.90 1.49
N ASP C 293 4.42 12.64 1.83
CA ASP C 293 3.35 11.71 2.17
C ASP C 293 3.97 10.53 2.94
N GLU C 294 3.13 9.62 3.41
CA GLU C 294 3.59 8.43 4.11
C GLU C 294 4.37 7.48 3.24
N LEU C 295 4.08 7.43 1.94
CA LEU C 295 4.92 6.63 1.01
C LEU C 295 6.37 7.14 1.03
N ALA C 296 6.54 8.43 0.94
CA ALA C 296 7.87 9.00 1.02
C ALA C 296 8.51 8.72 2.35
N ALA C 297 7.75 8.81 3.42
CA ALA C 297 8.25 8.65 4.80
C ALA C 297 8.99 7.35 5.04
N ILE C 298 8.32 6.21 4.84
CA ILE C 298 9.03 4.91 4.98
C ILE C 298 10.20 4.78 4.00
N ASN C 299 10.00 5.21 2.75
CA ASN C 299 11.03 5.04 1.74
C ASN C 299 12.29 5.88 2.08
N MET C 300 12.13 7.10 2.53
CA MET C 300 13.27 7.80 3.09
C MET C 300 13.96 7.03 4.22
N ALA C 301 13.19 6.53 5.19
CA ALA C 301 13.75 5.84 6.36
C ALA C 301 14.56 4.66 5.94
N ILE C 302 14.04 3.90 4.96
CA ILE C 302 14.68 2.71 4.46
C ILE C 302 15.98 3.10 3.76
N GLY C 303 15.89 4.08 2.88
CA GLY C 303 17.07 4.69 2.29
C GLY C 303 18.10 5.00 3.36
N ALA C 304 17.70 5.73 4.40
CA ALA C 304 18.66 6.12 5.42
C ALA C 304 19.28 4.89 6.13
N ALA C 305 18.50 3.84 6.38
CA ALA C 305 18.99 2.65 7.08
C ALA C 305 20.12 1.91 6.36
N LEU C 306 20.11 1.95 5.03
CA LEU C 306 21.16 1.35 4.17
C LEU C 306 22.55 1.98 4.35
N THR C 307 22.50 3.17 4.91
CA THR C 307 23.64 3.98 5.26
C THR C 307 24.29 3.54 6.58
N GLY C 308 23.51 2.91 7.48
CA GLY C 308 24.01 2.46 8.78
C GLY C 308 23.36 3.19 9.93
N VAL C 309 22.66 4.26 9.63
CA VAL C 309 21.98 5.05 10.65
C VAL C 309 20.79 4.24 11.12
N ARG C 310 20.39 4.41 12.37
CA ARG C 310 19.12 3.88 12.85
C ARG C 310 18.04 4.88 12.44
N ALA C 311 17.13 4.40 11.61
CA ALA C 311 16.08 5.20 11.07
C ALA C 311 14.73 4.72 11.55
N ALA C 312 13.80 5.65 11.65
CA ALA C 312 12.47 5.31 12.06
C ALA C 312 11.44 6.20 11.48
N THR C 313 10.20 5.81 11.70
CA THR C 313 9.08 6.67 11.43
C THR C 313 7.94 6.40 12.41
N ALA C 314 6.96 7.27 12.37
CA ALA C 314 5.80 7.20 13.24
C ALA C 314 4.57 7.62 12.43
N THR C 315 3.55 6.79 12.49
CA THR C 315 2.36 7.05 11.78
C THR C 315 1.22 6.53 12.57
N SER C 316 0.03 6.68 12.02
CA SER C 316 -1.17 6.01 12.52
C SER C 316 -1.89 5.33 11.36
N GLY C 317 -3.03 4.71 11.62
CA GLY C 317 -3.63 3.69 10.73
C GLY C 317 -3.69 4.02 9.23
N PRO C 318 -4.45 5.07 8.87
CA PRO C 318 -4.45 5.55 7.49
C PRO C 318 -3.05 5.53 6.88
N GLY C 319 -2.07 6.01 7.66
CA GLY C 319 -0.69 6.09 7.23
C GLY C 319 -0.01 4.76 7.07
N PHE C 320 -0.28 3.85 7.99
CA PHE C 320 0.36 2.55 7.92
C PHE C 320 -0.03 1.79 6.68
N SER C 321 -1.27 1.99 6.26
CA SER C 321 -1.80 1.34 5.08
C SER C 321 -1.03 1.79 3.86
N LEU C 322 -0.65 3.07 3.85
CA LEU C 322 0.21 3.56 2.77
C LEU C 322 1.67 3.03 2.78
N MET C 323 2.17 2.61 3.94
CA MET C 323 3.54 2.11 4.06
C MET C 323 3.77 0.64 3.78
N VAL C 324 2.72 -0.08 3.48
CA VAL C 324 2.80 -1.52 3.28
C VAL C 324 3.75 -1.89 2.15
N GLU C 325 3.77 -1.14 1.06
CA GLU C 325 4.70 -1.45 -0.02
C GLU C 325 6.14 -1.33 0.46
N GLY C 326 6.46 -0.25 1.17
CA GLY C 326 7.83 -0.03 1.63
C GLY C 326 8.26 -1.11 2.59
N LEU C 327 7.33 -1.56 3.38
CA LEU C 327 7.56 -2.57 4.38
C LEU C 327 8.06 -3.82 3.75
N GLY C 328 7.43 -4.19 2.62
CA GLY C 328 7.80 -5.34 1.81
C GLY C 328 9.17 -5.27 1.19
N TRP C 329 9.60 -4.09 0.81
CA TRP C 329 10.92 -3.89 0.26
C TRP C 329 11.96 -4.09 1.36
N ALA C 330 11.78 -3.42 2.49
CA ALA C 330 12.61 -3.62 3.69
C ALA C 330 12.74 -5.08 4.15
N GLY C 331 11.64 -5.82 4.10
CA GLY C 331 11.63 -7.24 4.42
C GLY C 331 12.40 -8.07 3.39
N MET C 332 12.11 -7.87 2.11
CA MET C 332 12.88 -8.44 0.98
C MET C 332 14.38 -8.13 1.01
N ASN C 333 14.74 -6.93 1.45
CA ASN C 333 16.16 -6.49 1.49
C ASN C 333 16.83 -6.49 2.87
N GLU C 334 16.13 -7.02 3.87
CA GLU C 334 16.69 -7.29 5.18
C GLU C 334 17.17 -6.02 5.82
N VAL C 335 16.32 -4.99 5.78
CA VAL C 335 16.63 -3.66 6.27
C VAL C 335 16.07 -3.39 7.67
N PRO C 336 16.92 -2.96 8.63
CA PRO C 336 16.38 -2.57 9.92
C PRO C 336 15.69 -1.23 9.76
N VAL C 337 14.50 -1.14 10.32
CA VAL C 337 13.73 0.07 10.32
C VAL C 337 12.61 -0.21 11.28
N VAL C 338 12.25 0.78 12.09
CA VAL C 338 11.11 0.64 12.99
C VAL C 338 10.03 1.64 12.65
N ILE C 339 8.79 1.18 12.71
CA ILE C 339 7.63 2.01 12.56
C ILE C 339 6.90 2.08 13.90
N THR C 340 6.68 3.27 14.42
CA THR C 340 5.82 3.39 15.59
C THR C 340 4.39 3.53 15.07
N TYR C 341 3.54 2.56 15.39
CA TYR C 341 2.19 2.51 14.88
C TYR C 341 1.26 2.83 16.02
N TYR C 342 0.75 4.05 16.00
CA TYR C 342 -0.21 4.54 16.92
C TYR C 342 -1.58 4.10 16.51
N ILE C 343 -2.19 3.21 17.30
CA ILE C 343 -3.52 2.70 16.94
C ILE C 343 -4.60 3.67 17.35
N ARG C 344 -5.34 4.21 16.39
CA ARG C 344 -6.50 5.09 16.66
C ARG C 344 -7.78 4.51 16.09
N GLY C 345 -8.93 5.14 16.37
CA GLY C 345 -10.24 4.65 15.89
C GLY C 345 -10.33 4.62 14.36
N GLY C 346 -10.60 3.46 13.79
CA GLY C 346 -10.78 3.25 12.33
C GLY C 346 -12.15 2.62 12.05
N PRO C 347 -12.38 2.05 10.87
CA PRO C 347 -11.48 2.11 9.73
C PRO C 347 -11.40 3.47 9.04
N SER C 348 -10.54 3.53 8.04
CA SER C 348 -10.37 4.69 7.20
C SER C 348 -9.96 5.88 8.06
N THR C 349 -10.50 7.05 7.81
CA THR C 349 -10.28 8.21 8.67
C THR C 349 -10.74 7.98 10.13
N GLY C 350 -11.86 7.27 10.29
CA GLY C 350 -12.42 6.81 11.59
C GLY C 350 -12.66 7.89 12.64
N LEU C 351 -12.00 7.75 13.77
CA LEU C 351 -12.08 8.68 14.87
C LEU C 351 -10.66 9.12 15.17
N PRO C 352 -10.22 10.20 14.49
CA PRO C 352 -8.83 10.63 14.64
C PRO C 352 -8.37 10.96 16.07
N THR C 353 -9.26 11.49 16.90
CA THR C 353 -8.94 11.85 18.30
C THR C 353 -9.19 10.72 19.32
N ARG C 354 -9.67 9.56 18.86
CA ARG C 354 -10.04 8.41 19.68
C ARG C 354 -9.09 7.21 19.56
N THR C 355 -9.30 6.22 20.42
CA THR C 355 -8.39 5.07 20.55
C THR C 355 -9.07 3.77 20.18
N ALA C 356 -8.27 2.77 19.90
CA ALA C 356 -8.79 1.42 19.65
C ALA C 356 -7.67 0.47 19.74
N GLN C 357 -8.03 -0.81 19.69
CA GLN C 357 -7.07 -1.90 19.55
C GLN C 357 -7.48 -2.70 18.35
N SER C 358 -7.91 -2.00 17.33
CA SER C 358 -8.49 -2.64 16.16
C SER C 358 -7.44 -3.26 15.21
N ASP C 359 -6.20 -2.78 15.27
CA ASP C 359 -5.20 -3.11 14.28
C ASP C 359 -4.17 -4.02 14.89
N LEU C 360 -4.39 -5.31 14.80
CA LEU C 360 -3.43 -6.27 15.29
C LEU C 360 -3.01 -7.31 14.25
N ILE C 361 -3.95 -8.03 13.68
CA ILE C 361 -3.64 -9.06 12.69
C ILE C 361 -3.10 -8.46 11.38
N PHE C 362 -3.68 -7.31 11.00
CA PHE C 362 -3.24 -6.58 9.82
C PHE C 362 -1.75 -6.24 9.89
N PRO C 363 -1.29 -5.56 10.95
CA PRO C 363 0.12 -5.29 11.03
C PRO C 363 1.00 -6.53 11.08
N ILE C 364 0.55 -7.59 11.73
CA ILE C 364 1.32 -8.83 11.74
C ILE C 364 1.42 -9.45 10.33
N PHE C 365 0.37 -9.35 9.54
CA PHE C 365 0.32 -10.05 8.24
C PHE C 365 0.34 -9.13 7.02
N ALA C 366 0.46 -7.83 7.22
CA ALA C 366 0.64 -6.83 6.11
C ALA C 366 1.77 -7.19 5.14
N GLY C 367 1.47 -7.09 3.84
CA GLY C 367 2.43 -7.22 2.75
C GLY C 367 2.15 -8.45 1.97
N HIS C 368 2.47 -8.42 0.70
CA HIS C 368 2.04 -9.40 -0.24
C HIS C 368 2.97 -10.58 -0.61
N GLY C 369 3.98 -10.89 0.14
CA GLY C 369 4.52 -12.27 -0.08
C GLY C 369 4.65 -12.89 1.29
N GLU C 370 5.76 -13.56 1.54
CA GLU C 370 6.13 -13.84 2.94
C GLU C 370 7.50 -13.26 3.27
N PHE C 371 7.58 -12.61 4.43
CA PHE C 371 8.82 -12.04 4.93
C PHE C 371 8.76 -11.84 6.42
N PRO C 372 9.91 -11.94 7.12
CA PRO C 372 9.89 -11.72 8.58
C PRO C 372 9.66 -10.25 8.99
N LYS C 373 8.89 -10.10 10.07
CA LYS C 373 8.71 -8.80 10.68
C LYS C 373 8.42 -9.04 12.14
N ILE C 374 8.89 -8.13 12.97
CA ILE C 374 8.78 -8.33 14.37
C ILE C 374 7.72 -7.33 14.77
N VAL C 375 6.87 -7.71 15.72
CA VAL C 375 5.77 -6.85 16.18
C VAL C 375 5.68 -6.87 17.69
N LEU C 376 5.53 -5.70 18.28
CA LEU C 376 5.82 -5.45 19.70
C LEU C 376 4.74 -4.51 20.21
N ALA C 377 4.21 -4.75 21.40
CA ALA C 377 3.04 -4.02 21.87
C ALA C 377 3.20 -3.51 23.27
N SER C 378 3.23 -2.18 23.41
CA SER C 378 3.39 -1.54 24.70
C SER C 378 2.10 -1.38 25.53
N GLY C 379 2.25 -1.52 26.84
CA GLY C 379 1.15 -1.57 27.81
C GLY C 379 0.97 -0.37 28.73
N ASP C 380 2.03 0.39 28.91
CA ASP C 380 2.02 1.59 29.73
C ASP C 380 3.14 2.53 29.27
N HIS C 381 3.26 3.67 29.95
CA HIS C 381 4.18 4.71 29.52
C HIS C 381 5.64 4.34 29.66
N ALA C 382 5.99 3.61 30.70
CA ALA C 382 7.36 3.15 30.91
C ALA C 382 7.80 2.16 29.83
N GLU C 383 6.97 1.16 29.59
CA GLU C 383 7.17 0.17 28.50
C GLU C 383 7.36 0.82 27.12
N ALA C 384 6.61 1.88 26.84
CA ALA C 384 6.75 2.65 25.60
C ALA C 384 8.15 3.14 25.37
N PHE C 385 8.77 3.62 26.45
CA PHE C 385 10.17 4.03 26.43
C PHE C 385 11.10 2.82 26.29
N LYS C 386 10.84 1.73 27.00
CA LYS C 386 11.72 0.52 26.89
C LYS C 386 11.67 -0.11 25.49
N ASP C 387 10.47 -0.13 24.90
CA ASP C 387 10.18 -0.88 23.69
C ASP C 387 10.70 -0.24 22.44
N ALA C 388 10.73 1.09 22.45
CA ALA C 388 11.36 1.88 21.40
C ALA C 388 12.78 1.49 21.24
N ILE C 389 13.43 1.17 22.36
CA ILE C 389 14.85 0.85 22.35
C ILE C 389 15.00 -0.61 22.01
N TRP C 390 14.11 -1.45 22.54
CA TRP C 390 14.17 -2.84 22.23
C TRP C 390 13.91 -3.03 20.73
N ALA C 391 12.92 -2.30 20.20
CA ALA C 391 12.57 -2.35 18.78
C ALA C 391 13.74 -2.02 17.86
N LEU C 392 14.46 -0.94 18.14
CA LEU C 392 15.69 -0.64 17.38
C LEU C 392 16.66 -1.81 17.41
N ASN C 393 16.99 -2.29 18.60
CA ASN C 393 17.92 -3.41 18.69
C ASN C 393 17.42 -4.63 17.96
N LEU C 394 16.15 -4.98 18.14
CA LEU C 394 15.59 -6.12 17.36
C LEU C 394 15.71 -5.91 15.86
N ALA C 395 15.40 -4.71 15.39
CA ALA C 395 15.52 -4.37 13.97
C ALA C 395 16.90 -4.66 13.46
N GLU C 396 17.91 -4.28 14.24
CA GLU C 396 19.29 -4.41 13.83
C GLU C 396 19.82 -5.87 13.95
N LYS C 397 19.48 -6.55 15.04
CA LYS C 397 19.81 -7.98 15.26
C LYS C 397 19.26 -8.94 14.22
N TYR C 398 18.00 -8.78 13.83
CA TYR C 398 17.34 -9.70 12.87
C TYR C 398 17.20 -9.07 11.51
N GLN C 399 17.70 -7.87 11.36
CA GLN C 399 17.83 -7.26 10.07
C GLN C 399 16.47 -7.21 9.35
N THR C 400 15.49 -6.62 10.02
CA THR C 400 14.11 -6.73 9.54
C THR C 400 13.25 -5.55 10.06
N PRO C 401 12.16 -5.24 9.38
CA PRO C 401 11.27 -4.22 9.97
C PRO C 401 10.63 -4.64 11.29
N VAL C 402 10.55 -3.69 12.22
CA VAL C 402 9.86 -3.86 13.45
C VAL C 402 8.75 -2.85 13.55
N ILE C 403 7.53 -3.33 13.80
CA ILE C 403 6.40 -2.48 14.11
C ILE C 403 6.23 -2.42 15.61
N HIS C 404 6.31 -1.21 16.12
CA HIS C 404 6.05 -0.98 17.51
C HIS C 404 4.63 -0.41 17.68
N LEU C 405 3.71 -1.26 18.15
CA LEU C 405 2.29 -0.89 18.35
C LEU C 405 2.07 -0.14 19.67
N VAL C 406 1.37 0.97 19.60
CA VAL C 406 1.10 1.84 20.75
C VAL C 406 -0.28 2.44 20.59
N GLU C 407 -1.23 2.05 21.44
CA GLU C 407 -2.60 2.62 21.34
C GLU C 407 -2.58 4.11 21.56
N LYS C 408 -3.55 4.78 20.95
CA LYS C 408 -3.69 6.22 21.07
C LYS C 408 -3.92 6.63 22.53
N THR C 409 -4.65 5.80 23.29
CA THR C 409 -4.86 6.08 24.72
C THR C 409 -3.54 6.37 25.43
N LEU C 410 -2.50 5.57 25.17
CA LEU C 410 -1.19 5.77 25.81
C LEU C 410 -0.47 6.98 25.31
N ALA C 411 -0.68 7.39 24.07
CA ALA C 411 0.05 8.52 23.47
C ALA C 411 -0.22 9.83 24.17
N ASN C 412 -1.50 10.11 24.36
CA ASN C 412 -1.95 11.39 24.88
C ASN C 412 -2.12 11.40 26.40
N SER C 413 -2.39 10.23 26.99
CA SER C 413 -2.46 10.08 28.42
C SER C 413 -1.05 10.16 29.03
N TYR C 414 -1.00 10.55 30.30
CA TYR C 414 0.25 10.79 30.99
C TYR C 414 0.16 10.37 32.43
N SER C 415 1.31 10.23 33.05
CA SER C 415 1.40 9.70 34.39
C SER C 415 2.72 10.08 35.06
N THR C 416 2.81 9.74 36.35
CA THR C 416 3.98 10.03 37.15
C THR C 416 4.75 8.72 37.29
N ILE C 417 5.91 8.65 36.64
CA ILE C 417 6.63 7.39 36.54
C ILE C 417 7.88 7.42 37.43
N PRO C 418 8.05 6.38 38.28
CA PRO C 418 9.23 6.32 39.14
C PRO C 418 10.44 5.82 38.38
N TYR C 419 11.55 6.58 38.45
CA TYR C 419 12.83 6.33 37.78
C TYR C 419 13.22 4.88 37.48
N GLU C 420 12.93 3.93 38.37
CA GLU C 420 13.45 2.56 38.23
C GLU C 420 12.86 1.83 37.01
N GLU C 421 13.10 2.44 35.85
CA GLU C 421 12.53 2.11 34.51
C GLU C 421 13.34 2.79 33.40
N LEU C 422 14.45 2.18 32.95
CA LEU C 422 15.35 1.27 33.73
C LEU C 422 16.55 0.89 32.87
N GLU C 423 17.56 1.73 32.71
CA GLU C 423 17.82 2.89 33.52
C GLU C 423 18.89 3.62 32.74
N LYS C 426 18.77 -2.95 32.65
CA LYS C 426 19.50 -1.79 32.14
C LYS C 426 19.75 -1.86 30.62
N LEU C 427 19.53 -0.73 29.96
CA LEU C 427 19.31 -0.67 28.52
C LEU C 427 20.63 -0.60 27.74
N LYS C 428 20.83 -1.55 26.84
CA LYS C 428 22.04 -1.62 26.03
C LYS C 428 21.71 -1.51 24.53
N ALA C 429 22.77 -1.44 23.73
CA ALA C 429 22.70 -1.44 22.27
C ALA C 429 23.07 -2.82 21.72
N GLU C 430 22.39 -3.23 20.65
CA GLU C 430 22.74 -4.43 19.89
C GLU C 430 22.64 -3.98 18.43
N ARG C 431 23.77 -3.92 17.77
CA ARG C 431 23.86 -3.51 16.40
C ARG C 431 23.89 -4.71 15.47
N GLY C 432 23.83 -5.91 16.01
CA GLY C 432 23.76 -7.14 15.21
C GLY C 432 25.04 -7.45 14.43
N LYS C 433 24.89 -8.18 13.35
CA LYS C 433 25.97 -8.74 12.59
C LYS C 433 26.51 -7.72 11.60
N ILE C 434 27.26 -6.77 12.11
CA ILE C 434 27.64 -5.59 11.36
C ILE C 434 29.16 -5.49 11.13
N VAL C 435 29.54 -5.22 9.89
CA VAL C 435 30.95 -5.18 9.46
C VAL C 435 31.35 -3.78 9.02
N GLU C 436 32.65 -3.47 9.02
CA GLU C 436 33.15 -2.14 8.58
C GLU C 436 33.39 -2.09 7.10
N SER C 437 33.71 -3.23 6.48
CA SER C 437 34.09 -3.33 5.05
C SER C 437 33.66 -4.73 4.53
N GLY C 438 33.68 -5.04 3.22
CA GLY C 438 34.29 -4.26 2.14
C GLY C 438 35.51 -4.97 1.58
N SER C 441 34.61 -8.87 -3.31
CA SER C 441 34.26 -10.20 -2.77
C SER C 441 33.07 -10.27 -1.75
N TYR C 442 32.82 -9.18 -1.03
CA TYR C 442 31.65 -9.08 -0.16
C TYR C 442 30.27 -9.23 -0.89
N LYS C 443 29.42 -10.09 -0.33
CA LYS C 443 28.06 -10.35 -0.77
C LYS C 443 27.07 -10.04 0.35
N ARG C 444 26.14 -9.14 0.08
CA ARG C 444 25.21 -8.62 1.09
C ARG C 444 24.35 -9.72 1.64
N PHE C 445 23.95 -10.68 0.80
CA PHE C 445 22.94 -11.64 1.22
C PHE C 445 23.52 -13.05 1.27
N LYS C 446 24.65 -13.17 1.94
CA LYS C 446 25.40 -14.40 1.97
C LYS C 446 24.57 -15.46 2.69
N PHE C 447 24.46 -16.65 2.08
CA PHE C 447 23.79 -17.79 2.71
C PHE C 447 24.49 -18.19 3.98
N THR C 448 23.69 -18.25 5.04
CA THR C 448 24.13 -18.40 6.41
C THR C 448 23.11 -19.34 7.07
N GLU C 449 23.58 -20.11 8.06
CA GLU C 449 22.73 -21.04 8.78
C GLU C 449 21.59 -20.40 9.57
N ASP C 450 21.85 -19.27 10.24
CA ASP C 450 20.81 -18.54 10.97
C ASP C 450 19.99 -17.52 10.12
N GLY C 451 20.19 -17.51 8.81
CA GLY C 451 19.54 -16.51 7.94
C GLY C 451 20.01 -15.04 7.99
N ILE C 452 20.91 -14.69 8.91
CA ILE C 452 21.32 -13.32 9.15
C ILE C 452 22.68 -13.12 8.48
N SER C 453 22.68 -12.48 7.30
CA SER C 453 23.90 -12.13 6.59
C SER C 453 24.64 -10.95 7.21
N PRO C 454 26.00 -11.01 7.27
CA PRO C 454 26.78 -9.85 7.75
C PRO C 454 26.40 -8.61 6.98
N ARG C 455 26.20 -7.50 7.69
CA ARG C 455 25.65 -6.26 7.12
C ARG C 455 26.71 -5.15 6.96
N ALA C 456 27.09 -4.90 5.73
CA ALA C 456 27.91 -3.74 5.41
C ALA C 456 27.00 -2.55 5.05
N PHE C 457 27.54 -1.33 5.06
CA PHE C 457 26.82 -0.10 4.82
C PHE C 457 27.31 0.54 3.54
N LEU C 458 26.43 1.30 2.91
CA LEU C 458 26.75 2.12 1.74
C LEU C 458 27.98 2.99 1.98
N GLY C 459 28.84 3.05 0.98
CA GLY C 459 30.16 3.68 1.10
C GLY C 459 31.29 2.79 1.62
N LYS C 460 30.94 1.66 2.20
CA LYS C 460 31.92 0.75 2.80
C LYS C 460 32.07 -0.56 2.05
N ALA C 461 31.29 -0.77 1.00
CA ALA C 461 31.32 -2.00 0.25
C ALA C 461 30.50 -1.86 -0.99
N THR C 462 30.83 -2.63 -2.00
CA THR C 462 30.05 -2.66 -3.19
C THR C 462 28.88 -3.61 -2.93
N MET C 463 27.67 -3.06 -2.96
CA MET C 463 26.47 -3.89 -2.82
C MET C 463 25.36 -3.48 -3.75
N TYR C 464 24.43 -4.42 -3.86
CA TYR C 464 23.30 -4.32 -4.72
C TYR C 464 22.09 -4.71 -3.92
N TYR C 465 21.08 -3.86 -3.97
CA TYR C 465 19.82 -4.08 -3.32
C TYR C 465 18.75 -4.11 -4.39
N THR C 466 17.76 -4.96 -4.21
CA THR C 466 16.64 -4.97 -5.14
C THR C 466 15.38 -5.59 -4.55
N GLY C 467 14.25 -5.10 -5.03
CA GLY C 467 12.95 -5.59 -4.63
C GLY C 467 12.62 -6.87 -5.37
N ASP C 468 13.23 -7.08 -6.54
CA ASP C 468 13.15 -8.42 -7.22
C ASP C 468 13.84 -9.46 -6.34
N GLU C 469 13.48 -10.72 -6.52
CA GLU C 469 14.20 -11.78 -5.81
C GLU C 469 15.64 -11.79 -6.30
N HIS C 470 16.55 -12.14 -5.42
CA HIS C 470 17.95 -11.98 -5.73
C HIS C 470 18.84 -13.13 -5.22
N ASN C 471 20.03 -13.22 -5.81
CA ASN C 471 21.11 -14.06 -5.30
C ASN C 471 21.88 -13.37 -4.21
N GLU C 472 22.97 -14.00 -3.74
CA GLU C 472 23.78 -13.50 -2.62
C GLU C 472 24.44 -12.14 -2.89
N GLU C 473 24.77 -11.88 -4.16
CA GLU C 473 25.26 -10.56 -4.62
C GLU C 473 24.21 -9.46 -4.56
N GLY C 474 22.95 -9.84 -4.58
CA GLY C 474 21.86 -8.88 -4.67
C GLY C 474 21.50 -8.62 -6.12
N HIS C 475 21.95 -9.47 -7.02
CA HIS C 475 21.53 -9.38 -8.40
C HIS C 475 20.20 -10.12 -8.57
N ILE C 476 19.43 -9.71 -9.59
CA ILE C 476 18.19 -10.38 -9.93
C ILE C 476 18.47 -11.82 -10.38
N SER C 477 17.69 -12.76 -9.85
CA SER C 477 17.68 -14.15 -10.24
C SER C 477 16.26 -14.72 -10.18
N GLU C 478 15.88 -15.44 -11.23
CA GLU C 478 14.62 -16.21 -11.26
C GLU C 478 14.94 -17.72 -11.23
N ASP C 479 16.17 -18.05 -10.80
CA ASP C 479 16.61 -19.41 -10.63
C ASP C 479 15.84 -20.14 -9.51
N VAL C 480 15.24 -21.23 -9.91
CA VAL C 480 14.46 -22.12 -9.06
C VAL C 480 15.15 -22.52 -7.73
N VAL C 481 16.42 -22.93 -7.78
CA VAL C 481 17.18 -23.33 -6.57
C VAL C 481 17.50 -22.13 -5.66
N ASN C 482 18.03 -21.05 -6.26
CA ASN C 482 18.25 -19.79 -5.52
C ASN C 482 16.96 -19.28 -4.85
N ARG C 483 15.83 -19.32 -5.55
CA ARG C 483 14.58 -18.81 -4.99
C ARG C 483 14.18 -19.59 -3.75
N THR C 484 14.17 -20.91 -3.87
CA THR C 484 13.87 -21.74 -2.72
C THR C 484 14.76 -21.44 -1.53
N MET C 485 16.08 -21.40 -1.78
CA MET C 485 17.08 -21.17 -0.71
C MET C 485 17.00 -19.78 -0.15
N MET C 486 16.95 -18.78 -1.02
CA MET C 486 16.85 -17.39 -0.57
C MET C 486 15.56 -17.01 0.18
N TYR C 487 14.42 -17.54 -0.22
CA TYR C 487 13.15 -17.31 0.48
C TYR C 487 13.20 -17.91 1.91
N GLU C 488 13.69 -19.15 1.98
CA GLU C 488 13.88 -19.91 3.23
C GLU C 488 14.75 -19.09 4.21
N LYS C 489 15.88 -18.58 3.71
CA LYS C 489 16.84 -17.79 4.51
C LYS C 489 16.23 -16.61 5.24
N ARG C 490 15.45 -15.82 4.53
CA ARG C 490 14.69 -14.73 5.17
C ARG C 490 13.72 -15.24 6.23
N MET C 491 13.04 -16.34 5.94
CA MET C 491 12.06 -16.91 6.87
C MET C 491 12.67 -17.55 8.13
N LYS C 492 13.84 -18.21 7.98
CA LYS C 492 14.65 -18.70 9.10
C LYS C 492 14.91 -17.70 10.20
N LYS C 493 15.11 -16.44 9.84
CA LYS C 493 15.44 -15.40 10.84
C LYS C 493 14.35 -15.26 11.89
N LEU C 494 13.12 -15.52 11.48
CA LEU C 494 11.98 -15.53 12.41
C LEU C 494 12.07 -16.74 13.34
N GLU C 495 12.38 -17.88 12.78
CA GLU C 495 12.62 -19.08 13.58
C GLU C 495 13.76 -18.87 14.57
N VAL C 496 14.85 -18.23 14.12
CA VAL C 496 15.97 -17.88 15.00
C VAL C 496 15.51 -16.88 16.06
N ALA C 497 14.73 -15.89 15.70
CA ALA C 497 14.19 -14.98 16.72
C ALA C 497 13.35 -15.71 17.79
N ASP C 498 12.64 -16.75 17.38
CA ASP C 498 11.81 -17.56 18.27
C ASP C 498 12.60 -18.42 19.27
N LYS C 499 13.74 -18.96 18.87
CA LYS C 499 14.64 -19.65 19.82
C LYS C 499 15.47 -18.71 20.71
N GLU C 500 15.74 -17.50 20.23
CA GLU C 500 16.77 -16.64 20.82
C GLU C 500 16.18 -15.54 21.74
N ILE C 501 14.95 -15.15 21.47
CA ILE C 501 14.24 -14.21 22.31
C ILE C 501 13.54 -15.13 23.30
N PRO C 502 13.84 -14.99 24.61
CA PRO C 502 13.20 -15.95 25.51
C PRO C 502 11.70 -15.67 25.59
N GLU C 503 10.89 -16.73 25.57
CA GLU C 503 9.43 -16.59 25.66
C GLU C 503 8.95 -15.73 26.84
N GLU C 504 9.69 -15.70 27.93
CA GLU C 504 9.34 -14.97 29.15
C GLU C 504 9.50 -13.45 28.96
N SER C 505 10.40 -13.05 28.06
CA SER C 505 10.52 -11.64 27.68
C SER C 505 9.37 -11.10 26.78
N ARG C 506 8.64 -11.98 26.09
CA ARG C 506 7.57 -11.59 25.16
C ARG C 506 6.17 -11.57 25.81
N VAL C 507 6.15 -11.56 27.13
CA VAL C 507 4.98 -11.83 27.91
C VAL C 507 5.26 -11.23 29.27
N LYS C 508 4.24 -10.75 29.91
CA LYS C 508 4.35 -10.15 31.22
C LYS C 508 3.17 -10.78 31.99
N ILE C 509 3.47 -11.33 33.18
CA ILE C 509 2.49 -12.06 34.02
C ILE C 509 2.31 -11.41 35.39
N TYR C 510 1.08 -11.10 35.75
CA TYR C 510 0.74 -10.54 37.07
C TYR C 510 -0.21 -11.49 37.82
N GLY C 511 -0.11 -11.52 39.17
CA GLY C 511 -0.83 -12.50 40.07
C GLY C 511 -0.44 -13.97 39.93
N ASP C 512 -1.37 -14.86 40.25
CA ASP C 512 -1.57 -16.24 39.64
C ASP C 512 -2.65 -17.06 40.41
N LEU C 518 -7.65 -16.97 34.34
CA LEU C 518 -6.69 -16.32 33.40
C LEU C 518 -7.31 -15.26 32.51
N ILE C 519 -6.75 -14.06 32.56
CA ILE C 519 -7.14 -12.98 31.65
C ILE C 519 -5.98 -12.75 30.67
N ILE C 520 -6.25 -12.88 29.36
CA ILE C 520 -5.26 -12.60 28.32
C ILE C 520 -5.54 -11.25 27.69
N THR C 521 -4.52 -10.42 27.60
CA THR C 521 -4.72 -9.09 27.07
C THR C 521 -3.42 -8.57 26.45
N TRP C 522 -3.50 -7.33 25.95
CA TRP C 522 -2.31 -6.56 25.56
C TRP C 522 -2.59 -5.05 25.59
N GLY C 523 -1.54 -4.25 25.71
CA GLY C 523 -1.68 -2.82 25.67
C GLY C 523 -2.36 -2.21 26.89
N SER C 524 -3.01 -1.07 26.69
CA SER C 524 -3.62 -0.27 27.73
C SER C 524 -4.60 -0.93 28.73
N PRO C 525 -5.44 -1.86 28.28
CA PRO C 525 -6.23 -2.53 29.31
C PRO C 525 -5.40 -3.29 30.38
N THR C 526 -4.15 -3.64 30.09
CA THR C 526 -3.29 -4.29 31.05
C THR C 526 -3.11 -3.49 32.35
N GLY C 527 -2.92 -2.19 32.22
CA GLY C 527 -2.82 -1.30 33.39
C GLY C 527 -4.12 -1.16 34.18
N VAL C 528 -5.26 -1.26 33.48
CA VAL C 528 -6.55 -1.20 34.15
C VAL C 528 -6.75 -2.48 34.96
N LEU C 529 -6.35 -3.61 34.40
CA LEU C 529 -6.49 -4.90 35.02
C LEU C 529 -5.54 -5.11 36.19
N ARG C 530 -4.38 -4.46 36.15
CA ARG C 530 -3.46 -4.46 37.28
C ARG C 530 -4.02 -3.69 38.46
N ASP C 531 -4.56 -2.49 38.23
CA ASP C 531 -5.35 -1.75 39.22
C ASP C 531 -6.60 -2.50 39.74
N ILE C 532 -7.07 -3.51 39.00
CA ILE C 532 -8.13 -4.43 39.51
C ILE C 532 -7.58 -5.63 40.33
N LEU C 533 -6.27 -5.70 40.51
CA LEU C 533 -5.64 -6.65 41.44
C LEU C 533 -5.26 -6.01 42.81
N GLU C 534 -6.14 -5.17 43.36
CA GLU C 534 -6.28 -4.96 44.82
C GLU C 534 -7.75 -4.89 45.22
N GLU C 535 -8.46 -3.90 44.67
CA GLU C 535 -9.91 -3.78 44.86
C GLU C 535 -10.68 -5.03 44.38
N SER C 536 -11.63 -5.47 45.21
CA SER C 536 -12.29 -6.79 45.15
C SER C 536 -11.27 -7.94 45.26
N ASN C 537 -11.74 -9.07 45.78
CA ASN C 537 -10.89 -10.26 45.91
C ASN C 537 -11.02 -11.01 44.59
N PHE C 538 -10.22 -10.59 43.60
CA PHE C 538 -10.24 -11.20 42.27
C PHE C 538 -9.08 -12.17 42.08
N PHE C 540 -7.17 -13.13 39.84
CA PHE C 540 -6.86 -13.80 38.56
C PHE C 540 -5.40 -13.68 38.17
N THR C 541 -4.98 -14.55 37.25
CA THR C 541 -3.70 -14.40 36.53
C THR C 541 -3.93 -13.41 35.38
N LEU C 542 -3.06 -12.42 35.28
CA LEU C 542 -3.11 -11.43 34.19
C LEU C 542 -1.97 -11.66 33.20
N LEU C 543 -2.29 -12.04 31.97
CA LEU C 543 -1.26 -12.33 30.96
C LEU C 543 -1.28 -11.24 29.86
N GLN C 544 -0.27 -10.38 29.91
CA GLN C 544 0.03 -9.40 28.86
C GLN C 544 0.97 -9.91 27.78
N ILE C 545 0.45 -10.08 26.56
CA ILE C 545 1.27 -10.44 25.41
C ILE C 545 1.99 -9.17 24.95
N ARG C 546 3.30 -9.28 24.72
CA ARG C 546 4.12 -8.12 24.38
C ARG C 546 4.70 -8.18 22.99
N MET C 547 4.99 -9.38 22.53
CA MET C 547 5.52 -9.60 21.21
C MET C 547 4.62 -10.59 20.51
N PHE C 548 4.05 -10.19 19.38
CA PHE C 548 3.12 -11.02 18.62
C PHE C 548 3.77 -11.79 17.46
N SER C 549 5.00 -11.42 17.09
CA SER C 549 5.74 -12.06 16.00
C SER C 549 7.24 -11.90 16.28
N PRO C 550 7.98 -13.01 16.54
CA PRO C 550 7.44 -14.37 16.77
C PRO C 550 6.57 -14.48 18.05
N PHE C 551 5.40 -15.08 17.93
CA PHE C 551 4.48 -15.24 19.05
C PHE C 551 5.04 -16.29 20.03
N PRO C 552 4.95 -16.06 21.36
CA PRO C 552 5.32 -17.04 22.38
C PRO C 552 4.26 -18.12 22.56
N LYS C 553 4.18 -19.02 21.59
CA LYS C 553 3.07 -19.98 21.54
C LYS C 553 3.16 -21.06 22.63
N ASN C 554 4.36 -21.62 22.84
CA ASN C 554 4.55 -22.67 23.85
C ASN C 554 4.22 -22.18 25.28
N LEU C 555 4.67 -20.98 25.64
CA LEU C 555 4.40 -20.40 26.97
C LEU C 555 2.94 -19.95 27.16
N VAL C 556 2.33 -19.38 26.13
CA VAL C 556 0.93 -18.99 26.22
C VAL C 556 0.05 -20.21 26.36
N SER C 557 0.32 -21.26 25.56
CA SER C 557 -0.37 -22.53 25.70
C SER C 557 -0.28 -23.20 27.10
N LYS C 558 0.94 -23.28 27.63
CA LYS C 558 1.19 -23.81 28.98
C LYS C 558 0.43 -23.00 30.00
N LEU C 559 0.37 -21.69 29.81
CA LEU C 559 -0.24 -20.81 30.79
C LEU C 559 -1.77 -20.93 30.79
N MET C 560 -2.32 -21.44 29.68
CA MET C 560 -3.79 -21.61 29.47
C MET C 560 -4.38 -22.95 29.94
N GLU C 561 -3.56 -23.76 30.60
CA GLU C 561 -3.76 -25.19 30.74
C GLU C 561 -4.58 -25.71 31.95
N GLY C 562 -4.62 -24.96 33.06
CA GLY C 562 -5.23 -25.51 34.30
C GLY C 562 -6.28 -24.68 35.02
N ARG C 563 -7.32 -24.30 34.29
CA ARG C 563 -8.23 -23.28 34.79
C ARG C 563 -9.61 -23.50 34.24
N ASP C 564 -10.58 -22.87 34.88
CA ASP C 564 -11.99 -22.95 34.38
C ASP C 564 -12.38 -21.77 33.49
N LYS C 565 -11.93 -20.56 33.83
CA LYS C 565 -12.23 -19.35 33.03
C LYS C 565 -10.98 -18.74 32.31
N ILE C 566 -11.03 -18.65 30.97
CA ILE C 566 -10.01 -17.89 30.20
C ILE C 566 -10.71 -16.75 29.45
N ILE C 567 -10.52 -15.54 29.96
CA ILE C 567 -11.17 -14.35 29.46
C ILE C 567 -10.18 -13.54 28.62
N THR C 568 -10.68 -12.96 27.54
CA THR C 568 -9.88 -12.11 26.70
C THR C 568 -10.47 -10.72 26.82
N VAL C 569 -9.60 -9.72 26.95
CA VAL C 569 -10.04 -8.32 27.10
C VAL C 569 -9.32 -7.51 26.05
N GLU C 570 -10.08 -6.84 25.18
CA GLU C 570 -9.49 -6.01 24.14
C GLU C 570 -10.45 -5.13 23.42
N GLY C 571 -9.96 -4.01 22.88
CA GLY C 571 -10.77 -2.98 22.16
C GLY C 571 -11.00 -3.21 20.66
N ASN C 572 -11.69 -4.31 20.34
CA ASN C 572 -11.91 -4.89 19.00
C ASN C 572 -13.32 -5.47 19.04
N TYR C 573 -13.97 -5.46 17.90
CA TYR C 573 -15.18 -6.23 17.68
C TYR C 573 -14.86 -7.71 17.52
N LEU C 574 -13.77 -8.01 16.83
CA LEU C 574 -13.53 -9.38 16.35
C LEU C 574 -12.78 -10.23 17.40
N ALA C 575 -12.24 -9.60 18.44
CA ALA C 575 -11.44 -10.28 19.46
C ALA C 575 -10.29 -11.00 18.78
N GLN C 576 -9.52 -10.18 18.09
CA GLN C 576 -8.41 -10.62 17.31
C GLN C 576 -7.39 -11.37 18.12
N THR C 577 -7.18 -10.96 19.37
CA THR C 577 -6.19 -11.63 20.17
C THR C 577 -6.54 -13.13 20.42
N SER C 578 -7.82 -13.44 20.64
CA SER C 578 -8.33 -14.81 20.60
C SER C 578 -8.07 -15.54 19.30
N LEU C 579 -8.32 -14.86 18.18
CA LEU C 579 -8.02 -15.44 16.89
C LEU C 579 -6.53 -15.83 16.81
N LEU C 580 -5.65 -14.92 17.21
CA LEU C 580 -4.20 -15.23 17.16
C LEU C 580 -3.81 -16.32 18.10
N VAL C 581 -4.25 -16.18 19.35
CA VAL C 581 -4.09 -17.22 20.36
C VAL C 581 -4.52 -18.60 19.82
N LYS C 582 -5.71 -18.69 19.26
CA LYS C 582 -6.17 -19.94 18.63
C LYS C 582 -5.31 -20.44 17.41
N MET C 583 -4.74 -19.53 16.65
CA MET C 583 -4.01 -19.88 15.45
C MET C 583 -2.71 -20.57 15.75
N TYR C 584 -2.06 -20.12 16.80
CA TYR C 584 -0.76 -20.63 17.20
C TYR C 584 -0.85 -21.71 18.30
N THR C 585 -1.94 -21.75 19.09
CA THR C 585 -2.13 -22.78 20.16
C THR C 585 -3.28 -23.79 19.95
N GLY C 586 -4.23 -23.50 19.08
CA GLY C 586 -5.43 -24.34 18.96
C GLY C 586 -6.45 -24.21 20.09
N LYS C 587 -6.13 -23.48 21.15
CA LYS C 587 -6.95 -23.42 22.33
C LYS C 587 -7.84 -22.21 22.20
N ASP C 588 -9.07 -22.36 22.69
CA ASP C 588 -10.08 -21.31 22.62
C ASP C 588 -10.17 -20.60 23.97
N VAL C 589 -10.58 -19.34 23.93
CA VAL C 589 -10.90 -18.61 25.15
C VAL C 589 -12.35 -18.89 25.55
N THR C 590 -12.65 -18.90 26.84
CA THR C 590 -14.03 -19.19 27.30
C THR C 590 -14.98 -17.97 27.19
N ASN C 591 -14.43 -16.77 27.39
CA ASN C 591 -15.19 -15.52 27.35
C ASN C 591 -14.35 -14.38 26.79
N SER C 592 -15.03 -13.29 26.49
CA SER C 592 -14.41 -12.15 25.90
C SER C 592 -15.06 -10.87 26.39
N ILE C 593 -14.23 -9.91 26.77
CA ILE C 593 -14.71 -8.59 27.10
C ILE C 593 -14.25 -7.57 26.07
N LEU C 594 -15.20 -6.95 25.36
CA LEU C 594 -14.86 -6.13 24.17
C LEU C 594 -15.40 -4.75 24.27
N LYS C 595 -14.80 -3.86 23.50
CA LYS C 595 -15.18 -2.44 23.45
C LYS C 595 -14.67 -1.87 22.13
N TRP C 596 -15.44 -1.07 21.43
CA TRP C 596 -14.99 -0.47 20.15
C TRP C 596 -15.56 0.94 19.93
N ASN C 597 -15.79 1.65 21.01
CA ASN C 597 -16.48 2.94 20.92
C ASN C 597 -15.54 4.12 20.88
N GLY C 598 -14.24 3.85 20.83
CA GLY C 598 -13.24 4.89 20.72
C GLY C 598 -12.80 5.40 22.06
N ARG C 599 -13.22 4.75 23.13
CA ARG C 599 -12.90 5.20 24.49
C ARG C 599 -12.06 4.10 25.14
N PRO C 600 -11.08 4.49 26.01
CA PRO C 600 -10.27 3.51 26.75
C PRO C 600 -11.11 2.60 27.66
N PHE C 601 -10.55 1.52 28.14
CA PHE C 601 -11.18 0.79 29.24
C PHE C 601 -11.02 1.58 30.54
N LEU C 602 -12.11 1.64 31.30
CA LEU C 602 -12.15 2.33 32.60
C LEU C 602 -12.24 1.33 33.78
N ARG C 603 -11.62 1.68 34.91
CA ARG C 603 -11.45 0.76 36.05
C ARG C 603 -12.80 0.21 36.51
N ASP C 604 -13.73 1.08 36.88
CA ASP C 604 -15.08 0.63 37.29
C ASP C 604 -15.88 -0.18 36.25
N GLU C 605 -16.02 0.34 35.04
CA GLU C 605 -16.79 -0.31 33.96
C GLU C 605 -16.29 -1.73 33.69
N LEU C 606 -14.97 -1.87 33.69
CA LEU C 606 -14.36 -3.16 33.48
C LEU C 606 -14.52 -4.09 34.68
N GLU C 607 -14.46 -3.55 35.90
CA GLU C 607 -14.75 -4.34 37.12
C GLU C 607 -16.11 -4.97 37.00
N GLU C 608 -17.13 -4.16 36.72
CA GLU C 608 -18.55 -4.63 36.63
C GLU C 608 -18.80 -5.67 35.51
N ALA C 609 -18.12 -5.50 34.39
CA ALA C 609 -18.24 -6.46 33.28
C ALA C 609 -17.55 -7.79 33.56
N LEU C 610 -16.48 -7.73 34.32
CA LEU C 610 -15.78 -8.93 34.76
C LEU C 610 -16.63 -9.83 35.67
N ILE C 611 -17.55 -9.19 36.40
CA ILE C 611 -18.48 -9.87 37.26
C ILE C 611 -19.47 -10.61 36.44
N LYS C 612 -20.02 -9.92 35.44
CA LYS C 612 -20.91 -10.55 34.44
C LYS C 612 -20.30 -11.82 33.85
N VAL C 613 -19.01 -11.77 33.54
CA VAL C 613 -18.33 -12.92 32.93
C VAL C 613 -18.19 -14.08 33.93
N ILE C 614 -17.84 -13.74 35.16
CA ILE C 614 -17.55 -14.74 36.20
C ILE C 614 -18.80 -15.25 36.94
N LYS C 615 -19.65 -14.34 37.43
CA LYS C 615 -20.97 -14.72 38.01
C LYS C 615 -21.88 -15.35 36.95
N ASP C 616 -22.39 -14.56 36.01
CA ASP C 616 -23.44 -15.02 35.08
C ASP C 616 -22.97 -15.88 33.90
N GLY C 617 -21.66 -16.05 33.72
CA GLY C 617 -21.12 -16.85 32.60
C GLY C 617 -21.41 -16.30 31.21
N GLU C 618 -21.44 -14.97 31.10
CA GLU C 618 -21.74 -14.33 29.82
C GLU C 618 -20.52 -14.47 28.88
N LYS C 619 -20.77 -14.97 27.67
CA LYS C 619 -19.71 -15.40 26.76
C LYS C 619 -18.97 -14.21 26.13
N ARG C 620 -19.73 -13.26 25.63
CA ARG C 620 -19.18 -12.13 24.92
C ARG C 620 -19.79 -10.88 25.51
N VAL C 621 -19.07 -10.24 26.44
CA VAL C 621 -19.48 -8.94 27.01
C VAL C 621 -18.95 -7.76 26.19
N VAL C 622 -19.90 -6.93 25.74
CA VAL C 622 -19.63 -5.70 25.02
C VAL C 622 -19.83 -4.52 25.95
N LEU C 623 -18.77 -3.74 26.13
CA LEU C 623 -18.81 -2.50 26.88
C LEU C 623 -19.28 -1.30 26.03
N ASN C 624 -20.54 -0.90 26.21
CA ASN C 624 -21.09 0.29 25.53
C ASN C 624 -20.57 1.53 26.25
N ASN D 17 -12.98 30.62 3.43
CA ASN D 17 -13.59 29.26 3.65
C ASN D 17 -15.12 29.35 3.53
N PHE D 18 -15.70 30.16 4.41
CA PHE D 18 -17.14 30.45 4.42
C PHE D 18 -17.49 31.15 3.09
N GLY D 19 -16.62 32.07 2.66
CA GLY D 19 -16.78 32.82 1.42
C GLY D 19 -16.57 32.05 0.11
N ILE D 20 -15.59 31.14 0.09
CA ILE D 20 -15.30 30.29 -1.09
C ILE D 20 -16.50 29.39 -1.36
N LEU D 21 -17.01 28.78 -0.29
CA LEU D 21 -18.15 27.86 -0.36
C LEU D 21 -19.38 28.58 -0.88
N ASN D 22 -19.60 29.77 -0.33
CA ASN D 22 -20.72 30.60 -0.71
C ASN D 22 -20.67 30.89 -2.21
N ALA D 23 -19.49 31.28 -2.70
CA ALA D 23 -19.29 31.61 -4.11
C ALA D 23 -19.55 30.45 -5.09
N GLU D 24 -19.33 29.22 -4.63
CA GLU D 24 -19.71 27.98 -5.34
C GLU D 24 -21.22 27.73 -5.44
N GLN D 25 -21.99 27.93 -4.37
CA GLN D 25 -23.47 27.85 -4.44
C GLN D 25 -24.00 28.82 -5.51
N GLN D 26 -23.55 30.06 -5.42
CA GLN D 26 -24.06 31.11 -6.26
C GLN D 26 -23.70 30.98 -7.73
N ALA D 27 -22.51 30.48 -8.06
CA ALA D 27 -22.18 30.19 -9.46
C ALA D 27 -23.08 29.07 -10.03
N ILE D 28 -23.44 28.12 -9.17
CA ILE D 28 -24.25 26.95 -9.56
C ILE D 28 -25.67 27.40 -9.86
N VAL D 29 -26.23 28.16 -8.93
CA VAL D 29 -27.51 28.84 -9.08
C VAL D 29 -27.49 29.68 -10.38
N GLU D 30 -26.55 30.60 -10.48
CA GLU D 30 -26.47 31.51 -11.64
C GLU D 30 -26.28 30.87 -13.04
N LEU D 31 -25.58 29.73 -13.13
CA LEU D 31 -25.49 28.96 -14.41
C LEU D 31 -26.67 28.00 -14.59
N GLY D 32 -27.50 27.87 -13.56
CA GLY D 32 -28.76 27.18 -13.65
C GLY D 32 -28.63 25.67 -13.71
N VAL D 33 -27.62 25.15 -13.03
CA VAL D 33 -27.36 23.73 -12.93
C VAL D 33 -28.30 23.13 -11.88
N ASP D 34 -28.69 21.89 -12.13
CA ASP D 34 -29.66 21.22 -11.33
C ASP D 34 -28.94 20.70 -10.06
N THR D 35 -29.36 21.10 -8.86
CA THR D 35 -28.60 20.72 -7.65
C THR D 35 -28.54 19.20 -7.38
N LYS D 36 -29.52 18.45 -7.89
CA LYS D 36 -29.51 16.98 -7.82
C LYS D 36 -28.44 16.30 -8.70
N ASN D 37 -27.75 17.07 -9.53
CA ASN D 37 -26.64 16.59 -10.34
C ASN D 37 -25.27 17.18 -9.96
N VAL D 38 -25.22 17.90 -8.85
CA VAL D 38 -23.97 18.42 -8.36
C VAL D 38 -23.42 17.51 -7.27
N VAL D 39 -22.16 17.13 -7.44
CA VAL D 39 -21.43 16.46 -6.39
C VAL D 39 -20.22 17.33 -6.06
N VAL D 40 -20.00 17.56 -4.78
CA VAL D 40 -18.83 18.24 -4.30
C VAL D 40 -17.94 17.17 -3.66
N VAL D 41 -16.73 17.01 -4.18
CA VAL D 41 -15.79 16.02 -3.63
C VAL D 41 -14.71 16.82 -2.91
N SER D 42 -14.35 16.44 -1.70
CA SER D 42 -13.22 17.04 -0.98
C SER D 42 -12.39 16.00 -0.29
N GLY D 43 -11.17 16.38 0.08
CA GLY D 43 -10.28 15.56 0.90
C GLY D 43 -10.70 15.55 2.38
N ILE D 44 -9.72 15.57 3.28
CA ILE D 44 -9.94 15.31 4.71
C ILE D 44 -9.98 16.59 5.57
N ARG D 55 -26.28 23.78 0.28
CA ARG D 55 -27.25 22.87 0.89
C ARG D 55 -28.42 23.64 1.55
N THR D 56 -29.67 23.57 1.05
CA THR D 56 -30.14 22.86 -0.18
C THR D 56 -29.84 21.32 -0.21
N PRO D 57 -30.06 20.63 -1.35
CA PRO D 57 -29.78 19.20 -1.40
C PRO D 57 -28.61 18.84 -2.33
N ILE D 58 -27.43 19.34 -1.99
CA ILE D 58 -26.17 19.01 -2.72
C ILE D 58 -25.47 17.87 -1.98
N SER D 59 -25.15 16.81 -2.72
CA SER D 59 -24.47 15.65 -2.17
C SER D 59 -22.95 15.91 -2.02
N GLY D 60 -22.35 15.39 -0.95
CA GLY D 60 -20.94 15.68 -0.61
C GLY D 60 -20.20 14.37 -0.40
N VAL D 61 -18.97 14.31 -0.90
CA VAL D 61 -18.19 13.11 -0.75
C VAL D 61 -16.91 13.53 -0.11
N HIS D 62 -16.74 13.13 1.14
CA HIS D 62 -15.54 13.41 1.91
C HIS D 62 -14.60 12.18 1.70
N THR D 63 -13.58 12.35 0.88
CA THR D 63 -12.71 11.25 0.50
C THR D 63 -11.51 11.14 1.43
N LEU D 64 -10.49 10.41 0.99
CA LEU D 64 -9.23 10.27 1.68
C LEU D 64 -8.36 11.45 1.37
N HIS D 65 -7.28 11.54 2.14
CA HIS D 65 -6.33 12.63 2.05
C HIS D 65 -5.59 12.65 0.73
N GLY D 66 -5.71 13.76 0.00
CA GLY D 66 -5.06 13.92 -1.31
C GLY D 66 -5.62 13.10 -2.46
N ARG D 67 -6.78 12.43 -2.32
CA ARG D 67 -7.33 11.56 -3.38
C ARG D 67 -8.59 12.06 -4.09
N ALA D 68 -9.05 13.27 -3.80
CA ALA D 68 -10.35 13.71 -4.31
C ALA D 68 -10.47 13.63 -5.84
N ILE D 69 -9.39 13.96 -6.53
CA ILE D 69 -9.45 14.00 -7.98
C ILE D 69 -9.68 12.61 -8.60
N ALA D 70 -9.18 11.54 -7.96
CA ALA D 70 -9.30 10.21 -8.54
C ALA D 70 -10.72 9.74 -8.38
N PHE D 71 -11.25 9.94 -7.19
CA PHE D 71 -12.67 9.74 -6.91
C PHE D 71 -13.54 10.52 -7.87
N ALA D 72 -13.28 11.82 -8.00
CA ALA D 72 -14.09 12.68 -8.90
C ALA D 72 -14.04 12.13 -10.30
N THR D 73 -12.85 11.81 -10.78
CA THR D 73 -12.70 11.26 -12.13
C THR D 73 -13.65 10.03 -12.35
N GLY D 74 -13.71 9.16 -11.36
CA GLY D 74 -14.52 7.98 -11.44
C GLY D 74 -15.99 8.29 -11.48
N ILE D 75 -16.45 9.16 -10.59
CA ILE D 75 -17.84 9.69 -10.55
C ILE D 75 -18.22 10.30 -11.91
N LYS D 76 -17.42 11.23 -12.38
CA LYS D 76 -17.71 11.93 -13.62
C LYS D 76 -17.75 11.02 -14.87
N LEU D 77 -16.84 10.05 -14.98
CA LEU D 77 -16.83 9.14 -16.15
C LEU D 77 -17.93 8.08 -16.14
N SER D 78 -18.52 7.77 -14.99
CA SER D 78 -19.64 6.83 -14.92
C SER D 78 -20.96 7.55 -15.24
N ASN D 79 -21.07 8.78 -14.75
CA ASN D 79 -22.20 9.64 -15.07
C ASN D 79 -21.76 11.06 -15.50
N PRO D 80 -21.51 11.24 -16.82
CA PRO D 80 -21.10 12.55 -17.32
C PRO D 80 -22.15 13.66 -17.18
N ASP D 81 -23.41 13.31 -16.89
CA ASP D 81 -24.44 14.30 -16.62
C ASP D 81 -24.26 15.00 -15.29
N LEU D 82 -23.41 14.45 -14.39
CA LEU D 82 -23.15 15.11 -13.10
C LEU D 82 -22.21 16.30 -13.29
N VAL D 83 -22.28 17.21 -12.35
CA VAL D 83 -21.38 18.36 -12.28
C VAL D 83 -20.53 18.16 -11.03
N VAL D 84 -19.22 17.96 -11.23
CA VAL D 84 -18.35 17.49 -10.18
C VAL D 84 -17.37 18.59 -9.87
N ILE D 85 -17.46 19.11 -8.66
CA ILE D 85 -16.53 20.11 -8.12
C ILE D 85 -15.63 19.45 -7.05
N VAL D 86 -14.33 19.64 -7.21
CA VAL D 86 -13.34 19.23 -6.21
C VAL D 86 -12.87 20.44 -5.42
N ASN D 87 -13.03 20.37 -4.11
CA ASN D 87 -12.54 21.37 -3.18
C ASN D 87 -11.38 20.79 -2.43
N GLY D 88 -10.20 21.41 -2.53
CA GLY D 88 -9.06 20.96 -1.74
C GLY D 88 -8.18 22.03 -1.16
N GLY D 89 -7.43 21.65 -0.14
CA GLY D 89 -6.41 22.48 0.49
C GLY D 89 -5.11 22.43 -0.28
N ASP D 90 -4.23 23.38 0.02
CA ASP D 90 -2.89 23.47 -0.60
C ASP D 90 -2.06 22.21 -0.36
N GLY D 91 -2.12 21.69 0.87
CA GLY D 91 -1.41 20.46 1.23
C GLY D 91 -2.06 19.19 0.70
N ASP D 92 -3.38 19.22 0.60
CA ASP D 92 -4.19 18.11 0.10
C ASP D 92 -3.86 17.77 -1.37
N LEU D 93 -4.21 18.68 -2.28
CA LEU D 93 -3.73 18.63 -3.64
C LEU D 93 -2.34 19.25 -3.56
N LEU D 94 -1.52 19.09 -4.57
CA LEU D 94 -0.16 19.71 -4.53
C LEU D 94 0.85 19.35 -3.41
N GLY D 95 0.47 18.55 -2.43
CA GLY D 95 1.43 17.85 -1.55
C GLY D 95 1.23 16.35 -1.74
N ILE D 96 0.52 15.73 -0.81
CA ILE D 96 0.08 14.33 -0.93
C ILE D 96 -0.61 13.98 -2.25
N GLY D 97 -1.43 14.88 -2.77
CA GLY D 97 -2.14 14.62 -4.02
C GLY D 97 -1.44 15.03 -5.30
N ALA D 98 -0.22 15.55 -5.21
CA ALA D 98 0.44 16.15 -6.40
C ALA D 98 0.56 15.21 -7.63
N GLY D 99 0.66 13.91 -7.42
CA GLY D 99 0.61 12.96 -8.55
C GLY D 99 -0.77 12.89 -9.20
N HIS D 100 -1.84 12.97 -8.41
CA HIS D 100 -3.19 13.01 -9.04
C HIS D 100 -3.39 14.33 -9.78
N PHE D 101 -2.83 15.40 -9.23
CA PHE D 101 -2.87 16.73 -9.83
C PHE D 101 -2.32 16.75 -11.27
N VAL D 102 -1.09 16.30 -11.46
CA VAL D 102 -0.49 16.29 -12.80
C VAL D 102 -1.16 15.24 -13.72
N ALA D 103 -1.50 14.07 -13.20
CA ALA D 103 -2.23 13.07 -14.01
C ALA D 103 -3.56 13.58 -14.55
N ALA D 104 -4.27 14.33 -13.73
CA ALA D 104 -5.55 14.89 -14.14
C ALA D 104 -5.38 15.82 -15.35
N GLY D 105 -4.28 16.58 -15.34
CA GLY D 105 -3.95 17.47 -16.45
C GLY D 105 -3.75 16.77 -17.78
N ARG D 106 -3.38 15.49 -17.76
CA ARG D 106 -3.28 14.66 -18.97
C ARG D 106 -4.61 14.19 -19.55
N ARG D 107 -5.62 13.96 -18.70
CA ARG D 107 -6.93 13.43 -19.15
C ARG D 107 -7.89 14.49 -19.62
N ASN D 108 -7.80 15.69 -19.04
CA ASN D 108 -8.73 16.78 -19.37
C ASN D 108 -10.23 16.44 -19.11
N VAL D 109 -10.52 15.93 -17.93
CA VAL D 109 -11.87 15.58 -17.50
C VAL D 109 -12.63 16.85 -17.16
N ASP D 110 -13.87 16.94 -17.65
CA ASP D 110 -14.71 18.10 -17.47
C ASP D 110 -15.15 18.17 -16.02
N MET D 111 -14.34 18.83 -15.21
CA MET D 111 -14.70 19.10 -13.83
C MET D 111 -13.90 20.27 -13.33
N VAL D 112 -14.17 20.73 -12.12
CA VAL D 112 -13.46 21.88 -11.61
C VAL D 112 -12.74 21.67 -10.25
N VAL D 113 -11.50 22.11 -10.19
CA VAL D 113 -10.69 21.98 -9.01
C VAL D 113 -10.47 23.36 -8.40
N ILE D 114 -10.98 23.55 -7.19
CA ILE D 114 -10.84 24.81 -6.46
C ILE D 114 -9.83 24.55 -5.35
N LEU D 115 -8.73 25.29 -5.41
CA LEU D 115 -7.63 25.17 -4.45
C LEU D 115 -7.69 26.32 -3.42
N HIS D 116 -7.86 25.98 -2.14
CA HIS D 116 -7.95 26.95 -1.03
C HIS D 116 -6.55 27.24 -0.47
N ASP D 117 -5.76 28.06 -1.16
CA ASP D 117 -4.30 28.29 -0.81
C ASP D 117 -4.00 28.52 0.69
N ASN D 147 12.52 24.25 3.68
CA ASN D 147 11.53 23.89 2.66
C ASN D 147 10.97 25.13 1.96
N ASP D 148 10.42 24.93 0.76
CA ASP D 148 9.97 26.02 -0.12
C ASP D 148 8.43 25.97 -0.25
N ALA D 149 7.90 26.63 -1.27
CA ALA D 149 6.51 26.45 -1.72
C ALA D 149 6.49 26.35 -3.26
N VAL D 150 5.42 25.76 -3.77
CA VAL D 150 5.26 25.55 -5.23
C VAL D 150 4.34 26.63 -5.82
N ASN D 151 4.41 26.73 -7.15
CA ASN D 151 3.58 27.61 -7.94
C ASN D 151 2.44 26.77 -8.58
N PRO D 152 1.20 26.87 -8.04
CA PRO D 152 0.13 26.04 -8.62
C PRO D 152 -0.13 26.30 -10.10
N ILE D 153 -0.12 27.56 -10.50
CA ILE D 153 -0.44 27.98 -11.86
C ILE D 153 0.53 27.38 -12.85
N ALA D 154 1.82 27.56 -12.61
CA ALA D 154 2.86 27.07 -13.54
C ALA D 154 2.84 25.54 -13.66
N LEU D 155 2.72 24.87 -12.51
CA LEU D 155 2.63 23.41 -12.46
C LEU D 155 1.40 22.94 -13.19
N ALA D 156 0.29 23.69 -13.01
CA ALA D 156 -0.95 23.38 -13.71
C ALA D 156 -0.81 23.62 -15.19
N ILE D 157 -0.21 24.71 -15.64
CA ILE D 157 0.05 24.83 -17.08
C ILE D 157 1.09 23.83 -17.58
N SER D 158 2.22 23.66 -16.90
CA SER D 158 3.22 22.69 -17.37
C SER D 158 2.62 21.27 -17.51
N SER D 159 1.78 20.86 -16.57
CA SER D 159 1.11 19.57 -16.67
C SER D 159 -0.16 19.67 -17.51
N GLY D 160 -0.71 20.88 -17.51
CA GLY D 160 -1.68 21.42 -18.48
C GLY D 160 -2.89 20.62 -18.83
N TYR D 161 -4.05 20.75 -18.20
CA TYR D 161 -4.70 21.92 -17.53
C TYR D 161 -4.95 22.97 -18.54
N THR D 162 -6.22 23.04 -18.84
CA THR D 162 -6.71 23.64 -20.03
C THR D 162 -7.59 24.85 -19.69
N PHE D 163 -7.82 25.08 -18.39
CA PHE D 163 -8.30 26.35 -17.87
C PHE D 163 -7.57 26.55 -16.57
N VAL D 164 -6.84 27.64 -16.43
CA VAL D 164 -6.08 27.94 -15.19
C VAL D 164 -6.35 29.37 -14.76
N ALA D 165 -6.74 29.55 -13.49
CA ALA D 165 -7.13 30.88 -12.96
C ALA D 165 -6.72 31.11 -11.52
N ARG D 166 -6.72 32.39 -11.13
CA ARG D 166 -6.48 32.84 -9.77
C ARG D 166 -7.55 33.84 -9.29
N GLY D 167 -8.13 33.58 -8.13
CA GLY D 167 -9.06 34.46 -7.51
C GLY D 167 -8.56 34.90 -6.17
N TYR D 168 -9.09 36.02 -5.69
CA TYR D 168 -8.83 36.49 -4.34
C TYR D 168 -10.06 36.12 -3.53
N ALA D 169 -9.87 35.67 -2.29
CA ALA D 169 -10.97 35.13 -1.45
C ALA D 169 -12.11 36.10 -1.15
N TYR D 170 -11.87 37.38 -1.36
CA TYR D 170 -12.89 38.41 -1.30
C TYR D 170 -12.20 39.61 -1.94
N ASP D 171 -12.51 40.09 -3.16
CA ASP D 171 -13.60 39.77 -4.12
C ASP D 171 -14.22 38.39 -4.28
N VAL D 172 -15.44 38.25 -3.75
CA VAL D 172 -16.27 37.07 -3.92
C VAL D 172 -17.03 37.13 -5.25
N LYS D 173 -17.40 38.33 -5.68
CA LYS D 173 -17.98 38.57 -7.02
C LYS D 173 -17.10 38.02 -8.12
N HIS D 174 -15.85 38.43 -8.09
CA HIS D 174 -14.86 38.05 -9.11
C HIS D 174 -14.58 36.54 -9.12
N LEU D 175 -14.54 35.95 -7.92
CA LEU D 175 -14.33 34.52 -7.73
C LEU D 175 -15.48 33.73 -8.31
N LYS D 176 -16.70 34.13 -7.91
CA LYS D 176 -17.94 33.62 -8.46
C LYS D 176 -17.96 33.66 -9.97
N GLU D 177 -17.54 34.76 -10.61
CA GLU D 177 -17.48 34.79 -12.10
C GLU D 177 -16.37 33.85 -12.63
N LEU D 178 -15.27 33.69 -11.88
CA LEU D 178 -14.24 32.70 -12.26
C LEU D 178 -14.80 31.27 -12.19
N ILE D 179 -15.52 30.99 -11.10
CA ILE D 179 -16.12 29.67 -10.94
C ILE D 179 -17.13 29.38 -12.05
N LYS D 180 -17.94 30.37 -12.45
CA LYS D 180 -18.89 30.18 -13.55
C LYS D 180 -18.15 29.89 -14.84
N SER D 181 -17.09 30.63 -15.13
CA SER D 181 -16.21 30.31 -16.29
C SER D 181 -15.64 28.88 -16.28
N ALA D 182 -15.17 28.42 -15.12
CA ALA D 182 -14.57 27.09 -14.98
C ALA D 182 -15.56 26.00 -15.28
N ILE D 183 -16.73 26.06 -14.65
CA ILE D 183 -17.76 25.03 -14.82
C ILE D 183 -18.13 24.92 -16.30
N LYS D 184 -18.52 26.06 -16.85
CA LYS D 184 -18.85 26.26 -18.26
C LYS D 184 -17.74 25.83 -19.21
N HIS D 185 -16.50 26.02 -18.78
CA HIS D 185 -15.35 25.58 -19.55
C HIS D 185 -15.39 24.04 -19.77
N LYS D 186 -15.08 23.64 -20.99
CA LYS D 186 -15.20 22.24 -21.43
C LYS D 186 -13.84 21.59 -21.28
N GLY D 187 -13.65 20.93 -20.15
CA GLY D 187 -12.35 20.41 -19.75
C GLY D 187 -12.09 20.76 -18.30
N LEU D 188 -10.83 20.53 -17.92
CA LEU D 188 -10.42 20.51 -16.53
C LEU D 188 -9.96 21.90 -16.14
N ALA D 189 -10.68 22.52 -15.21
CA ALA D 189 -10.35 23.85 -14.79
C ALA D 189 -9.80 23.81 -13.36
N LEU D 190 -8.90 24.74 -13.07
CA LEU D 190 -8.29 24.90 -11.76
C LEU D 190 -8.42 26.36 -11.38
N ILE D 191 -8.83 26.59 -10.14
CA ILE D 191 -8.85 27.89 -9.60
C ILE D 191 -8.06 27.82 -8.31
N ASP D 192 -6.93 28.51 -8.31
CA ASP D 192 -6.14 28.76 -7.10
C ASP D 192 -6.76 29.98 -6.45
N VAL D 193 -7.13 29.85 -5.18
CA VAL D 193 -7.78 30.95 -4.44
C VAL D 193 -6.88 31.43 -3.27
N LEU D 194 -6.42 32.69 -3.36
CA LEU D 194 -5.61 33.30 -2.27
C LEU D 194 -6.48 33.69 -1.09
N GLN D 195 -6.08 33.31 0.13
CA GLN D 195 -6.60 33.96 1.36
C GLN D 195 -5.48 34.59 2.21
N ARG D 212 -1.28 45.54 -3.72
CA ARG D 212 -0.56 44.67 -4.66
C ARG D 212 -1.42 43.88 -5.68
N ILE D 213 -2.61 43.41 -5.28
CA ILE D 213 -3.44 42.54 -6.14
C ILE D 213 -4.05 43.34 -7.28
N TYR D 214 -4.02 42.78 -8.49
CA TYR D 214 -4.66 43.39 -9.64
C TYR D 214 -5.24 42.36 -10.61
N LYS D 215 -6.12 42.82 -11.47
CA LYS D 215 -6.89 41.96 -12.37
C LYS D 215 -6.38 41.97 -13.81
N LEU D 216 -5.94 40.80 -14.30
CA LEU D 216 -5.46 40.67 -15.69
C LEU D 216 -6.50 41.16 -16.69
N ASP D 217 -7.73 40.84 -16.32
CA ASP D 217 -8.99 41.38 -16.84
C ASP D 217 -8.93 42.91 -17.20
N THR D 218 -8.22 43.71 -16.39
CA THR D 218 -8.04 45.16 -16.60
C THR D 218 -6.68 45.60 -17.18
N LEU D 219 -6.10 44.80 -18.08
CA LEU D 219 -4.88 45.20 -18.83
C LEU D 219 -5.25 45.53 -20.29
N PRO D 220 -4.34 46.22 -21.04
CA PRO D 220 -4.60 46.63 -22.43
C PRO D 220 -5.21 45.57 -23.39
N ASP D 221 -4.45 44.56 -23.79
CA ASP D 221 -4.93 43.49 -24.67
C ASP D 221 -4.59 42.13 -24.03
N TRP D 222 -5.11 41.88 -22.84
CA TRP D 222 -4.98 40.57 -22.18
C TRP D 222 -6.09 39.64 -22.64
N ASP D 223 -5.70 38.65 -23.46
CA ASP D 223 -6.63 37.65 -23.94
C ASP D 223 -6.02 36.26 -23.72
N PRO D 224 -6.41 35.59 -22.62
CA PRO D 224 -5.86 34.28 -22.36
C PRO D 224 -6.50 33.11 -23.15
N VAL D 225 -7.54 33.38 -23.95
CA VAL D 225 -8.23 32.30 -24.65
C VAL D 225 -7.51 31.93 -25.93
N VAL D 226 -7.18 30.66 -26.07
CA VAL D 226 -6.72 30.09 -27.33
C VAL D 226 -7.98 29.84 -28.17
N LYS D 227 -7.96 30.37 -29.40
CA LYS D 227 -9.00 30.11 -30.42
C LYS D 227 -8.50 29.45 -31.73
N LYS D 228 -7.18 29.41 -31.96
CA LYS D 228 -6.61 28.78 -33.17
C LYS D 228 -5.37 27.96 -32.79
N PRO D 229 -5.23 26.73 -33.30
CA PRO D 229 -4.06 25.89 -32.92
C PRO D 229 -2.67 26.54 -32.87
N GLU D 230 -2.47 27.61 -33.64
CA GLU D 230 -1.19 28.34 -33.73
C GLU D 230 -0.89 29.30 -32.57
N GLU D 231 -1.91 29.62 -31.77
CA GLU D 231 -1.80 30.52 -30.61
C GLU D 231 -1.31 29.88 -29.28
N VAL D 232 -1.22 28.55 -29.20
CA VAL D 232 -1.04 27.88 -27.90
C VAL D 232 0.29 28.28 -27.23
N ASN D 233 1.39 28.08 -27.95
CA ASN D 233 2.70 28.58 -27.54
C ASN D 233 2.69 30.00 -27.00
N GLU D 234 2.18 30.96 -27.78
CA GLU D 234 2.16 32.35 -27.31
C GLU D 234 1.31 32.50 -26.04
N LYS D 235 0.18 31.79 -25.97
CA LYS D 235 -0.67 31.80 -24.76
C LYS D 235 -0.02 31.16 -23.52
N ILE D 236 0.72 30.08 -23.73
CA ILE D 236 1.46 29.42 -22.64
C ILE D 236 2.55 30.36 -22.13
N LYS D 237 3.32 30.94 -23.04
CA LYS D 237 4.41 31.83 -22.64
C LYS D 237 3.90 33.01 -21.80
N ARG D 238 2.77 33.59 -22.18
CA ARG D 238 2.20 34.74 -21.42
C ARG D 238 1.65 34.33 -20.04
N ALA D 239 0.95 33.19 -19.96
CA ALA D 239 0.49 32.64 -18.68
C ALA D 239 1.62 32.39 -17.68
N ILE D 240 2.69 31.78 -18.18
CA ILE D 240 3.85 31.44 -17.34
C ILE D 240 4.52 32.71 -16.82
N ASP D 241 4.76 33.69 -17.70
CA ASP D 241 5.32 35.01 -17.31
C ASP D 241 4.51 35.67 -16.20
N LYS D 242 3.19 35.67 -16.35
CA LYS D 242 2.28 36.29 -15.39
C LYS D 242 2.23 35.53 -14.07
N SER D 243 2.49 34.22 -14.13
CA SER D 243 2.52 33.38 -12.93
C SER D 243 3.79 33.54 -12.09
N LEU D 244 4.79 34.24 -12.62
CA LEU D 244 6.02 34.60 -11.89
C LEU D 244 5.98 36.00 -11.29
N GLU D 245 4.92 36.77 -11.58
CA GLU D 245 4.76 38.10 -10.98
C GLU D 245 4.42 38.01 -9.50
N TRP D 246 5.22 38.66 -8.66
CA TRP D 246 4.94 38.72 -7.21
C TRP D 246 5.73 39.85 -6.55
N ARG D 249 2.56 44.16 -7.43
CA ARG D 249 1.81 43.56 -8.55
C ARG D 249 1.60 42.05 -8.44
N ILE D 250 0.36 41.64 -8.17
CA ILE D 250 -0.06 40.24 -8.12
C ILE D 250 -1.29 40.02 -9.02
N PRO D 251 -1.14 39.29 -10.15
CA PRO D 251 -2.31 39.10 -11.04
C PRO D 251 -3.34 38.10 -10.53
N ILE D 252 -4.61 38.42 -10.70
CA ILE D 252 -5.73 37.48 -10.55
C ILE D 252 -6.57 37.51 -11.83
N GLY D 253 -7.33 36.45 -12.02
CA GLY D 253 -8.15 36.28 -13.21
C GLY D 253 -7.82 34.98 -13.89
N ILE D 254 -8.11 34.92 -15.18
CA ILE D 254 -7.89 33.76 -16.00
C ILE D 254 -6.54 33.93 -16.70
N PHE D 255 -5.63 32.98 -16.52
CA PHE D 255 -4.30 33.04 -17.11
C PHE D 255 -4.26 32.35 -18.45
N TYR D 256 -5.14 31.38 -18.67
CA TYR D 256 -5.05 30.50 -19.82
C TYR D 256 -6.34 29.71 -19.94
N GLN D 257 -6.91 29.66 -21.15
CA GLN D 257 -8.08 28.83 -21.47
C GLN D 257 -7.93 28.27 -22.86
N ASN D 258 -7.97 26.96 -22.99
CA ASN D 258 -7.78 26.31 -24.27
C ASN D 258 -8.82 25.21 -24.39
N GLU D 259 -9.93 25.54 -25.06
CA GLU D 259 -11.00 24.57 -25.37
C GLU D 259 -10.86 23.86 -26.70
N LEU D 260 -9.73 23.98 -27.36
CA LEU D 260 -9.46 23.19 -28.58
C LEU D 260 -9.03 21.77 -28.24
N VAL D 261 -8.57 21.57 -27.01
CA VAL D 261 -8.22 20.24 -26.48
C VAL D 261 -9.54 19.53 -26.10
N PRO D 262 -9.84 18.37 -26.71
CA PRO D 262 -11.10 17.70 -26.32
C PRO D 262 -11.13 17.19 -24.87
N SER D 263 -12.31 17.18 -24.27
CA SER D 263 -12.57 16.48 -23.00
C SER D 263 -12.21 15.01 -23.06
N TYR D 264 -12.02 14.41 -21.88
CA TYR D 264 -11.79 12.99 -21.79
C TYR D 264 -13.02 12.22 -22.26
N GLU D 265 -14.19 12.76 -21.94
CA GLU D 265 -15.46 12.18 -22.37
C GLU D 265 -15.58 12.20 -23.90
N GLU D 266 -15.27 13.34 -24.51
CA GLU D 266 -15.24 13.48 -25.94
C GLU D 266 -14.26 12.48 -26.59
N ARG D 267 -13.12 12.23 -25.94
CA ARG D 267 -12.14 11.26 -26.46
C ARG D 267 -12.62 9.83 -26.35
N ILE D 268 -13.51 9.56 -25.38
CA ILE D 268 -14.14 8.23 -25.23
C ILE D 268 -15.18 8.07 -26.34
N LYS D 269 -16.05 9.08 -26.50
CA LYS D 269 -17.03 9.16 -27.61
C LYS D 269 -16.46 8.73 -28.96
N ALA D 270 -15.36 9.38 -29.35
CA ALA D 270 -14.77 9.17 -30.68
C ALA D 270 -14.42 7.70 -30.97
N ASN D 271 -14.08 6.94 -29.91
CA ASN D 271 -13.86 5.48 -30.00
C ASN D 271 -15.09 4.61 -29.63
N SER D 272 -15.94 5.09 -28.74
CA SER D 272 -17.12 4.35 -28.26
C SER D 272 -18.37 5.22 -28.35
N PRO D 273 -18.90 5.43 -29.59
CA PRO D 273 -19.89 6.49 -29.85
C PRO D 273 -21.19 6.50 -29.03
N ALA D 274 -21.59 5.35 -28.47
CA ALA D 274 -22.78 5.24 -27.60
C ALA D 274 -22.65 5.86 -26.20
N TYR D 275 -21.41 6.04 -25.75
CA TYR D 275 -21.10 6.49 -24.40
C TYR D 275 -22.03 7.57 -23.79
N LEU D 276 -22.12 8.75 -24.41
CA LEU D 276 -22.92 9.86 -23.84
C LEU D 276 -24.44 9.64 -23.82
N ASP D 277 -25.00 9.02 -24.88
CA ASP D 277 -26.46 8.81 -24.99
C ASP D 277 -26.99 7.56 -24.23
N TYR D 278 -26.08 6.74 -23.72
CA TYR D 278 -26.43 5.64 -22.79
C TYR D 278 -25.19 5.37 -21.91
N THR D 279 -25.14 6.10 -20.80
CA THR D 279 -23.95 6.18 -19.95
C THR D 279 -23.85 4.97 -19.02
N PRO D 280 -22.64 4.65 -18.53
CA PRO D 280 -22.45 3.47 -17.68
C PRO D 280 -23.36 3.42 -16.48
N ALA D 281 -23.68 4.58 -15.90
CA ALA D 281 -24.63 4.68 -14.78
C ALA D 281 -26.09 4.36 -15.15
N LYS D 282 -26.49 4.62 -16.39
CA LYS D 282 -27.86 4.31 -16.85
C LYS D 282 -28.03 2.94 -17.50
N GLN D 283 -26.94 2.25 -17.80
CA GLN D 283 -27.03 0.99 -18.52
C GLN D 283 -27.68 -0.04 -17.65
N LEU D 284 -28.73 -0.69 -18.16
CA LEU D 284 -29.43 -1.73 -17.40
C LEU D 284 -28.76 -3.06 -17.76
N ILE D 285 -27.97 -3.57 -16.82
CA ILE D 285 -27.16 -4.79 -16.99
C ILE D 285 -27.90 -6.04 -16.48
N GLU D 286 -29.18 -5.88 -16.21
CA GLU D 286 -29.95 -6.84 -15.40
C GLU D 286 -31.44 -6.48 -15.51
N LYS D 287 -32.27 -7.46 -15.85
CA LYS D 287 -33.74 -7.32 -15.82
C LYS D 287 -34.34 -8.47 -15.01
N GLU D 288 -34.87 -8.16 -13.84
CA GLU D 288 -35.46 -9.15 -12.92
C GLU D 288 -34.55 -10.37 -12.68
N GLY D 289 -33.26 -10.10 -12.42
CA GLY D 289 -32.26 -11.14 -12.12
C GLY D 289 -31.55 -11.77 -13.32
N LYS D 290 -31.86 -11.33 -14.53
CA LYS D 290 -31.29 -11.92 -15.72
C LYS D 290 -30.33 -10.94 -16.41
N LEU D 291 -29.14 -11.42 -16.71
CA LEU D 291 -28.05 -10.63 -17.21
C LEU D 291 -28.35 -10.38 -18.67
N THR D 292 -28.36 -9.11 -19.03
CA THR D 292 -28.89 -8.70 -20.30
C THR D 292 -27.78 -8.55 -21.34
N THR D 293 -26.52 -8.66 -20.90
CA THR D 293 -25.40 -8.56 -21.81
C THR D 293 -25.37 -9.84 -22.65
N ILE D 294 -24.90 -9.70 -23.87
CA ILE D 294 -24.78 -10.84 -24.76
C ILE D 294 -23.29 -11.00 -25.06
N ILE D 295 -22.80 -12.22 -24.81
CA ILE D 295 -21.38 -12.58 -24.94
C ILE D 295 -21.07 -13.61 -26.01
N ASP D 296 -22.11 -14.19 -26.61
CA ASP D 296 -21.96 -15.21 -27.65
C ASP D 296 -20.83 -14.91 -28.66
N PRO D 297 -20.81 -13.69 -29.26
CA PRO D 297 -19.65 -13.36 -30.11
C PRO D 297 -18.29 -13.34 -29.38
N LEU D 298 -18.25 -12.97 -28.10
CA LEU D 298 -17.04 -13.14 -27.28
C LEU D 298 -16.69 -14.62 -27.10
N LEU D 299 -17.69 -15.47 -26.86
CA LEU D 299 -17.45 -16.93 -26.77
C LEU D 299 -17.17 -17.64 -28.10
N LYS D 300 -17.57 -17.06 -29.21
CA LYS D 300 -17.40 -17.70 -30.53
C LYS D 300 -15.93 -17.61 -30.97
N GLU D 301 -15.33 -16.43 -30.83
CA GLU D 301 -13.90 -16.21 -31.10
C GLU D 301 -12.96 -17.13 -30.26
N ARG D 302 -13.46 -17.70 -29.16
CA ARG D 302 -12.70 -18.61 -28.30
C ARG D 302 -12.91 -20.13 -28.55
N GLU D 303 -13.91 -20.45 -29.36
CA GLU D 303 -14.23 -21.83 -29.77
C GLU D 303 -13.02 -22.64 -30.29
N VAL D 304 -12.94 -23.91 -29.91
CA VAL D 304 -11.86 -24.78 -30.38
C VAL D 304 -12.02 -25.09 -31.86
#